data_8UUP
#
_entry.id   8UUP
#
_cell.length_a   1.00
_cell.length_b   1.00
_cell.length_c   1.00
_cell.angle_alpha   90.00
_cell.angle_beta   90.00
_cell.angle_gamma   90.00
#
_symmetry.space_group_name_H-M   'P 1'
#
loop_
_entity.id
_entity.type
_entity.pdbx_description
1 polymer 'Fusion glycoprotein F0'
2 polymer 'Fusion glycoprotein F0'
3 branched beta-D-mannopyranose-(1-4)-2-acetamido-2-deoxy-beta-D-glucopyranose-(1-4)-2-acetamido-2-deoxy-beta-D-glucopyranose
4 branched 2-acetamido-2-deoxy-beta-D-glucopyranose-(1-4)-2-acetamido-2-deoxy-beta-D-glucopyranose
5 branched alpha-D-mannopyranose-(1-3)-[alpha-D-mannopyranose-(1-6)]beta-D-mannopyranose-(1-4)-2-acetamido-2-deoxy-beta-D-glucopyranose-(1-4)-2-acetamido-2-deoxy-beta-D-glucopyranose
6 non-polymer 2-acetamido-2-deoxy-beta-D-glucopyranose
7 water water
#
loop_
_entity_poly.entity_id
_entity_poly.type
_entity_poly.pdbx_seq_one_letter_code
_entity_poly.pdbx_strand_id
1 'polypeptide(L)'
;MGLKVNVSAIFMAVLLTLQTPTGQIHWGNLSKIGVVGIGSASYKVMTRSSHQSLVIKLMPNITLLNNCTRVEIAEYRRLL
RTVLEPIRDALNAMTQNIRPVQSVASSRRHKR
;
A,C,E
2 'polypeptide(L)'
;FAGVVLAGAALGVATAAQITAGIALHQSMLNSQAIDNLRASLETTNQAIEAIRQAGQGMILAVQGVQDYINNELIPSMNQ
LSCDLIGQKLGLKLLRYYTEILSLFGPSLRDPISAEISIQALSYALGGDINKVLEKLGYSGGDLLGILESRGIKARITHV
DTESYFIVLSIAYPTLSEIKGVIVHRLEGVSYNIGSQEWYTTVPKYVATQGYLISNFDESSCTFMPEGTVCSQNALYPMS
PLLQECLRGSTKSCARTLVSGSFGNRFILSQGNLIANCASILCKCYTTGTIINQDPDKILTYIAADHCPVVEVNGVTIQV
GSRRYPDAVYLHRIDLGPPISLGRLDVGTNLGNAIAKLEDAKELLESSDQILRSMKGLSSTSIGVDDDDKAGWSHPQFEK
GGGSGGGSGGGSWSHPQFEK
;
B,D,F
#
# COMPACT_ATOMS: atom_id res chain seq x y z
N GLN A 24 23.71 -14.75 22.54
CA GLN A 24 23.42 -13.99 21.33
C GLN A 24 23.07 -15.00 20.23
N ILE A 25 23.11 -14.59 18.96
CA ILE A 25 22.66 -15.43 17.86
C ILE A 25 23.61 -16.61 17.70
N HIS A 26 23.06 -17.83 17.75
CA HIS A 26 23.83 -19.06 17.56
C HIS A 26 23.85 -19.38 16.08
N TRP A 27 24.91 -18.94 15.40
CA TRP A 27 25.00 -19.12 13.95
C TRP A 27 25.26 -20.58 13.57
N GLY A 28 25.79 -21.37 14.51
CA GLY A 28 26.06 -22.77 14.20
C GLY A 28 24.80 -23.59 14.01
N ASN A 29 23.87 -23.54 14.98
CA ASN A 29 22.59 -24.21 14.80
C ASN A 29 21.76 -23.59 13.69
N LEU A 30 21.88 -22.29 13.46
CA LEU A 30 21.05 -21.67 12.43
C LEU A 30 21.43 -22.17 11.04
N SER A 31 22.72 -22.44 10.80
CA SER A 31 23.14 -22.94 9.50
C SER A 31 22.67 -24.37 9.27
N LYS A 32 22.48 -25.14 10.34
CA LYS A 32 22.04 -26.52 10.22
C LYS A 32 20.59 -26.65 9.77
N ILE A 33 19.83 -25.56 9.73
CA ILE A 33 18.50 -25.58 9.14
C ILE A 33 18.44 -24.53 8.05
N GLY A 34 19.59 -24.21 7.47
CA GLY A 34 19.66 -23.40 6.27
C GLY A 34 19.51 -21.91 6.47
N VAL A 35 19.89 -21.38 7.63
CA VAL A 35 19.77 -19.96 7.92
C VAL A 35 21.16 -19.39 8.16
N VAL A 36 21.52 -18.33 7.43
CA VAL A 36 22.82 -17.69 7.58
C VAL A 36 22.65 -16.18 7.61
N GLY A 37 23.66 -15.50 8.14
CA GLY A 37 23.74 -14.06 8.06
C GLY A 37 24.54 -13.64 6.84
N ILE A 38 23.95 -12.77 6.03
CA ILE A 38 24.60 -12.26 4.83
C ILE A 38 25.06 -10.82 4.99
N GLY A 39 24.96 -10.27 6.21
CA GLY A 39 25.37 -8.90 6.42
C GLY A 39 25.04 -8.36 7.79
N SER A 40 25.80 -7.35 8.23
CA SER A 40 25.55 -6.68 9.49
C SER A 40 25.94 -5.21 9.33
N ALA A 41 25.32 -4.35 10.15
CA ALA A 41 25.57 -2.92 10.05
C ALA A 41 25.21 -2.25 11.36
N SER A 42 25.72 -1.03 11.52
CA SER A 42 25.41 -0.21 12.69
C SER A 42 24.05 0.46 12.52
N TYR A 43 23.51 0.92 13.65
CA TYR A 43 22.18 1.51 13.72
C TYR A 43 22.33 3.00 14.06
N LYS A 44 21.78 3.86 13.20
CA LYS A 44 21.83 5.29 13.39
C LYS A 44 20.43 5.87 13.42
N VAL A 45 20.20 6.79 14.35
CA VAL A 45 18.90 7.45 14.48
C VAL A 45 19.08 8.95 14.26
N MET A 46 17.99 9.69 14.34
CA MET A 46 17.98 11.11 14.01
C MET A 46 17.56 11.93 15.23
N THR A 47 18.22 13.07 15.44
CA THR A 47 17.85 14.03 16.46
C THR A 47 17.86 15.42 15.85
N ARG A 48 16.90 16.25 16.28
CA ARG A 48 16.71 17.59 15.73
C ARG A 48 17.26 18.62 16.71
N SER A 49 18.06 19.55 16.20
CA SER A 49 18.67 20.58 17.01
C SER A 49 18.12 21.96 16.72
N SER A 50 18.18 22.41 15.48
CA SER A 50 17.72 23.73 15.09
C SER A 50 16.56 23.61 14.13
N HIS A 51 15.70 24.63 14.13
CA HIS A 51 14.54 24.69 13.27
C HIS A 51 14.57 25.99 12.48
N GLN A 52 14.13 25.89 11.22
CA GLN A 52 14.01 27.05 10.35
C GLN A 52 12.55 27.24 9.98
N SER A 53 12.22 28.44 9.52
CA SER A 53 10.85 28.78 9.13
C SER A 53 10.71 28.75 7.62
N LEU A 54 9.74 27.98 7.15
CA LEU A 54 9.41 27.85 5.73
C LEU A 54 7.98 28.32 5.54
N VAL A 55 7.80 29.42 4.82
CA VAL A 55 6.48 29.99 4.60
C VAL A 55 6.04 29.70 3.18
N ILE A 56 4.80 29.22 3.03
CA ILE A 56 4.21 28.96 1.73
C ILE A 56 3.35 30.16 1.37
N LYS A 57 3.85 30.99 0.45
CA LYS A 57 3.12 32.15 -0.05
C LYS A 57 2.08 31.65 -1.05
N LEU A 58 0.82 31.59 -0.62
CA LEU A 58 -0.23 31.00 -1.45
C LEU A 58 -0.73 31.94 -2.54
N MET A 59 -0.49 33.24 -2.44
CA MET A 59 -1.01 34.19 -3.40
C MET A 59 0.09 34.66 -4.33
N PRO A 60 0.03 34.34 -5.62
CA PRO A 60 1.10 34.74 -6.53
C PRO A 60 1.11 36.24 -6.78
N ASN A 61 2.28 36.73 -7.16
CA ASN A 61 2.42 38.10 -7.64
C ASN A 61 1.99 38.11 -9.11
N ILE A 62 0.88 38.79 -9.40
CA ILE A 62 0.29 38.82 -10.72
C ILE A 62 0.27 40.23 -11.30
N THR A 63 1.12 41.12 -10.78
CA THR A 63 1.08 42.52 -11.19
C THR A 63 1.39 42.67 -12.67
N LEU A 64 2.40 41.95 -13.16
CA LEU A 64 2.76 42.02 -14.58
C LEU A 64 1.76 41.33 -15.47
N LEU A 65 0.79 40.61 -14.91
CA LEU A 65 -0.30 40.01 -15.68
C LEU A 65 -1.50 40.94 -15.79
N ASN A 66 -1.29 42.25 -15.66
CA ASN A 66 -2.35 43.26 -15.70
C ASN A 66 -3.55 42.86 -14.85
N ASN A 67 -4.73 42.81 -15.48
CA ASN A 67 -5.95 42.37 -14.83
C ASN A 67 -6.62 41.25 -15.61
N CYS A 68 -5.83 40.34 -16.15
CA CYS A 68 -6.33 39.24 -16.94
C CYS A 68 -6.65 38.00 -16.12
N THR A 69 -6.51 38.07 -14.79
CA THR A 69 -6.68 36.89 -13.96
C THR A 69 -7.61 37.13 -12.77
N ARG A 70 -8.40 38.21 -12.78
CA ARG A 70 -9.21 38.56 -11.61
C ARG A 70 -10.18 37.44 -11.23
N VAL A 71 -10.94 36.94 -12.20
CA VAL A 71 -11.95 35.92 -11.91
C VAL A 71 -11.27 34.64 -11.44
N GLU A 72 -10.21 34.22 -12.12
CA GLU A 72 -9.52 32.99 -11.73
C GLU A 72 -8.89 33.12 -10.35
N ILE A 73 -8.29 34.27 -10.05
CA ILE A 73 -7.70 34.50 -8.73
C ILE A 73 -8.80 34.50 -7.66
N ALA A 74 -9.91 35.19 -7.94
CA ALA A 74 -10.99 35.30 -6.97
C ALA A 74 -11.60 33.94 -6.67
N GLU A 75 -11.76 33.10 -7.69
CA GLU A 75 -12.19 31.72 -7.46
C GLU A 75 -11.15 30.96 -6.64
N TYR A 76 -9.87 31.21 -6.92
CA TYR A 76 -8.79 30.50 -6.24
C TYR A 76 -8.81 30.79 -4.73
N ARG A 77 -9.04 32.05 -4.36
CA ARG A 77 -9.03 32.42 -2.94
C ARG A 77 -10.19 31.79 -2.19
N ARG A 78 -11.37 31.73 -2.82
CA ARG A 78 -12.53 31.13 -2.18
C ARG A 78 -12.29 29.67 -1.86
N LEU A 79 -11.68 28.92 -2.78
CA LEU A 79 -11.41 27.51 -2.53
C LEU A 79 -10.42 27.33 -1.39
N LEU A 80 -9.44 28.23 -1.28
CA LEU A 80 -8.43 28.13 -0.23
C LEU A 80 -9.02 28.40 1.15
N ARG A 81 -10.01 29.28 1.26
CA ARG A 81 -10.57 29.62 2.56
C ARG A 81 -11.21 28.41 3.22
N THR A 82 -11.90 27.58 2.45
CA THR A 82 -12.55 26.40 3.00
C THR A 82 -11.55 25.38 3.51
N VAL A 83 -10.27 25.53 3.18
CA VAL A 83 -9.21 24.66 3.69
C VAL A 83 -8.45 25.33 4.84
N LEU A 84 -8.14 26.62 4.69
CA LEU A 84 -7.27 27.29 5.65
C LEU A 84 -7.98 27.57 6.97
N GLU A 85 -9.27 27.93 6.90
CA GLU A 85 -9.99 28.32 8.11
C GLU A 85 -10.07 27.22 9.16
N PRO A 86 -10.37 25.95 8.83
CA PRO A 86 -10.35 24.90 9.86
C PRO A 86 -8.99 24.73 10.52
N ILE A 87 -7.90 24.92 9.78
CA ILE A 87 -6.57 24.75 10.35
C ILE A 87 -6.26 25.88 11.33
N ARG A 88 -6.65 27.11 10.98
CA ARG A 88 -6.44 28.24 11.87
C ARG A 88 -7.16 28.04 13.19
N ASP A 89 -8.40 27.55 13.14
CA ASP A 89 -9.18 27.33 14.36
C ASP A 89 -8.52 26.30 15.26
N ALA A 90 -7.91 25.26 14.68
CA ALA A 90 -7.21 24.27 15.48
C ALA A 90 -6.02 24.89 16.20
N LEU A 91 -5.24 25.72 15.49
CA LEU A 91 -4.10 26.37 16.13
C LEU A 91 -4.55 27.29 17.26
N ASN A 92 -5.60 28.09 17.01
CA ASN A 92 -6.11 28.98 18.04
C ASN A 92 -6.65 28.21 19.24
N ALA A 93 -7.31 27.08 18.99
CA ALA A 93 -7.85 26.28 20.09
C ALA A 93 -6.77 25.67 20.96
N MET A 94 -5.51 25.67 20.50
CA MET A 94 -4.39 25.20 21.29
C MET A 94 -3.63 26.34 21.95
N THR A 95 -3.45 27.46 21.25
CA THR A 95 -2.68 28.56 21.80
C THR A 95 -3.46 29.38 22.82
N GLN A 96 -4.76 29.18 22.95
CA GLN A 96 -5.51 29.79 24.04
C GLN A 96 -5.29 29.09 25.37
N ASN A 97 -4.83 27.83 25.35
CA ASN A 97 -4.54 27.08 26.56
C ASN A 97 -3.08 27.16 26.96
N ILE A 98 -2.29 28.02 26.32
CA ILE A 98 -0.89 28.21 26.65
C ILE A 98 -0.76 29.48 27.48
N ARG A 99 -0.33 29.33 28.72
CA ARG A 99 -0.26 30.42 29.69
C ARG A 99 1.13 30.52 30.28
N PRO A 100 1.55 31.73 30.69
CA PRO A 100 2.88 31.88 31.28
C PRO A 100 3.00 31.11 32.59
N VAL A 101 4.21 30.61 32.86
CA VAL A 101 4.47 29.94 34.12
C VAL A 101 4.49 30.90 35.29
N GLN A 102 4.55 32.20 35.03
CA GLN A 102 4.57 33.19 36.11
C GLN A 102 3.28 33.15 36.92
N SER A 103 2.16 32.80 36.28
CA SER A 103 0.89 32.67 36.98
C SER A 103 0.88 31.52 37.98
N VAL A 104 1.81 30.59 37.88
CA VAL A 104 1.91 29.48 38.81
C VAL A 104 2.83 29.84 39.98
N GLY B 3 9.01 30.45 29.39
CA GLY B 3 8.32 29.35 30.04
C GLY B 3 6.81 29.47 29.97
N VAL B 4 6.15 28.37 29.63
CA VAL B 4 4.69 28.34 29.52
C VAL B 4 4.15 27.11 30.24
N VAL B 5 2.87 27.19 30.59
CA VAL B 5 2.16 26.11 31.26
C VAL B 5 0.92 25.79 30.44
N LEU B 6 0.48 24.54 30.51
CA LEU B 6 -0.72 24.09 29.82
C LEU B 6 -1.89 24.07 30.79
N ALA B 7 -3.02 24.61 30.36
CA ALA B 7 -4.26 24.58 31.15
C ALA B 7 -5.00 23.29 30.83
N GLY B 8 -4.60 22.22 31.52
CA GLY B 8 -5.18 20.91 31.25
C GLY B 8 -6.67 20.85 31.50
N ALA B 9 -7.16 21.55 32.52
CA ALA B 9 -8.60 21.58 32.78
C ALA B 9 -9.36 22.21 31.62
N ALA B 10 -8.83 23.29 31.06
CA ALA B 10 -9.47 23.93 29.92
C ALA B 10 -9.36 23.07 28.67
N LEU B 11 -8.16 22.54 28.40
CA LEU B 11 -7.96 21.65 27.26
C LEU B 11 -8.76 20.36 27.43
N GLY B 12 -8.78 19.82 28.64
CA GLY B 12 -9.60 18.67 28.95
C GLY B 12 -8.96 17.32 28.63
N VAL B 13 -8.84 16.99 27.35
CA VAL B 13 -8.27 15.72 26.92
C VAL B 13 -7.26 16.01 25.82
N ALA B 14 -6.11 15.34 25.89
CA ALA B 14 -5.04 15.55 24.92
C ALA B 14 -4.08 14.37 24.97
N THR B 15 -3.60 13.98 23.79
CA THR B 15 -2.57 12.96 23.64
C THR B 15 -1.20 13.56 23.98
N ALA B 16 -0.26 12.69 24.34
CA ALA B 16 1.10 13.14 24.64
C ALA B 16 1.72 13.84 23.43
N ALA B 17 1.46 13.33 22.23
CA ALA B 17 1.94 13.99 21.02
C ALA B 17 1.32 15.37 20.85
N GLN B 18 0.03 15.49 21.16
CA GLN B 18 -0.63 16.80 21.09
C GLN B 18 -0.04 17.76 22.10
N ILE B 19 0.19 17.30 23.32
CA ILE B 19 0.71 18.17 24.38
C ILE B 19 2.11 18.66 24.03
N THR B 20 2.96 17.75 23.57
CA THR B 20 4.35 18.11 23.24
C THR B 20 4.39 19.07 22.06
N ALA B 21 3.65 18.75 20.99
CA ALA B 21 3.64 19.61 19.82
C ALA B 21 3.03 20.97 20.12
N GLY B 22 1.97 21.00 20.94
CA GLY B 22 1.32 22.26 21.25
C GLY B 22 2.20 23.22 22.02
N ILE B 23 2.97 22.70 22.98
CA ILE B 23 3.91 23.54 23.72
C ILE B 23 5.03 24.01 22.82
N ALA B 24 5.46 23.16 21.88
CA ALA B 24 6.51 23.55 20.95
C ALA B 24 6.09 24.72 20.07
N LEU B 25 4.79 25.01 19.98
CA LEU B 25 4.34 26.17 19.22
C LEU B 25 4.81 27.46 19.86
N HIS B 26 4.89 27.49 21.20
CA HIS B 26 5.29 28.71 21.89
C HIS B 26 6.69 29.14 21.47
N GLN B 27 7.63 28.19 21.37
CA GLN B 27 9.00 28.52 21.01
C GLN B 27 9.20 28.64 19.51
N SER B 28 8.36 27.99 18.71
CA SER B 28 8.56 27.90 17.27
C SER B 28 7.67 28.86 16.48
N MET B 29 6.88 29.68 17.15
CA MET B 29 6.01 30.62 16.45
C MET B 29 6.68 31.96 16.26
N LEU B 30 6.29 32.66 15.21
CA LEU B 30 6.67 34.05 15.04
C LEU B 30 5.83 34.93 15.96
N ASN B 31 6.47 35.96 16.52
CA ASN B 31 5.74 36.86 17.39
C ASN B 31 4.75 37.68 16.57
N SER B 32 3.80 38.31 17.28
CA SER B 32 2.75 39.06 16.60
C SER B 32 3.32 40.15 15.71
N GLN B 33 4.46 40.75 16.12
CA GLN B 33 5.08 41.77 15.30
C GLN B 33 5.78 41.16 14.08
N ALA B 34 6.46 40.02 14.27
CA ALA B 34 7.13 39.38 13.15
C ALA B 34 6.15 38.94 12.08
N ILE B 35 4.94 38.56 12.46
CA ILE B 35 3.90 38.21 11.50
C ILE B 35 3.52 39.43 10.66
N ASP B 36 3.42 40.59 11.30
CA ASP B 36 3.07 41.81 10.58
C ASP B 36 4.15 42.20 9.58
N ASN B 37 5.43 42.06 9.97
CA ASN B 37 6.52 42.36 9.04
C ASN B 37 6.63 41.29 7.96
N LEU B 38 6.37 40.03 8.32
CA LEU B 38 6.36 38.96 7.32
C LEU B 38 5.31 39.22 6.26
N ARG B 39 4.13 39.68 6.68
CA ARG B 39 3.04 39.95 5.76
C ARG B 39 3.43 41.05 4.77
N ALA B 40 4.18 42.05 5.23
CA ALA B 40 4.65 43.10 4.32
C ALA B 40 5.73 42.57 3.37
N SER B 41 6.65 41.75 3.88
CA SER B 41 7.72 41.23 3.04
C SER B 41 7.18 40.31 1.95
N LEU B 42 6.18 39.50 2.29
CA LEU B 42 5.59 38.59 1.30
C LEU B 42 4.89 39.35 0.18
N GLU B 43 4.32 40.51 0.49
CA GLU B 43 3.57 41.29 -0.49
C GLU B 43 4.48 42.24 -1.27
N THR B 44 5.77 41.95 -1.37
CA THR B 44 6.66 42.67 -2.26
C THR B 44 7.57 41.77 -3.09
N THR B 45 7.59 40.47 -2.82
CA THR B 45 8.41 39.53 -3.57
C THR B 45 7.68 39.10 -4.84
N ASN B 46 8.46 38.70 -5.85
CA ASN B 46 7.91 38.23 -7.11
C ASN B 46 8.62 36.98 -7.61
N GLN B 47 9.32 36.27 -6.75
CA GLN B 47 10.09 35.09 -7.11
C GLN B 47 9.53 33.84 -6.46
N ALA B 48 9.89 32.69 -7.03
CA ALA B 48 9.38 31.42 -6.54
C ALA B 48 10.00 31.06 -5.19
N ILE B 49 11.28 31.37 -5.00
CA ILE B 49 11.97 31.14 -3.74
C ILE B 49 12.71 32.42 -3.38
N GLU B 50 12.56 32.87 -2.13
CA GLU B 50 13.23 34.07 -1.67
C GLU B 50 13.47 33.98 -0.16
N ALA B 51 14.61 34.50 0.28
CA ALA B 51 14.96 34.52 1.68
C ALA B 51 14.62 35.88 2.28
N ILE B 52 13.93 35.87 3.42
CA ILE B 52 13.51 37.09 4.10
C ILE B 52 14.45 37.33 5.27
N ARG B 53 15.20 38.43 5.20
CA ARG B 53 16.24 38.73 6.18
C ARG B 53 15.67 39.75 7.17
N GLN B 54 15.07 39.26 8.24
CA GLN B 54 14.60 40.12 9.33
C GLN B 54 15.57 39.98 10.49
N ALA B 55 16.53 40.92 10.54
CA ALA B 55 17.61 40.88 11.53
C ALA B 55 17.06 40.86 12.95
N GLY B 56 17.63 40.00 13.79
CA GLY B 56 17.13 39.74 15.11
C GLY B 56 16.26 38.50 15.21
N GLN B 57 15.93 37.90 14.08
CA GLN B 57 15.08 36.73 14.03
C GLN B 57 15.59 35.83 12.90
N GLY B 58 15.27 34.53 13.00
CA GLY B 58 15.81 33.58 12.04
C GLY B 58 15.33 33.85 10.63
N MET B 59 16.17 33.47 9.66
CA MET B 59 15.86 33.73 8.26
C MET B 59 14.63 32.94 7.83
N ILE B 60 13.78 33.58 7.03
CA ILE B 60 12.53 33.00 6.55
C ILE B 60 12.65 32.73 5.07
N LEU B 61 12.29 31.52 4.66
CA LEU B 61 12.29 31.12 3.26
C LEU B 61 10.86 31.13 2.73
N ALA B 62 10.62 31.95 1.70
CA ALA B 62 9.29 32.09 1.09
C ALA B 62 9.25 31.33 -0.22
N VAL B 63 8.23 30.48 -0.38
CA VAL B 63 8.06 29.64 -1.57
C VAL B 63 6.70 29.95 -2.18
N GLN B 64 6.69 30.27 -3.46
CA GLN B 64 5.47 30.49 -4.25
C GLN B 64 5.36 29.41 -5.30
N GLY B 65 4.26 28.64 -5.24
CA GLY B 65 4.15 27.40 -5.99
C GLY B 65 3.86 27.54 -7.47
N VAL B 66 3.39 28.71 -7.92
CA VAL B 66 3.08 28.93 -9.33
C VAL B 66 3.84 30.11 -9.91
N GLN B 67 4.85 30.63 -9.21
CA GLN B 67 5.52 31.82 -9.71
C GLN B 67 6.46 31.52 -10.87
N ASP B 68 7.01 30.30 -10.92
CA ASP B 68 7.85 29.93 -12.06
C ASP B 68 7.05 29.94 -13.35
N TYR B 69 5.85 29.37 -13.32
CA TYR B 69 5.00 29.35 -14.51
C TYR B 69 4.65 30.77 -14.95
N ILE B 70 4.31 31.64 -14.00
CA ILE B 70 3.96 33.02 -14.33
C ILE B 70 5.17 33.76 -14.90
N ASN B 71 6.34 33.60 -14.27
CA ASN B 71 7.52 34.35 -14.70
C ASN B 71 8.14 33.79 -15.96
N ASN B 72 8.08 32.48 -16.17
CA ASN B 72 8.72 31.88 -17.33
C ASN B 72 7.80 31.77 -18.54
N GLU B 73 6.52 31.46 -18.34
CA GLU B 73 5.60 31.19 -19.42
C GLU B 73 4.64 32.34 -19.70
N LEU B 74 3.94 32.83 -18.68
CA LEU B 74 2.85 33.78 -18.91
C LEU B 74 3.39 35.19 -19.21
N ILE B 75 4.26 35.71 -18.35
CA ILE B 75 4.74 37.08 -18.52
C ILE B 75 5.47 37.28 -19.84
N PRO B 76 6.41 36.41 -20.26
CA PRO B 76 7.03 36.62 -21.57
C PRO B 76 6.05 36.57 -22.73
N SER B 77 5.01 35.75 -22.63
CA SER B 77 4.01 35.62 -23.68
C SER B 77 2.89 36.66 -23.57
N MET B 78 3.13 37.76 -22.85
CA MET B 78 2.07 38.73 -22.61
C MET B 78 1.71 39.50 -23.88
N ASN B 79 2.70 39.83 -24.70
CA ASN B 79 2.46 40.65 -25.88
C ASN B 79 1.93 39.87 -27.07
N GLN B 80 1.83 38.54 -26.98
CA GLN B 80 1.36 37.73 -28.08
C GLN B 80 0.04 37.02 -27.82
N LEU B 81 -0.35 36.83 -26.56
CA LEU B 81 -1.60 36.19 -26.22
C LEU B 81 -2.67 37.22 -25.89
N SER B 82 -3.93 36.82 -26.10
CA SER B 82 -5.04 37.65 -25.69
C SER B 82 -5.17 37.64 -24.16
N CYS B 83 -5.89 38.64 -23.65
CA CYS B 83 -6.06 38.75 -22.20
C CYS B 83 -6.89 37.60 -21.63
N ASP B 84 -7.90 37.14 -22.38
CA ASP B 84 -8.73 36.05 -21.89
C ASP B 84 -7.95 34.74 -21.82
N LEU B 85 -7.06 34.50 -22.78
CA LEU B 85 -6.31 33.26 -22.77
C LEU B 85 -5.30 33.21 -21.62
N ILE B 86 -4.77 34.37 -21.22
CA ILE B 86 -3.87 34.43 -20.07
C ILE B 86 -4.58 33.94 -18.82
N GLY B 87 -5.82 34.39 -18.61
CA GLY B 87 -6.57 33.95 -17.46
C GLY B 87 -6.88 32.47 -17.48
N GLN B 88 -7.20 31.93 -18.65
CA GLN B 88 -7.49 30.50 -18.76
C GLN B 88 -6.26 29.66 -18.45
N LYS B 89 -5.08 30.10 -18.91
CA LYS B 89 -3.87 29.34 -18.67
C LYS B 89 -3.50 29.34 -17.19
N LEU B 90 -3.57 30.51 -16.54
CA LEU B 90 -3.31 30.56 -15.12
C LEU B 90 -4.40 29.82 -14.33
N GLY B 91 -5.66 29.96 -14.76
CA GLY B 91 -6.74 29.32 -14.02
C GLY B 91 -6.58 27.82 -13.93
N LEU B 92 -6.03 27.19 -14.97
CA LEU B 92 -5.77 25.75 -14.93
C LEU B 92 -4.75 25.41 -13.86
N LYS B 93 -3.67 26.20 -13.75
CA LYS B 93 -2.62 25.89 -12.78
C LYS B 93 -3.09 26.13 -11.35
N LEU B 94 -3.88 27.18 -11.14
CA LEU B 94 -4.38 27.47 -9.80
C LEU B 94 -5.26 26.35 -9.28
N LEU B 95 -6.12 25.80 -10.13
CA LEU B 95 -7.01 24.72 -9.69
C LEU B 95 -6.22 23.45 -9.34
N ARG B 96 -5.22 23.10 -10.15
CA ARG B 96 -4.40 21.95 -9.82
C ARG B 96 -3.60 22.19 -8.54
N TYR B 97 -3.08 23.41 -8.36
CA TYR B 97 -2.39 23.74 -7.12
C TYR B 97 -3.33 23.67 -5.92
N TYR B 98 -4.55 24.16 -6.07
CA TYR B 98 -5.53 24.05 -4.98
C TYR B 98 -5.80 22.58 -4.65
N THR B 99 -5.88 21.72 -5.66
CA THR B 99 -6.12 20.30 -5.42
C THR B 99 -5.01 19.69 -4.58
N GLU B 100 -3.76 20.07 -4.86
CA GLU B 100 -2.65 19.56 -4.07
C GLU B 100 -2.66 20.14 -2.65
N ILE B 101 -3.04 21.40 -2.51
CA ILE B 101 -3.16 22.00 -1.18
C ILE B 101 -4.26 21.31 -0.38
N LEU B 102 -5.40 21.03 -1.03
CA LEU B 102 -6.47 20.29 -0.37
C LEU B 102 -6.01 18.89 0.02
N SER B 103 -5.19 18.26 -0.82
CA SER B 103 -4.67 16.93 -0.51
C SER B 103 -3.77 16.96 0.72
N LEU B 104 -2.96 18.00 0.86
CA LEU B 104 -2.02 18.10 1.98
C LEU B 104 -2.73 18.50 3.27
N PHE B 105 -3.52 19.58 3.22
CA PHE B 105 -3.99 20.25 4.42
C PHE B 105 -5.49 20.13 4.63
N GLY B 106 -6.19 19.31 3.84
CA GLY B 106 -7.62 19.20 3.92
C GLY B 106 -8.08 18.26 5.02
N PRO B 107 -9.31 17.78 4.90
CA PRO B 107 -9.88 16.94 5.97
C PRO B 107 -9.13 15.63 6.18
N SER B 108 -8.32 15.19 5.22
CA SER B 108 -7.51 13.99 5.42
C SER B 108 -6.37 14.25 6.42
N LEU B 109 -5.96 15.51 6.58
CA LEU B 109 -4.97 15.87 7.59
C LEU B 109 -5.68 15.89 8.95
N ARG B 110 -5.49 14.82 9.73
CA ARG B 110 -6.35 14.58 10.88
C ARG B 110 -6.09 15.60 11.99
N ASP B 111 -4.88 15.60 12.54
CA ASP B 111 -4.52 16.53 13.62
C ASP B 111 -3.44 17.46 13.10
N PRO B 112 -3.78 18.68 12.69
CA PRO B 112 -2.76 19.59 12.17
C PRO B 112 -1.68 19.93 13.19
N ILE B 113 -2.01 19.92 14.48
CA ILE B 113 -1.08 20.38 15.51
C ILE B 113 0.11 19.45 15.60
N SER B 114 -0.14 18.14 15.69
CA SER B 114 0.94 17.16 15.83
C SER B 114 1.29 16.48 14.52
N ALA B 115 0.76 16.95 13.39
CA ALA B 115 1.10 16.37 12.10
C ALA B 115 2.52 16.71 11.70
N GLU B 116 3.24 15.71 11.20
CA GLU B 116 4.58 15.87 10.68
C GLU B 116 4.56 15.52 9.19
N ILE B 117 4.96 16.46 8.35
CA ILE B 117 4.90 16.30 6.90
C ILE B 117 6.31 16.28 6.35
N SER B 118 6.66 15.22 5.63
CA SER B 118 7.98 15.11 5.03
C SER B 118 8.14 16.13 3.91
N ILE B 119 9.39 16.49 3.63
CA ILE B 119 9.66 17.49 2.61
C ILE B 119 9.29 16.96 1.21
N GLN B 120 9.36 15.64 1.00
CA GLN B 120 8.95 15.08 -0.28
C GLN B 120 7.46 15.30 -0.53
N ALA B 121 6.63 15.08 0.49
CA ALA B 121 5.19 15.26 0.35
C ALA B 121 4.82 16.70 0.02
N LEU B 122 5.68 17.66 0.37
CA LEU B 122 5.46 19.07 0.08
C LEU B 122 6.00 19.47 -1.28
N SER B 123 6.48 18.52 -2.08
CA SER B 123 7.19 18.85 -3.31
C SER B 123 6.31 19.66 -4.27
N TYR B 124 5.05 19.25 -4.46
CA TYR B 124 4.20 19.98 -5.39
C TYR B 124 3.80 21.33 -4.83
N ALA B 125 3.56 21.41 -3.52
CA ALA B 125 3.26 22.69 -2.89
C ALA B 125 4.42 23.67 -3.00
N LEU B 126 5.65 23.17 -3.11
CA LEU B 126 6.83 24.01 -3.21
C LEU B 126 7.21 24.33 -4.65
N GLY B 127 6.40 23.90 -5.63
CA GLY B 127 6.67 24.19 -7.02
C GLY B 127 7.01 22.99 -7.86
N GLY B 128 7.02 21.78 -7.29
CA GLY B 128 7.25 20.55 -8.02
C GLY B 128 8.52 19.83 -7.63
N ASP B 129 9.54 20.57 -7.23
CA ASP B 129 10.85 20.01 -6.93
C ASP B 129 11.39 20.65 -5.66
N ILE B 130 12.16 19.88 -4.90
CA ILE B 130 12.65 20.34 -3.60
C ILE B 130 14.17 20.55 -3.56
N ASN B 131 14.88 20.36 -4.67
CA ASN B 131 16.33 20.47 -4.64
C ASN B 131 16.78 21.89 -4.32
N LYS B 132 16.16 22.88 -4.97
CA LYS B 132 16.53 24.27 -4.73
C LYS B 132 16.16 24.71 -3.32
N VAL B 133 15.07 24.17 -2.77
CA VAL B 133 14.68 24.53 -1.42
C VAL B 133 15.68 23.98 -0.41
N LEU B 134 16.07 22.70 -0.56
CA LEU B 134 17.07 22.11 0.32
C LEU B 134 18.37 22.89 0.27
N GLU B 135 18.73 23.40 -0.90
CA GLU B 135 19.94 24.21 -1.02
C GLU B 135 19.77 25.56 -0.31
N LYS B 136 18.64 26.24 -0.54
CA LYS B 136 18.44 27.56 0.08
C LYS B 136 18.25 27.46 1.58
N LEU B 137 17.76 26.33 2.07
CA LEU B 137 17.66 26.11 3.50
C LEU B 137 19.01 25.86 4.15
N GLY B 138 20.05 25.63 3.35
CA GLY B 138 21.35 25.25 3.89
C GLY B 138 21.49 23.80 4.24
N TYR B 139 20.55 22.95 3.87
CA TYR B 139 20.61 21.52 4.17
C TYR B 139 21.53 20.86 3.14
N SER B 140 22.72 20.49 3.58
CA SER B 140 23.66 19.77 2.73
C SER B 140 24.64 19.01 3.62
N GLY B 141 25.37 18.10 3.02
CA GLY B 141 26.37 17.34 3.74
C GLY B 141 26.45 15.92 3.18
N GLY B 142 27.28 15.11 3.85
CA GLY B 142 27.50 13.76 3.40
C GLY B 142 26.42 12.78 3.75
N ASP B 143 25.52 13.16 4.67
CA ASP B 143 24.45 12.28 5.12
C ASP B 143 23.09 12.66 4.52
N LEU B 144 23.06 13.61 3.60
CA LEU B 144 21.78 14.11 3.09
C LEU B 144 20.99 13.03 2.35
N LEU B 145 21.67 12.23 1.53
CA LEU B 145 20.96 11.17 0.80
C LEU B 145 20.35 10.16 1.76
N GLY B 146 21.09 9.76 2.79
CA GLY B 146 20.54 8.84 3.77
C GLY B 146 19.41 9.46 4.56
N ILE B 147 19.53 10.75 4.89
CA ILE B 147 18.48 11.45 5.62
C ILE B 147 17.26 11.66 4.72
N LEU B 148 17.50 12.13 3.49
CA LEU B 148 16.39 12.46 2.59
C LEU B 148 15.57 11.23 2.23
N GLU B 149 16.23 10.11 1.93
CA GLU B 149 15.51 8.92 1.49
C GLU B 149 14.84 8.20 2.65
N SER B 150 15.17 8.53 3.89
CA SER B 150 14.49 8.00 5.06
C SER B 150 13.27 8.82 5.44
N ARG B 151 12.96 9.88 4.69
CA ARG B 151 11.93 10.86 5.06
C ARG B 151 12.24 11.46 6.44
N GLY B 152 13.45 11.97 6.58
CA GLY B 152 13.90 12.52 7.85
C GLY B 152 13.76 14.01 8.04
N ILE B 153 13.45 14.75 6.98
CA ILE B 153 13.31 16.20 7.05
C ILE B 153 11.81 16.51 7.11
N LYS B 154 11.32 16.84 8.30
CA LYS B 154 9.91 17.01 8.57
C LYS B 154 9.57 18.47 8.85
N ALA B 155 8.33 18.84 8.52
CA ALA B 155 7.83 20.18 8.76
C ALA B 155 6.58 20.12 9.64
N ARG B 156 6.43 21.15 10.48
CA ARG B 156 5.27 21.35 11.33
C ARG B 156 4.56 22.63 10.92
N ILE B 157 3.23 22.63 11.02
CA ILE B 157 2.45 23.84 10.81
C ILE B 157 2.50 24.67 12.09
N THR B 158 2.89 25.93 11.97
CA THR B 158 2.97 26.83 13.11
C THR B 158 2.00 28.01 13.03
N HIS B 159 1.73 28.54 11.84
CA HIS B 159 0.83 29.67 11.67
C HIS B 159 0.11 29.55 10.34
N VAL B 160 -1.20 29.79 10.38
CA VAL B 160 -2.02 29.82 9.17
C VAL B 160 -2.73 31.17 9.15
N ASP B 161 -2.47 31.95 8.11
CA ASP B 161 -3.01 33.30 7.98
C ASP B 161 -4.08 33.30 6.89
N THR B 162 -5.33 33.48 7.28
CA THR B 162 -6.44 33.51 6.34
C THR B 162 -6.61 34.87 5.66
N GLU B 163 -6.11 35.94 6.28
CA GLU B 163 -6.26 37.27 5.68
C GLU B 163 -5.31 37.48 4.50
N SER B 164 -4.07 37.03 4.61
CA SER B 164 -3.09 37.20 3.53
C SER B 164 -2.69 35.89 2.87
N TYR B 165 -3.29 34.77 3.25
CA TYR B 165 -3.16 33.50 2.53
C TYR B 165 -1.70 33.01 2.50
N PHE B 166 -1.20 32.65 3.68
CA PHE B 166 0.08 31.98 3.75
C PHE B 166 0.11 31.04 4.94
N ILE B 167 0.98 30.04 4.87
CA ILE B 167 1.19 29.06 5.91
C ILE B 167 2.66 29.09 6.31
N VAL B 168 2.94 29.14 7.60
CA VAL B 168 4.30 29.12 8.12
C VAL B 168 4.59 27.73 8.63
N LEU B 169 5.71 27.16 8.20
CA LEU B 169 6.12 25.83 8.61
C LEU B 169 7.44 25.87 9.35
N SER B 170 7.60 24.92 10.27
CA SER B 170 8.82 24.74 11.03
C SER B 170 9.56 23.51 10.50
N ILE B 171 10.70 23.75 9.86
CA ILE B 171 11.48 22.70 9.19
C ILE B 171 12.77 22.49 9.97
N ALA B 172 13.21 21.22 10.07
CA ALA B 172 14.39 20.87 10.82
C ALA B 172 15.19 19.80 10.09
N TYR B 173 16.51 19.93 10.15
CA TYR B 173 17.44 18.98 9.55
C TYR B 173 18.07 18.12 10.64
N PRO B 174 17.77 16.82 10.68
CA PRO B 174 18.22 16.00 11.81
C PRO B 174 19.72 15.74 11.76
N THR B 175 20.26 15.39 12.93
CA THR B 175 21.63 14.91 13.03
C THR B 175 21.63 13.42 13.35
N LEU B 176 22.53 12.70 12.73
CA LEU B 176 22.64 11.26 12.91
C LEU B 176 23.53 10.93 14.09
N SER B 177 23.12 9.94 14.87
CA SER B 177 23.91 9.44 15.99
C SER B 177 23.81 7.92 16.01
N GLU B 178 24.94 7.27 16.27
CA GLU B 178 25.01 5.82 16.36
C GLU B 178 24.60 5.37 17.75
N ILE B 179 23.73 4.36 17.82
CA ILE B 179 23.39 3.74 19.09
C ILE B 179 24.46 2.70 19.41
N LYS B 180 25.04 2.82 20.60
CA LYS B 180 26.19 2.00 20.97
C LYS B 180 25.78 0.55 21.18
N GLY B 181 26.53 -0.37 20.58
CA GLY B 181 26.32 -1.78 20.79
C GLY B 181 25.10 -2.36 20.14
N VAL B 182 24.59 -1.75 19.08
CA VAL B 182 23.45 -2.27 18.33
C VAL B 182 23.92 -2.66 16.94
N ILE B 183 23.71 -3.91 16.58
CA ILE B 183 24.06 -4.43 15.26
C ILE B 183 22.79 -4.97 14.60
N VAL B 184 22.55 -4.57 13.37
CA VAL B 184 21.41 -5.06 12.59
C VAL B 184 21.91 -6.17 11.68
N HIS B 185 21.35 -7.36 11.83
CA HIS B 185 21.74 -8.52 11.03
C HIS B 185 20.73 -8.74 9.90
N ARG B 186 21.24 -9.05 8.72
CA ARG B 186 20.40 -9.51 7.62
C ARG B 186 20.47 -11.03 7.54
N LEU B 187 19.31 -11.66 7.45
CA LEU B 187 19.20 -13.11 7.40
C LEU B 187 18.74 -13.56 6.02
N GLU B 188 19.27 -14.68 5.57
CA GLU B 188 18.84 -15.33 4.35
C GLU B 188 18.75 -16.82 4.61
N GLY B 189 17.89 -17.50 3.86
CA GLY B 189 17.68 -18.90 4.05
C GLY B 189 17.71 -19.66 2.72
N VAL B 190 17.91 -20.97 2.84
CA VAL B 190 17.77 -21.89 1.72
C VAL B 190 16.91 -23.04 2.17
N SER B 191 16.26 -23.69 1.20
CA SER B 191 15.36 -24.78 1.52
C SER B 191 16.15 -26.06 1.82
N TYR B 192 15.47 -27.02 2.43
CA TYR B 192 16.02 -28.32 2.71
C TYR B 192 14.93 -29.37 2.50
N ASN B 193 15.35 -30.57 2.13
CA ASN B 193 14.41 -31.66 1.84
C ASN B 193 14.39 -32.66 2.98
N ILE B 194 13.18 -33.03 3.40
CA ILE B 194 12.96 -34.16 4.31
C ILE B 194 12.25 -35.23 3.53
N GLY B 195 13.01 -36.13 2.90
CA GLY B 195 12.44 -37.04 1.94
C GLY B 195 12.10 -36.32 0.65
N SER B 196 10.84 -36.37 0.24
CA SER B 196 10.39 -35.73 -0.98
C SER B 196 9.82 -34.33 -0.76
N GLN B 197 9.76 -33.86 0.49
CA GLN B 197 9.16 -32.58 0.80
C GLN B 197 10.24 -31.53 1.01
N GLU B 198 10.05 -30.36 0.40
CA GLU B 198 10.98 -29.25 0.49
C GLU B 198 10.46 -28.25 1.51
N TRP B 199 11.29 -27.90 2.50
CA TRP B 199 10.88 -27.05 3.61
C TRP B 199 11.75 -25.80 3.69
N TYR B 200 11.29 -24.85 4.50
CA TYR B 200 11.96 -23.57 4.67
C TYR B 200 11.77 -23.13 6.12
N THR B 201 12.82 -22.60 6.74
CA THR B 201 12.70 -22.06 8.09
C THR B 201 12.16 -20.64 8.05
N THR B 202 11.23 -20.33 8.96
CA THR B 202 10.58 -19.02 9.01
C THR B 202 11.31 -18.16 10.05
N VAL B 203 12.03 -17.15 9.57
CA VAL B 203 12.77 -16.22 10.40
C VAL B 203 12.59 -14.82 9.86
N PRO B 204 12.79 -13.80 10.69
CA PRO B 204 12.70 -12.42 10.20
C PRO B 204 13.79 -12.10 9.19
N LYS B 205 13.48 -11.18 8.29
CA LYS B 205 14.49 -10.69 7.35
C LYS B 205 15.60 -9.94 8.06
N TYR B 206 15.27 -9.14 9.06
CA TYR B 206 16.23 -8.36 9.82
C TYR B 206 16.02 -8.58 11.30
N VAL B 207 17.12 -8.70 12.04
CA VAL B 207 17.11 -8.72 13.50
C VAL B 207 18.19 -7.78 14.00
N ALA B 208 18.04 -7.33 15.24
CA ALA B 208 18.99 -6.43 15.87
C ALA B 208 19.43 -7.01 17.19
N THR B 209 20.71 -6.82 17.53
CA THR B 209 21.28 -7.35 18.76
C THR B 209 21.88 -6.22 19.59
N GLN B 210 21.80 -6.39 20.91
CA GLN B 210 22.44 -5.46 21.86
C GLN B 210 22.93 -6.30 23.03
N GLY B 211 24.23 -6.58 23.05
CA GLY B 211 24.78 -7.45 24.07
C GLY B 211 24.24 -8.85 23.96
N TYR B 212 23.39 -9.25 24.90
CA TYR B 212 22.72 -10.54 24.85
C TYR B 212 21.26 -10.41 24.45
N LEU B 213 20.82 -9.20 24.09
CA LEU B 213 19.42 -8.95 23.81
C LEU B 213 19.14 -9.02 22.31
N ILE B 214 18.04 -9.67 21.94
CA ILE B 214 17.63 -9.82 20.56
C ILE B 214 16.23 -9.21 20.41
N SER B 215 16.05 -8.41 19.38
CA SER B 215 14.78 -7.75 19.13
C SER B 215 14.48 -7.74 17.64
N ASN B 216 13.23 -7.51 17.31
CA ASN B 216 12.83 -7.31 15.93
C ASN B 216 13.33 -5.96 15.42
N PHE B 217 13.46 -5.85 14.10
CA PHE B 217 13.90 -4.63 13.46
C PHE B 217 12.92 -4.29 12.35
N ASP B 218 12.38 -3.08 12.39
CA ASP B 218 11.41 -2.61 11.40
C ASP B 218 12.15 -1.76 10.39
N GLU B 219 12.25 -2.25 9.16
CA GLU B 219 13.05 -1.61 8.12
C GLU B 219 12.25 -0.60 7.30
N SER B 220 10.99 -0.37 7.65
CA SER B 220 10.13 0.48 6.82
C SER B 220 10.65 1.91 6.76
N SER B 221 11.14 2.43 7.87
CA SER B 221 11.62 3.81 7.95
C SER B 221 13.12 3.94 7.74
N CYS B 222 13.79 2.86 7.38
CA CYS B 222 15.25 2.81 7.38
C CYS B 222 15.81 2.80 5.96
N THR B 223 17.03 3.30 5.83
CA THR B 223 17.79 3.27 4.59
C THR B 223 19.14 2.64 4.89
N PHE B 224 19.49 1.61 4.12
CA PHE B 224 20.72 0.85 4.35
C PHE B 224 21.86 1.49 3.57
N MET B 225 22.61 2.38 4.24
CA MET B 225 23.75 3.06 3.67
C MET B 225 25.02 2.26 3.89
N PRO B 226 26.09 2.55 3.14
CA PRO B 226 27.34 1.81 3.34
C PRO B 226 27.90 1.92 4.75
N GLU B 227 27.68 3.04 5.44
CA GLU B 227 28.26 3.29 6.75
C GLU B 227 27.30 3.01 7.89
N GLY B 228 26.15 2.40 7.62
CA GLY B 228 25.21 2.03 8.65
C GLY B 228 23.78 2.29 8.22
N THR B 229 22.85 1.67 8.95
CA THR B 229 21.43 1.79 8.63
C THR B 229 20.88 3.09 9.24
N VAL B 230 20.32 3.94 8.40
CA VAL B 230 19.83 5.25 8.80
C VAL B 230 18.31 5.19 8.88
N CYS B 231 17.77 5.34 10.10
CA CYS B 231 16.35 5.22 10.33
C CYS B 231 15.79 6.54 10.86
N SER B 232 14.69 6.98 10.26
CA SER B 232 14.00 8.20 10.68
C SER B 232 13.03 7.98 11.82
N GLN B 233 12.76 6.74 12.18
CA GLN B 233 11.95 6.38 13.33
C GLN B 233 12.69 5.36 14.17
N ASN B 234 12.13 5.05 15.34
CA ASN B 234 12.66 3.95 16.14
C ASN B 234 12.29 2.64 15.46
N ALA B 235 13.30 1.87 15.08
CA ALA B 235 13.09 0.66 14.30
C ALA B 235 13.06 -0.61 15.13
N LEU B 236 13.58 -0.57 16.35
CA LEU B 236 13.66 -1.74 17.20
C LEU B 236 12.33 -1.92 17.92
N TYR B 237 11.79 -3.13 17.88
CA TYR B 237 10.61 -3.48 18.65
C TYR B 237 10.76 -4.90 19.17
N PRO B 238 10.11 -5.22 20.29
CA PRO B 238 10.40 -6.50 20.97
C PRO B 238 10.08 -7.71 20.11
N MET B 239 10.86 -8.77 20.33
CA MET B 239 10.66 -10.07 19.72
C MET B 239 10.11 -11.02 20.77
N SER B 240 9.17 -11.88 20.36
CA SER B 240 8.58 -12.82 21.30
C SER B 240 9.64 -13.76 21.87
N PRO B 241 9.48 -14.19 23.12
CA PRO B 241 10.50 -15.06 23.73
C PRO B 241 10.73 -16.35 22.97
N LEU B 242 9.69 -16.89 22.32
CA LEU B 242 9.85 -18.16 21.61
C LEU B 242 10.70 -17.99 20.34
N LEU B 243 10.53 -16.89 19.62
CA LEU B 243 11.39 -16.62 18.49
C LEU B 243 12.81 -16.27 18.93
N GLN B 244 12.98 -15.76 20.15
CA GLN B 244 14.32 -15.54 20.67
C GLN B 244 15.01 -16.86 21.00
N GLU B 245 14.27 -17.86 21.45
CA GLU B 245 14.85 -19.18 21.67
C GLU B 245 15.34 -19.77 20.36
N CYS B 246 14.58 -19.60 19.28
CA CYS B 246 15.00 -20.01 17.94
C CYS B 246 16.35 -19.40 17.58
N LEU B 247 16.47 -18.08 17.69
CA LEU B 247 17.68 -17.40 17.28
C LEU B 247 18.85 -17.63 18.21
N ARG B 248 18.60 -18.15 19.42
CA ARG B 248 19.67 -18.52 20.34
C ARG B 248 20.15 -19.94 20.14
N GLY B 249 19.66 -20.65 19.13
CA GLY B 249 20.13 -21.98 18.81
C GLY B 249 19.15 -23.10 19.09
N SER B 250 17.93 -22.81 19.54
CA SER B 250 16.91 -23.85 19.74
C SER B 250 16.21 -24.06 18.40
N THR B 251 16.57 -25.13 17.70
CA THR B 251 15.97 -25.38 16.40
C THR B 251 14.53 -25.84 16.53
N LYS B 252 14.19 -26.57 17.60
CA LYS B 252 12.81 -27.01 17.80
C LYS B 252 11.86 -25.84 18.02
N SER B 253 12.37 -24.68 18.43
CA SER B 253 11.55 -23.49 18.59
C SER B 253 11.33 -22.76 17.28
N CYS B 254 11.95 -23.20 16.19
CA CYS B 254 11.87 -22.51 14.92
C CYS B 254 10.76 -23.16 14.09
N ALA B 255 9.86 -22.33 13.56
CA ALA B 255 8.81 -22.85 12.70
C ALA B 255 9.32 -23.03 11.27
N ARG B 256 8.62 -23.88 10.51
CA ARG B 256 9.00 -24.21 9.15
C ARG B 256 7.75 -24.31 8.29
N THR B 257 7.92 -23.98 7.01
CA THR B 257 6.80 -23.95 6.07
C THR B 257 7.21 -24.62 4.76
N LEU B 258 6.23 -25.19 4.08
CA LEU B 258 6.46 -25.75 2.76
C LEU B 258 6.60 -24.62 1.75
N VAL B 259 7.27 -24.92 0.64
CA VAL B 259 7.50 -23.97 -0.42
C VAL B 259 6.91 -24.51 -1.73
N SER B 260 6.73 -23.61 -2.68
CA SER B 260 6.24 -23.99 -4.00
C SER B 260 7.32 -24.77 -4.77
N GLY B 261 6.86 -25.48 -5.80
CA GLY B 261 7.76 -26.32 -6.59
C GLY B 261 8.80 -25.56 -7.37
N SER B 262 8.69 -24.24 -7.46
CA SER B 262 9.64 -23.40 -8.18
C SER B 262 10.33 -22.41 -7.25
N PHE B 263 10.74 -22.88 -6.08
CA PHE B 263 11.38 -22.04 -5.09
C PHE B 263 12.74 -21.55 -5.59
N GLY B 264 13.10 -20.34 -5.19
CA GLY B 264 14.32 -19.71 -5.67
C GLY B 264 15.52 -19.76 -4.75
N ASN B 265 15.31 -20.07 -3.46
CA ASN B 265 16.38 -20.12 -2.48
C ASN B 265 16.74 -21.57 -2.18
N ARG B 266 17.53 -22.16 -3.07
CA ARG B 266 17.96 -23.54 -2.91
C ARG B 266 19.47 -23.70 -2.76
N PHE B 267 20.23 -22.62 -2.89
CA PHE B 267 21.65 -22.63 -2.59
C PHE B 267 22.07 -21.23 -2.17
N ILE B 268 23.09 -21.17 -1.32
CA ILE B 268 23.65 -19.90 -0.85
C ILE B 268 25.17 -20.04 -0.71
N LEU B 269 25.87 -18.96 -1.01
CA LEU B 269 27.31 -18.85 -0.79
C LEU B 269 27.54 -18.14 0.54
N SER B 270 28.18 -18.82 1.48
CA SER B 270 28.38 -18.29 2.82
C SER B 270 29.78 -18.66 3.29
N GLN B 271 30.57 -17.65 3.62
CA GLN B 271 31.92 -17.85 4.18
C GLN B 271 32.81 -18.65 3.24
N GLY B 272 32.66 -18.42 1.93
CA GLY B 272 33.41 -19.14 0.94
C GLY B 272 32.92 -20.53 0.63
N ASN B 273 31.87 -20.98 1.29
CA ASN B 273 31.31 -22.30 1.06
C ASN B 273 29.93 -22.17 0.45
N LEU B 274 29.49 -23.23 -0.21
CA LEU B 274 28.20 -23.27 -0.88
C LEU B 274 27.29 -24.19 -0.08
N ILE B 275 26.18 -23.65 0.43
CA ILE B 275 25.19 -24.43 1.15
C ILE B 275 24.01 -24.59 0.20
N ALA B 276 23.76 -25.82 -0.23
CA ALA B 276 22.80 -26.09 -1.29
C ALA B 276 21.92 -27.27 -0.92
N ASN B 277 20.65 -27.21 -1.33
CA ASN B 277 19.73 -28.33 -1.19
C ASN B 277 19.89 -29.22 -2.42
N CYS B 278 20.85 -30.14 -2.36
CA CYS B 278 21.22 -30.94 -3.51
C CYS B 278 20.22 -32.07 -3.80
N ALA B 279 19.12 -32.16 -3.05
CA ALA B 279 18.04 -33.07 -3.39
C ALA B 279 16.94 -32.41 -4.22
N SER B 280 17.01 -31.10 -4.42
CA SER B 280 16.02 -30.38 -5.22
C SER B 280 16.62 -29.59 -6.36
N ILE B 281 17.95 -29.49 -6.44
CA ILE B 281 18.65 -28.90 -7.58
C ILE B 281 19.75 -29.86 -8.00
N LEU B 282 20.36 -29.56 -9.14
CA LEU B 282 21.45 -30.37 -9.68
C LEU B 282 22.78 -29.82 -9.16
N CYS B 283 23.45 -30.62 -8.34
CA CYS B 283 24.79 -30.31 -7.85
C CYS B 283 25.78 -31.26 -8.52
N LYS B 284 26.73 -30.69 -9.25
CA LYS B 284 27.71 -31.46 -9.98
C LYS B 284 29.11 -30.93 -9.68
N CYS B 285 30.04 -31.85 -9.45
CA CYS B 285 31.43 -31.47 -9.23
C CYS B 285 32.10 -31.27 -10.58
N TYR B 286 32.45 -30.02 -10.89
CA TYR B 286 33.03 -29.70 -12.20
C TYR B 286 34.40 -30.34 -12.38
N THR B 287 35.16 -30.47 -11.30
CA THR B 287 36.54 -30.96 -11.41
C THR B 287 36.58 -32.43 -11.87
N THR B 288 35.67 -33.26 -11.36
CA THR B 288 35.66 -34.67 -11.74
C THR B 288 34.47 -35.03 -12.62
N GLY B 289 33.43 -34.20 -12.69
CA GLY B 289 32.24 -34.55 -13.42
C GLY B 289 31.28 -35.45 -12.68
N THR B 290 31.57 -35.79 -11.43
CA THR B 290 30.68 -36.64 -10.64
C THR B 290 29.58 -35.81 -10.01
N ILE B 291 28.34 -36.28 -10.14
CA ILE B 291 27.20 -35.60 -9.54
C ILE B 291 27.27 -35.73 -8.02
N ILE B 292 27.00 -34.63 -7.32
CA ILE B 292 26.95 -34.63 -5.87
C ILE B 292 25.53 -34.96 -5.45
N ASN B 293 25.33 -36.15 -4.89
CA ASN B 293 24.03 -36.60 -4.46
C ASN B 293 23.87 -36.44 -2.95
N GLN B 294 22.68 -36.03 -2.53
CA GLN B 294 22.36 -35.84 -1.13
C GLN B 294 21.60 -37.05 -0.62
N ASP B 295 22.13 -37.68 0.43
CA ASP B 295 21.47 -38.86 1.00
C ASP B 295 20.14 -38.46 1.61
N PRO B 296 19.15 -39.36 1.59
CA PRO B 296 17.85 -39.03 2.20
C PRO B 296 17.90 -38.82 3.71
N ASP B 297 18.93 -39.31 4.39
CA ASP B 297 19.06 -39.05 5.82
C ASP B 297 19.74 -37.72 6.12
N LYS B 298 20.07 -36.94 5.10
CA LYS B 298 20.63 -35.61 5.28
C LYS B 298 19.74 -34.61 4.56
N ILE B 299 19.64 -33.41 5.12
CA ILE B 299 18.71 -32.41 4.61
C ILE B 299 19.40 -31.30 3.83
N LEU B 300 20.70 -31.12 3.99
CA LEU B 300 21.43 -30.07 3.27
C LEU B 300 22.82 -30.60 2.94
N THR B 301 23.47 -29.93 1.99
CA THR B 301 24.81 -30.25 1.56
C THR B 301 25.72 -29.04 1.78
N TYR B 302 26.88 -29.27 2.37
CA TYR B 302 27.82 -28.20 2.73
C TYR B 302 29.08 -28.41 1.91
N ILE B 303 29.21 -27.66 0.82
CA ILE B 303 30.23 -27.91 -0.20
C ILE B 303 31.44 -27.04 0.08
N ALA B 304 32.60 -27.67 0.22
CA ALA B 304 33.86 -26.97 0.40
C ALA B 304 34.90 -27.56 -0.54
N ALA B 305 36.07 -26.91 -0.60
CA ALA B 305 37.08 -27.29 -1.58
C ALA B 305 37.73 -28.62 -1.24
N ASP B 306 37.65 -29.07 0.01
CA ASP B 306 38.28 -30.33 0.39
C ASP B 306 37.66 -31.51 -0.34
N HIS B 307 36.46 -31.36 -0.88
CA HIS B 307 35.81 -32.42 -1.64
C HIS B 307 35.48 -32.04 -3.07
N CYS B 308 35.34 -30.76 -3.38
CA CYS B 308 35.02 -30.30 -4.74
C CYS B 308 35.53 -28.89 -4.91
N PRO B 309 36.70 -28.72 -5.53
CA PRO B 309 37.21 -27.35 -5.77
C PRO B 309 36.30 -26.49 -6.62
N VAL B 310 35.64 -27.07 -7.61
CA VAL B 310 34.75 -26.32 -8.49
C VAL B 310 33.44 -27.08 -8.61
N VAL B 311 32.34 -26.42 -8.24
CA VAL B 311 31.02 -27.02 -8.22
C VAL B 311 30.13 -26.24 -9.19
N GLU B 312 29.27 -26.95 -9.90
CA GLU B 312 28.28 -26.30 -10.77
C GLU B 312 26.89 -26.63 -10.26
N VAL B 313 26.14 -25.59 -9.88
CA VAL B 313 24.76 -25.73 -9.42
C VAL B 313 23.87 -24.83 -10.26
N ASN B 314 22.75 -25.38 -10.73
CA ASN B 314 21.78 -24.65 -11.56
C ASN B 314 22.45 -24.02 -12.78
N GLY B 315 23.45 -24.72 -13.33
CA GLY B 315 24.13 -24.21 -14.50
C GLY B 315 25.09 -23.08 -14.24
N VAL B 316 25.44 -22.80 -12.99
CA VAL B 316 26.38 -21.75 -12.64
C VAL B 316 27.61 -22.40 -12.02
N THR B 317 28.79 -22.03 -12.51
CA THR B 317 30.04 -22.61 -12.06
C THR B 317 30.66 -21.70 -10.99
N ILE B 318 31.00 -22.29 -9.84
CA ILE B 318 31.44 -21.53 -8.68
C ILE B 318 32.69 -22.19 -8.10
N GLN B 319 33.69 -21.38 -7.76
CA GLN B 319 34.88 -21.84 -7.06
C GLN B 319 34.74 -21.52 -5.57
N VAL B 320 35.02 -22.51 -4.72
CA VAL B 320 34.82 -22.39 -3.29
C VAL B 320 36.17 -22.44 -2.58
N GLY B 321 36.17 -22.02 -1.31
CA GLY B 321 37.36 -21.97 -0.50
C GLY B 321 37.44 -23.13 0.48
N SER B 322 38.27 -22.94 1.51
CA SER B 322 38.47 -23.99 2.50
C SER B 322 37.21 -24.22 3.33
N ARG B 323 37.14 -25.38 3.95
CA ARG B 323 35.96 -25.74 4.74
C ARG B 323 35.84 -24.82 5.94
N ARG B 324 34.65 -24.24 6.10
CA ARG B 324 34.35 -23.46 7.30
C ARG B 324 32.96 -23.81 7.82
N TYR B 325 32.31 -24.82 7.27
CA TYR B 325 31.08 -25.40 7.79
C TYR B 325 31.29 -26.90 7.93
N PRO B 326 30.75 -27.52 8.97
CA PRO B 326 30.91 -28.97 9.11
C PRO B 326 30.21 -29.73 8.00
N ASP B 327 30.66 -30.96 7.79
CA ASP B 327 29.92 -31.87 6.92
C ASP B 327 28.52 -32.09 7.51
N ALA B 328 27.55 -32.22 6.62
CA ALA B 328 26.15 -32.25 7.04
C ALA B 328 25.91 -33.39 8.02
N VAL B 329 25.15 -33.08 9.07
CA VAL B 329 24.80 -34.08 10.07
C VAL B 329 23.46 -34.69 9.71
N TYR B 330 23.20 -35.88 10.25
CA TYR B 330 22.01 -36.65 9.93
C TYR B 330 20.76 -35.96 10.47
N LEU B 331 19.62 -36.29 9.86
CA LEU B 331 18.35 -35.71 10.29
C LEU B 331 18.03 -36.06 11.73
N HIS B 332 18.41 -37.25 12.18
CA HIS B 332 18.07 -37.69 13.53
C HIS B 332 18.86 -36.94 14.60
N ARG B 333 19.84 -36.13 14.23
CA ARG B 333 20.55 -35.27 15.17
C ARG B 333 20.11 -33.82 15.07
N ILE B 334 18.98 -33.53 14.42
CA ILE B 334 18.41 -32.20 14.35
C ILE B 334 17.00 -32.25 14.88
N ASP B 335 16.71 -31.42 15.89
CA ASP B 335 15.35 -31.27 16.39
C ASP B 335 14.65 -30.21 15.56
N LEU B 336 13.62 -30.61 14.81
CA LEU B 336 12.95 -29.70 13.91
C LEU B 336 11.65 -29.19 14.55
N GLY B 337 11.25 -27.99 14.15
CA GLY B 337 10.10 -27.34 14.75
C GLY B 337 8.77 -27.69 14.11
N PRO B 338 7.72 -26.98 14.48
CA PRO B 338 6.39 -27.28 13.96
C PRO B 338 6.20 -26.73 12.56
N PRO B 339 5.41 -27.40 11.73
CA PRO B 339 5.05 -26.83 10.42
C PRO B 339 3.92 -25.82 10.54
N ILE B 340 4.04 -24.72 9.82
CA ILE B 340 3.09 -23.61 9.92
C ILE B 340 2.74 -23.10 8.54
N SER B 341 1.57 -22.47 8.45
CA SER B 341 1.14 -21.75 7.27
C SER B 341 0.87 -20.31 7.67
N LEU B 342 1.53 -19.37 6.99
CA LEU B 342 1.57 -17.98 7.44
C LEU B 342 0.41 -17.12 6.96
N GLY B 343 -0.35 -17.58 5.97
CA GLY B 343 -1.44 -16.77 5.46
C GLY B 343 -2.52 -16.52 6.50
N ARG B 344 -3.13 -15.35 6.40
CA ARG B 344 -4.09 -14.92 7.42
C ARG B 344 -5.30 -15.85 7.47
N LEU B 345 -5.76 -16.32 6.30
CA LEU B 345 -6.88 -17.25 6.28
C LEU B 345 -6.45 -18.63 6.76
N ASP B 346 -5.25 -19.08 6.39
CA ASP B 346 -4.73 -20.32 6.95
C ASP B 346 -4.54 -20.22 8.45
N VAL B 347 -4.09 -19.05 8.93
CA VAL B 347 -3.97 -18.83 10.36
C VAL B 347 -5.33 -18.91 11.04
N GLY B 348 -6.31 -18.19 10.50
CA GLY B 348 -7.64 -18.16 11.11
C GLY B 348 -8.31 -19.52 11.12
N THR B 349 -8.17 -20.26 10.01
CA THR B 349 -8.74 -21.61 9.96
C THR B 349 -8.09 -22.53 11.00
N ASN B 350 -6.78 -22.44 11.16
CA ASN B 350 -6.08 -23.27 12.13
C ASN B 350 -6.25 -22.78 13.56
N LEU B 351 -6.29 -21.46 13.76
CA LEU B 351 -6.53 -20.93 15.10
C LEU B 351 -7.94 -21.26 15.57
N GLY B 352 -8.93 -21.12 14.69
CA GLY B 352 -10.29 -21.45 15.06
C GLY B 352 -10.47 -22.92 15.38
N ASN B 353 -9.79 -23.80 14.63
CA ASN B 353 -9.83 -25.22 14.95
C ASN B 353 -9.18 -25.50 16.30
N ALA B 354 -8.03 -24.86 16.57
CA ALA B 354 -7.34 -25.09 17.84
C ALA B 354 -8.14 -24.57 19.02
N ILE B 355 -8.74 -23.38 18.88
CA ILE B 355 -9.59 -22.84 19.94
C ILE B 355 -10.77 -23.76 20.21
N ALA B 356 -11.41 -24.24 19.14
CA ALA B 356 -12.56 -25.13 19.29
C ALA B 356 -12.20 -26.38 20.08
N LYS B 357 -11.00 -26.91 19.87
CA LYS B 357 -10.56 -28.08 20.64
C LYS B 357 -10.35 -27.75 22.11
N LEU B 358 -10.13 -26.46 22.45
CA LEU B 358 -9.93 -26.11 23.85
C LEU B 358 -11.23 -26.10 24.64
N GLU B 359 -12.34 -25.63 24.03
CA GLU B 359 -13.61 -25.68 24.77
C GLU B 359 -14.05 -27.11 25.05
N ASP B 360 -13.82 -28.03 24.10
CA ASP B 360 -14.23 -29.42 24.32
C ASP B 360 -13.51 -30.04 25.51
N ALA B 361 -12.36 -29.49 25.88
CA ALA B 361 -11.59 -29.98 27.03
C ALA B 361 -11.66 -29.05 28.23
N LYS B 362 -12.56 -28.05 28.22
CA LYS B 362 -12.58 -27.05 29.29
C LYS B 362 -12.89 -27.69 30.63
N GLU B 363 -13.86 -28.60 30.67
CA GLU B 363 -14.16 -29.30 31.92
C GLU B 363 -12.98 -30.14 32.38
N LEU B 364 -12.25 -30.73 31.44
CA LEU B 364 -11.05 -31.50 31.78
C LEU B 364 -9.96 -30.62 32.36
N LEU B 365 -9.71 -29.46 31.73
CA LEU B 365 -8.62 -28.61 32.16
C LEU B 365 -8.88 -27.96 33.52
N GLU B 366 -10.15 -27.78 33.91
CA GLU B 366 -10.43 -27.24 35.22
C GLU B 366 -10.24 -28.27 36.31
N SER B 367 -10.52 -29.54 36.03
CA SER B 367 -10.24 -30.60 36.98
C SER B 367 -8.78 -31.04 36.87
N SER B 368 -7.86 -30.07 36.91
CA SER B 368 -6.44 -30.38 36.77
C SER B 368 -5.83 -30.77 38.11
N ASP B 369 -5.86 -29.85 39.08
CA ASP B 369 -5.27 -30.13 40.38
C ASP B 369 -5.93 -31.32 41.05
N GLN B 370 -7.23 -31.51 40.82
CA GLN B 370 -7.92 -32.67 41.40
C GLN B 370 -7.36 -33.97 40.84
N ILE B 371 -7.13 -34.03 39.53
CA ILE B 371 -6.59 -35.25 38.92
C ILE B 371 -5.13 -35.44 39.30
N LEU B 372 -4.34 -34.37 39.22
CA LEU B 372 -2.89 -34.52 39.46
C LEU B 372 -2.60 -34.84 40.92
N ARG B 373 -3.31 -34.22 41.85
CA ARG B 373 -3.10 -34.53 43.26
C ARG B 373 -3.50 -35.97 43.58
N SER B 374 -4.63 -36.42 43.03
CA SER B 374 -5.10 -37.78 43.27
C SER B 374 -4.64 -38.72 42.16
N GLN C 24 -10.72 -33.90 -5.96
CA GLN C 24 -10.38 -32.51 -6.22
C GLN C 24 -11.30 -31.66 -5.34
N ILE C 25 -11.84 -30.55 -5.86
CA ILE C 25 -12.70 -29.68 -5.08
C ILE C 25 -14.11 -30.25 -5.07
N HIS C 26 -14.66 -30.49 -3.88
CA HIS C 26 -16.00 -31.05 -3.72
C HIS C 26 -17.02 -29.92 -3.76
N TRP C 27 -17.55 -29.65 -4.95
CA TRP C 27 -18.48 -28.55 -5.13
C TRP C 27 -19.81 -28.82 -4.44
N GLY C 28 -20.16 -30.10 -4.26
CA GLY C 28 -21.43 -30.44 -3.62
C GLY C 28 -21.50 -30.01 -2.17
N ASN C 29 -20.47 -30.37 -1.38
CA ASN C 29 -20.42 -29.89 0.00
C ASN C 29 -20.20 -28.39 0.10
N LEU C 30 -19.48 -27.81 -0.85
CA LEU C 30 -19.22 -26.37 -0.78
C LEU C 30 -20.51 -25.57 -0.96
N SER C 31 -21.44 -26.06 -1.79
CA SER C 31 -22.71 -25.35 -1.99
C SER C 31 -23.60 -25.39 -0.76
N LYS C 32 -23.49 -26.43 0.06
CA LYS C 32 -24.32 -26.52 1.25
C LYS C 32 -23.89 -25.53 2.34
N ILE C 33 -22.73 -24.89 2.21
CA ILE C 33 -22.34 -23.82 3.11
C ILE C 33 -22.14 -22.51 2.35
N GLY C 34 -22.74 -22.40 1.16
CA GLY C 34 -22.79 -21.15 0.45
C GLY C 34 -21.56 -20.77 -0.34
N VAL C 35 -20.74 -21.74 -0.75
CA VAL C 35 -19.56 -21.47 -1.56
C VAL C 35 -19.75 -22.11 -2.93
N VAL C 36 -19.58 -21.32 -3.98
CA VAL C 36 -19.67 -21.81 -5.34
C VAL C 36 -18.47 -21.31 -6.14
N GLY C 37 -18.20 -21.99 -7.25
CA GLY C 37 -17.23 -21.53 -8.21
C GLY C 37 -17.89 -20.64 -9.24
N ILE C 38 -17.26 -19.51 -9.53
CA ILE C 38 -17.81 -18.53 -10.47
C ILE C 38 -16.86 -18.30 -11.65
N GLY C 39 -16.03 -19.27 -11.98
CA GLY C 39 -15.12 -19.13 -13.11
C GLY C 39 -13.81 -19.87 -12.94
N SER C 40 -13.30 -20.45 -14.01
CA SER C 40 -12.02 -21.15 -14.00
C SER C 40 -11.21 -20.72 -15.20
N ALA C 41 -9.88 -20.82 -15.08
CA ALA C 41 -8.99 -20.38 -16.13
C ALA C 41 -7.69 -21.17 -16.07
N SER C 42 -6.97 -21.16 -17.18
CA SER C 42 -5.66 -21.80 -17.25
C SER C 42 -4.58 -20.85 -16.71
N TYR C 43 -3.43 -21.43 -16.39
CA TYR C 43 -2.34 -20.72 -15.73
C TYR C 43 -1.17 -20.61 -16.69
N LYS C 44 -0.70 -19.39 -16.92
CA LYS C 44 0.45 -19.12 -17.79
C LYS C 44 1.50 -18.33 -17.03
N VAL C 45 2.75 -18.72 -17.22
CA VAL C 45 3.88 -18.04 -16.59
C VAL C 45 4.74 -17.42 -17.69
N MET C 46 5.84 -16.78 -17.30
CA MET C 46 6.70 -16.07 -18.23
C MET C 46 8.08 -16.69 -18.25
N THR C 47 8.67 -16.75 -19.44
CA THR C 47 10.05 -17.18 -19.62
C THR C 47 10.71 -16.27 -20.65
N ARG C 48 12.02 -16.13 -20.53
CA ARG C 48 12.77 -15.14 -21.31
C ARG C 48 13.98 -15.81 -21.94
N SER C 49 14.19 -15.55 -23.23
CA SER C 49 15.28 -16.16 -23.98
C SER C 49 16.18 -15.15 -24.66
N SER C 50 15.62 -14.08 -25.23
CA SER C 50 16.39 -13.06 -25.92
C SER C 50 16.34 -11.77 -25.11
N HIS C 51 17.43 -11.01 -25.17
CA HIS C 51 17.54 -9.75 -24.44
C HIS C 51 18.03 -8.66 -25.39
N GLN C 52 17.57 -7.44 -25.14
CA GLN C 52 18.00 -6.28 -25.89
C GLN C 52 18.72 -5.31 -24.95
N SER C 53 19.44 -4.36 -25.52
CA SER C 53 20.13 -3.34 -24.76
C SER C 53 19.39 -2.01 -24.88
N LEU C 54 19.04 -1.45 -23.73
CA LEU C 54 18.40 -0.14 -23.63
C LEU C 54 19.32 0.76 -22.82
N VAL C 55 19.78 1.85 -23.44
CA VAL C 55 20.71 2.77 -22.80
C VAL C 55 20.01 4.09 -22.52
N ILE C 56 20.13 4.55 -21.27
CA ILE C 56 19.63 5.86 -20.87
C ILE C 56 20.74 6.87 -21.05
N LYS C 57 20.58 7.76 -22.02
CA LYS C 57 21.54 8.83 -22.24
C LYS C 57 21.20 9.99 -21.30
N LEU C 58 22.02 10.19 -20.27
CA LEU C 58 21.71 11.17 -19.24
C LEU C 58 22.13 12.58 -19.61
N MET C 59 22.98 12.76 -20.62
CA MET C 59 23.46 14.08 -21.00
C MET C 59 22.74 14.54 -22.25
N PRO C 60 21.92 15.59 -22.20
CA PRO C 60 21.19 16.01 -23.40
C PRO C 60 22.09 16.75 -24.38
N ASN C 61 21.66 16.74 -25.64
CA ASN C 61 22.29 17.54 -26.68
C ASN C 61 21.75 18.96 -26.60
N ILE C 62 22.65 19.92 -26.34
CA ILE C 62 22.29 21.31 -26.11
C ILE C 62 23.07 22.25 -27.02
N THR C 63 23.49 21.75 -28.19
CA THR C 63 24.31 22.57 -29.08
C THR C 63 23.53 23.78 -29.61
N LEU C 64 22.28 23.57 -30.00
CA LEU C 64 21.48 24.66 -30.55
C LEU C 64 21.04 25.67 -29.50
N LEU C 65 21.17 25.34 -28.21
CA LEU C 65 20.91 26.28 -27.14
C LEU C 65 22.09 27.20 -26.86
N ASN C 66 23.04 27.30 -27.79
CA ASN C 66 24.26 28.07 -27.62
C ASN C 66 24.96 27.67 -26.32
N ASN C 67 25.11 28.62 -25.41
CA ASN C 67 25.67 28.33 -24.09
C ASN C 67 24.82 28.96 -23.00
N CYS C 68 23.50 28.84 -23.14
CA CYS C 68 22.57 29.44 -22.18
C CYS C 68 22.28 28.53 -20.99
N THR C 69 22.84 27.32 -20.96
CA THR C 69 22.56 26.38 -19.87
C THR C 69 23.84 25.85 -19.22
N ARG C 70 24.93 26.60 -19.30
CA ARG C 70 26.22 26.10 -18.80
C ARG C 70 26.15 25.77 -17.31
N VAL C 71 25.65 26.70 -16.50
CA VAL C 71 25.64 26.48 -15.05
C VAL C 71 24.64 25.41 -14.67
N GLU C 72 23.45 25.45 -15.28
CA GLU C 72 22.41 24.47 -14.96
C GLU C 72 22.84 23.06 -15.34
N ILE C 73 23.53 22.91 -16.47
CA ILE C 73 24.03 21.60 -16.88
C ILE C 73 25.11 21.12 -15.92
N ALA C 74 26.06 22.00 -15.58
CA ALA C 74 27.16 21.61 -14.71
C ALA C 74 26.65 21.20 -13.33
N GLU C 75 25.70 21.95 -12.79
CA GLU C 75 25.09 21.57 -11.52
C GLU C 75 24.33 20.26 -11.66
N TYR C 76 23.76 20.00 -12.84
CA TYR C 76 23.08 18.74 -13.10
C TYR C 76 24.05 17.56 -13.09
N ARG C 77 25.23 17.72 -13.68
CA ARG C 77 26.22 16.65 -13.68
C ARG C 77 26.69 16.33 -12.27
N ARG C 78 26.89 17.35 -11.44
CA ARG C 78 27.38 17.13 -10.09
C ARG C 78 26.38 16.31 -9.28
N LEU C 79 25.08 16.59 -9.42
CA LEU C 79 24.08 15.81 -8.72
C LEU C 79 24.07 14.35 -9.20
N LEU C 80 24.26 14.13 -10.50
CA LEU C 80 24.22 12.78 -11.05
C LEU C 80 25.36 11.91 -10.52
N ARG C 81 26.57 12.46 -10.41
CA ARG C 81 27.71 11.65 -9.99
C ARG C 81 27.51 11.06 -8.59
N THR C 82 26.82 11.79 -7.72
CA THR C 82 26.52 11.28 -6.37
C THR C 82 25.59 10.08 -6.40
N VAL C 83 24.94 9.82 -7.53
CA VAL C 83 24.07 8.66 -7.69
C VAL C 83 24.73 7.56 -8.50
N LEU C 84 25.47 7.94 -9.54
CA LEU C 84 26.02 6.97 -10.48
C LEU C 84 27.24 6.25 -9.92
N GLU C 85 28.09 6.97 -9.18
CA GLU C 85 29.33 6.38 -8.69
C GLU C 85 29.11 5.18 -7.77
N PRO C 86 28.22 5.23 -6.77
CA PRO C 86 27.99 4.02 -5.97
C PRO C 86 27.48 2.84 -6.77
N ILE C 87 26.71 3.08 -7.84
CA ILE C 87 26.21 1.98 -8.65
C ILE C 87 27.34 1.32 -9.44
N ARG C 88 28.21 2.14 -10.02
CA ARG C 88 29.33 1.61 -10.79
C ARG C 88 30.27 0.77 -9.91
N ASP C 89 30.48 1.21 -8.67
CA ASP C 89 31.36 0.49 -7.76
C ASP C 89 30.81 -0.89 -7.42
N ALA C 90 29.49 -1.01 -7.28
CA ALA C 90 28.90 -2.32 -7.03
C ALA C 90 29.10 -3.26 -8.21
N LEU C 91 28.90 -2.75 -9.44
CA LEU C 91 29.10 -3.59 -10.61
C LEU C 91 30.55 -4.04 -10.74
N ASN C 92 31.49 -3.14 -10.47
CA ASN C 92 32.91 -3.49 -10.56
C ASN C 92 33.27 -4.57 -9.55
N ALA C 93 32.65 -4.54 -8.37
CA ALA C 93 32.94 -5.52 -7.34
C ALA C 93 32.52 -6.92 -7.78
N MET C 94 31.36 -7.06 -8.41
CA MET C 94 30.90 -8.37 -8.84
C MET C 94 31.66 -8.86 -10.07
N THR C 95 31.92 -7.96 -11.02
CA THR C 95 32.61 -8.36 -12.25
C THR C 95 34.01 -8.87 -11.99
N GLN C 96 34.75 -8.22 -11.09
CA GLN C 96 36.12 -8.65 -10.81
C GLN C 96 36.18 -10.03 -10.16
N ASN C 97 35.05 -10.55 -9.70
CA ASN C 97 34.97 -11.91 -9.15
C ASN C 97 34.50 -12.93 -10.18
N ILE C 98 34.33 -12.52 -11.44
CA ILE C 98 33.99 -13.42 -12.54
C ILE C 98 35.26 -13.73 -13.32
N ARG C 99 35.54 -15.01 -13.51
CA ARG C 99 36.79 -15.46 -14.13
C ARG C 99 36.50 -16.50 -15.19
N PRO C 100 37.33 -16.56 -16.24
CA PRO C 100 37.12 -17.55 -17.30
C PRO C 100 37.16 -18.97 -16.75
N VAL C 101 36.33 -19.84 -17.34
CA VAL C 101 36.20 -21.21 -16.85
C VAL C 101 37.45 -22.03 -17.13
N GLN C 102 38.18 -21.72 -18.19
CA GLN C 102 39.38 -22.50 -18.52
C GLN C 102 40.50 -22.30 -17.50
N SER C 103 40.45 -21.22 -16.72
CA SER C 103 41.53 -20.96 -15.76
C SER C 103 41.54 -21.99 -14.64
N VAL C 104 40.40 -22.60 -14.32
CA VAL C 104 40.36 -23.61 -13.27
C VAL C 104 40.47 -25.01 -13.89
N GLY D 3 32.26 -19.37 -21.19
CA GLY D 3 32.06 -19.97 -19.89
C GLY D 3 32.91 -19.32 -18.81
N VAL D 4 32.29 -19.05 -17.66
CA VAL D 4 32.97 -18.37 -16.57
C VAL D 4 32.73 -19.12 -15.26
N VAL D 5 33.59 -18.84 -14.29
CA VAL D 5 33.50 -19.36 -12.94
C VAL D 5 33.40 -18.19 -11.98
N LEU D 6 32.59 -18.34 -10.95
CA LEU D 6 32.52 -17.35 -9.89
C LEU D 6 33.46 -17.77 -8.76
N ALA D 7 34.22 -16.81 -8.24
CA ALA D 7 35.18 -17.06 -7.18
C ALA D 7 34.51 -16.81 -5.83
N GLY D 8 33.91 -17.85 -5.28
CA GLY D 8 33.16 -17.69 -4.05
C GLY D 8 34.02 -17.37 -2.84
N ALA D 9 35.29 -17.79 -2.88
CA ALA D 9 36.20 -17.44 -1.79
C ALA D 9 36.46 -15.95 -1.72
N ALA D 10 36.64 -15.30 -2.87
CA ALA D 10 36.85 -13.85 -2.89
C ALA D 10 35.54 -13.10 -2.66
N LEU D 11 34.44 -13.58 -3.25
CA LEU D 11 33.15 -12.95 -3.03
C LEU D 11 32.71 -13.12 -1.58
N GLY D 12 32.86 -14.32 -1.03
CA GLY D 12 32.54 -14.57 0.37
C GLY D 12 31.10 -14.98 0.62
N VAL D 13 30.17 -14.03 0.49
CA VAL D 13 28.77 -14.28 0.78
C VAL D 13 27.93 -13.70 -0.36
N ALA D 14 26.90 -14.45 -0.76
CA ALA D 14 26.00 -14.01 -1.82
C ALA D 14 24.78 -14.92 -1.84
N THR D 15 23.65 -14.35 -2.22
CA THR D 15 22.41 -15.09 -2.39
C THR D 15 22.38 -15.74 -3.77
N ALA D 16 21.44 -16.68 -3.94
CA ALA D 16 21.26 -17.32 -5.24
C ALA D 16 20.87 -16.31 -6.31
N ALA D 17 20.01 -15.35 -5.95
CA ALA D 17 19.65 -14.30 -6.89
C ALA D 17 20.86 -13.45 -7.26
N GLN D 18 21.74 -13.17 -6.29
CA GLN D 18 22.94 -12.39 -6.59
C GLN D 18 23.90 -13.17 -7.47
N ILE D 19 24.12 -14.44 -7.15
CA ILE D 19 25.02 -15.27 -7.96
C ILE D 19 24.49 -15.42 -9.37
N THR D 20 23.19 -15.69 -9.51
CA THR D 20 22.60 -15.88 -10.84
C THR D 20 22.67 -14.60 -11.66
N ALA D 21 22.35 -13.46 -11.04
CA ALA D 21 22.40 -12.19 -11.77
C ALA D 21 23.84 -11.74 -12.01
N GLY D 22 24.75 -12.13 -11.12
CA GLY D 22 26.15 -11.79 -11.33
C GLY D 22 26.77 -12.51 -12.52
N ILE D 23 26.46 -13.79 -12.68
CA ILE D 23 26.96 -14.55 -13.83
C ILE D 23 26.28 -14.10 -15.11
N ALA D 24 24.95 -13.90 -15.06
CA ALA D 24 24.23 -13.46 -16.24
C ALA D 24 24.71 -12.11 -16.75
N LEU D 25 25.39 -11.35 -15.89
CA LEU D 25 25.98 -10.08 -16.33
C LEU D 25 27.10 -10.32 -17.33
N HIS D 26 27.74 -11.50 -17.30
CA HIS D 26 28.83 -11.77 -18.23
C HIS D 26 28.36 -11.76 -19.69
N GLN D 27 27.25 -12.43 -19.99
CA GLN D 27 26.79 -12.55 -21.36
C GLN D 27 25.94 -11.37 -21.81
N SER D 28 25.52 -10.50 -20.89
CA SER D 28 24.66 -9.38 -21.23
C SER D 28 25.39 -8.05 -21.34
N MET D 29 26.65 -7.98 -20.90
CA MET D 29 27.40 -6.74 -21.02
C MET D 29 27.92 -6.55 -22.43
N LEU D 30 27.67 -5.38 -23.00
CA LEU D 30 28.35 -4.97 -24.20
C LEU D 30 29.84 -4.98 -23.96
N ASN D 31 30.58 -5.63 -24.86
CA ASN D 31 32.01 -5.82 -24.63
C ASN D 31 32.74 -4.47 -24.65
N SER D 32 33.96 -4.48 -24.12
CA SER D 32 34.70 -3.24 -23.91
C SER D 32 34.91 -2.47 -25.21
N GLN D 33 34.92 -3.18 -26.35
CA GLN D 33 35.01 -2.50 -27.63
C GLN D 33 33.73 -1.72 -27.93
N ALA D 34 32.57 -2.33 -27.66
CA ALA D 34 31.30 -1.69 -27.97
C ALA D 34 31.05 -0.49 -27.07
N ILE D 35 31.46 -0.56 -25.80
CA ILE D 35 31.30 0.57 -24.90
C ILE D 35 32.02 1.79 -25.43
N ASP D 36 33.22 1.59 -25.99
CA ASP D 36 33.93 2.69 -26.63
C ASP D 36 33.19 3.19 -27.86
N ASN D 37 32.65 2.28 -28.66
CA ASN D 37 31.89 2.67 -29.84
C ASN D 37 30.55 3.30 -29.45
N LEU D 38 29.93 2.80 -28.38
CA LEU D 38 28.66 3.36 -27.93
C LEU D 38 28.82 4.82 -27.51
N ARG D 39 29.89 5.13 -26.79
CA ARG D 39 30.09 6.49 -26.28
C ARG D 39 30.20 7.49 -27.42
N ALA D 40 30.89 7.12 -28.50
CA ALA D 40 30.95 7.98 -29.67
C ALA D 40 29.59 8.12 -30.34
N SER D 41 28.82 7.03 -30.43
CA SER D 41 27.51 7.10 -31.05
C SER D 41 26.55 7.98 -30.25
N LEU D 42 26.59 7.87 -28.91
CA LEU D 42 25.69 8.67 -28.09
C LEU D 42 25.98 10.15 -28.24
N GLU D 43 27.24 10.52 -28.47
CA GLU D 43 27.62 11.92 -28.54
C GLU D 43 27.01 12.62 -29.75
N THR D 44 26.80 11.91 -30.86
CA THR D 44 26.36 12.54 -32.09
C THR D 44 24.83 12.64 -32.23
N THR D 45 24.06 12.03 -31.34
CA THR D 45 22.62 12.02 -31.45
C THR D 45 22.01 13.28 -30.84
N ASN D 46 20.84 13.66 -31.34
CA ASN D 46 20.08 14.78 -30.75
C ASN D 46 18.61 14.46 -30.62
N GLN D 47 18.26 13.17 -30.50
CA GLN D 47 16.86 12.75 -30.47
C GLN D 47 16.54 12.07 -29.14
N ALA D 48 15.26 12.16 -28.76
CA ALA D 48 14.82 11.53 -27.53
C ALA D 48 14.94 10.01 -27.60
N ILE D 49 14.59 9.43 -28.74
CA ILE D 49 14.66 7.99 -28.96
C ILE D 49 15.38 7.75 -30.28
N GLU D 50 16.39 6.89 -30.26
CA GLU D 50 17.10 6.56 -31.48
C GLU D 50 17.79 5.21 -31.32
N ALA D 51 17.77 4.42 -32.38
CA ALA D 51 18.42 3.12 -32.40
C ALA D 51 19.84 3.26 -32.93
N ILE D 52 20.79 2.64 -32.23
CA ILE D 52 22.19 2.66 -32.61
C ILE D 52 22.46 1.44 -33.47
N ARG D 53 22.76 1.66 -34.75
CA ARG D 53 22.96 0.58 -35.72
C ARG D 53 24.46 0.40 -35.95
N GLN D 54 25.09 -0.43 -35.12
CA GLN D 54 26.49 -0.79 -35.32
C GLN D 54 26.53 -2.18 -35.96
N ALA D 55 27.02 -2.21 -37.20
CA ALA D 55 26.95 -3.41 -38.03
C ALA D 55 27.62 -4.60 -37.37
N GLY D 56 26.97 -5.76 -37.44
CA GLY D 56 27.46 -6.99 -36.89
C GLY D 56 27.03 -7.27 -35.46
N GLN D 57 26.35 -6.32 -34.81
CA GLN D 57 25.99 -6.47 -33.41
C GLN D 57 24.54 -6.02 -33.19
N GLY D 58 23.92 -6.50 -32.11
CA GLY D 58 22.50 -6.24 -31.90
C GLY D 58 22.20 -4.77 -31.68
N MET D 59 20.98 -4.39 -32.04
CA MET D 59 20.58 -2.99 -31.98
C MET D 59 20.45 -2.52 -30.53
N ILE D 60 20.89 -1.28 -30.29
CA ILE D 60 20.81 -0.64 -28.99
C ILE D 60 19.92 0.58 -29.12
N LEU D 61 18.95 0.71 -28.21
CA LEU D 61 18.02 1.83 -28.21
C LEU D 61 18.49 2.86 -27.19
N ALA D 62 18.68 4.11 -27.63
CA ALA D 62 19.14 5.19 -26.78
C ALA D 62 17.99 6.14 -26.49
N VAL D 63 17.75 6.39 -25.20
CA VAL D 63 16.65 7.24 -24.75
C VAL D 63 17.21 8.40 -23.95
N GLN D 64 16.86 9.62 -24.37
CA GLN D 64 17.19 10.86 -23.68
C GLN D 64 15.91 11.45 -23.09
N GLY D 65 15.89 11.65 -21.77
CA GLY D 65 14.65 11.92 -21.06
C GLY D 65 14.12 13.33 -21.15
N VAL D 66 14.94 14.31 -21.53
CA VAL D 66 14.50 15.69 -21.65
C VAL D 66 14.66 16.24 -23.06
N GLN D 67 15.12 15.42 -24.01
CA GLN D 67 15.45 15.95 -25.34
C GLN D 67 14.21 16.45 -26.07
N ASP D 68 13.07 15.79 -25.89
CA ASP D 68 11.82 16.27 -26.50
C ASP D 68 11.54 17.71 -26.11
N TYR D 69 11.64 18.02 -24.81
CA TYR D 69 11.39 19.37 -24.35
C TYR D 69 12.37 20.37 -24.98
N ILE D 70 13.62 19.98 -25.14
CA ILE D 70 14.61 20.87 -25.74
C ILE D 70 14.27 21.13 -27.21
N ASN D 71 14.01 20.08 -27.99
CA ASN D 71 13.74 20.27 -29.41
C ASN D 71 12.39 20.92 -29.66
N ASN D 72 11.37 20.56 -28.89
CA ASN D 72 10.02 21.05 -29.14
C ASN D 72 9.76 22.42 -28.54
N GLU D 73 10.27 22.68 -27.34
CA GLU D 73 9.87 23.85 -26.57
C GLU D 73 10.93 24.94 -26.54
N LEU D 74 12.19 24.59 -26.27
CA LEU D 74 13.25 25.57 -26.04
C LEU D 74 13.90 26.05 -27.33
N ILE D 75 14.33 25.13 -28.19
CA ILE D 75 15.00 25.52 -29.43
C ILE D 75 14.15 26.43 -30.31
N PRO D 76 12.87 26.14 -30.56
CA PRO D 76 12.06 27.05 -31.39
C PRO D 76 11.92 28.45 -30.80
N SER D 77 12.07 28.60 -29.48
CA SER D 77 11.89 29.89 -28.82
C SER D 77 13.20 30.59 -28.52
N MET D 78 14.31 30.15 -29.13
CA MET D 78 15.60 30.79 -28.84
C MET D 78 15.66 32.21 -29.37
N ASN D 79 14.94 32.51 -30.45
CA ASN D 79 14.97 33.86 -31.01
C ASN D 79 14.10 34.85 -30.26
N GLN D 80 13.15 34.40 -29.45
CA GLN D 80 12.25 35.29 -28.75
C GLN D 80 12.53 35.41 -27.25
N LEU D 81 13.16 34.41 -26.65
CA LEU D 81 13.48 34.46 -25.23
C LEU D 81 14.93 34.92 -25.03
N SER D 82 15.24 35.26 -23.78
CA SER D 82 16.60 35.64 -23.42
C SER D 82 17.43 34.41 -23.07
N CYS D 83 18.75 34.62 -23.05
CA CYS D 83 19.65 33.52 -22.69
C CYS D 83 19.41 33.04 -21.27
N ASP D 84 19.13 33.98 -20.35
CA ASP D 84 18.92 33.59 -18.95
C ASP D 84 17.64 32.78 -18.78
N LEU D 85 16.57 33.15 -19.48
CA LEU D 85 15.31 32.44 -19.31
C LEU D 85 15.39 31.03 -19.90
N ILE D 86 16.17 30.85 -20.97
CA ILE D 86 16.38 29.52 -21.52
C ILE D 86 17.02 28.60 -20.48
N GLY D 87 18.04 29.11 -19.79
CA GLY D 87 18.70 28.31 -18.77
C GLY D 87 17.79 28.00 -17.60
N GLN D 88 16.95 28.97 -17.22
CA GLN D 88 16.04 28.77 -16.10
C GLN D 88 15.01 27.68 -16.40
N LYS D 89 14.52 27.64 -17.64
CA LYS D 89 13.52 26.63 -18.00
C LYS D 89 14.11 25.23 -18.03
N LEU D 90 15.29 25.08 -18.65
CA LEU D 90 15.92 23.75 -18.69
C LEU D 90 16.36 23.31 -17.29
N GLY D 91 16.83 24.25 -16.47
CA GLY D 91 17.23 23.90 -15.12
C GLY D 91 16.09 23.31 -14.32
N LEU D 92 14.87 23.81 -14.53
CA LEU D 92 13.70 23.26 -13.87
C LEU D 92 13.44 21.82 -14.29
N LYS D 93 13.62 21.51 -15.58
CA LYS D 93 13.40 20.15 -16.06
C LYS D 93 14.53 19.22 -15.62
N LEU D 94 15.76 19.72 -15.61
CA LEU D 94 16.89 18.89 -15.21
C LEU D 94 16.75 18.44 -13.77
N LEU D 95 16.37 19.35 -12.87
CA LEU D 95 16.24 19.01 -11.46
C LEU D 95 15.12 17.98 -11.23
N ARG D 96 14.00 18.15 -11.92
CA ARG D 96 12.92 17.17 -11.82
C ARG D 96 13.35 15.82 -12.36
N TYR D 97 14.12 15.81 -13.46
CA TYR D 97 14.66 14.56 -13.99
C TYR D 97 15.63 13.91 -13.02
N TYR D 98 16.49 14.71 -12.38
CA TYR D 98 17.42 14.18 -11.40
C TYR D 98 16.68 13.52 -10.23
N THR D 99 15.57 14.11 -9.79
CA THR D 99 14.81 13.54 -8.70
C THR D 99 14.31 12.14 -9.04
N GLU D 100 13.83 11.96 -10.27
CA GLU D 100 13.38 10.64 -10.69
C GLU D 100 14.54 9.65 -10.78
N ILE D 101 15.70 10.10 -11.27
CA ILE D 101 16.88 9.25 -11.27
C ILE D 101 17.27 8.86 -9.86
N LEU D 102 17.28 9.84 -8.94
CA LEU D 102 17.53 9.53 -7.54
C LEU D 102 16.49 8.57 -6.99
N SER D 103 15.23 8.74 -7.38
CA SER D 103 14.20 7.83 -6.92
C SER D 103 14.41 6.41 -7.44
N LEU D 104 14.77 6.27 -8.71
CA LEU D 104 14.98 4.95 -9.29
C LEU D 104 16.28 4.33 -8.82
N PHE D 105 17.39 5.05 -8.97
CA PHE D 105 18.72 4.49 -8.84
C PHE D 105 19.45 4.94 -7.57
N GLY D 106 18.74 5.58 -6.64
CA GLY D 106 19.37 6.07 -5.44
C GLY D 106 19.47 5.02 -4.36
N PRO D 107 19.74 5.45 -3.12
CA PRO D 107 19.94 4.48 -2.03
C PRO D 107 18.73 3.59 -1.76
N SER D 108 17.53 3.99 -2.16
CA SER D 108 16.38 3.11 -2.03
C SER D 108 16.55 1.85 -2.88
N LEU D 109 17.32 1.93 -3.95
CA LEU D 109 17.59 0.77 -4.81
C LEU D 109 18.55 -0.15 -4.08
N ARG D 110 18.02 -1.18 -3.44
CA ARG D 110 18.82 -2.13 -2.69
C ARG D 110 19.28 -3.25 -3.63
N ASP D 111 20.58 -3.54 -3.61
CA ASP D 111 21.17 -4.59 -4.44
C ASP D 111 20.93 -4.31 -5.92
N PRO D 112 21.61 -3.31 -6.50
CA PRO D 112 21.37 -3.00 -7.92
C PRO D 112 21.64 -4.15 -8.87
N ILE D 113 22.56 -5.05 -8.54
CA ILE D 113 22.94 -6.12 -9.46
C ILE D 113 21.79 -7.10 -9.64
N SER D 114 21.12 -7.46 -8.55
CA SER D 114 20.03 -8.43 -8.59
C SER D 114 18.66 -7.79 -8.80
N ALA D 115 18.59 -6.47 -8.95
CA ALA D 115 17.31 -5.79 -9.02
C ALA D 115 16.71 -5.85 -10.42
N GLU D 116 15.41 -6.04 -10.48
CA GLU D 116 14.65 -6.02 -11.72
C GLU D 116 13.67 -4.85 -11.69
N ILE D 117 13.77 -3.97 -12.67
CA ILE D 117 12.91 -2.79 -12.76
C ILE D 117 11.98 -2.98 -13.94
N SER D 118 10.68 -2.91 -13.69
CA SER D 118 9.70 -3.01 -14.76
C SER D 118 9.77 -1.77 -15.65
N ILE D 119 9.34 -1.93 -16.90
CA ILE D 119 9.40 -0.85 -17.86
C ILE D 119 8.52 0.32 -17.44
N GLN D 120 7.39 0.04 -16.80
CA GLN D 120 6.48 1.09 -16.36
C GLN D 120 7.15 2.01 -15.33
N ALA D 121 7.93 1.43 -14.41
CA ALA D 121 8.65 2.24 -13.43
C ALA D 121 9.66 3.18 -14.07
N LEU D 122 10.19 2.82 -15.24
CA LEU D 122 11.18 3.64 -15.93
C LEU D 122 10.55 4.70 -16.83
N SER D 123 9.23 4.89 -16.74
CA SER D 123 8.53 5.73 -17.71
C SER D 123 9.06 7.16 -17.70
N TYR D 124 9.21 7.75 -16.51
CA TYR D 124 9.69 9.13 -16.43
C TYR D 124 11.14 9.22 -16.92
N ALA D 125 11.98 8.26 -16.55
CA ALA D 125 13.36 8.27 -17.01
C ALA D 125 13.46 8.18 -18.53
N LEU D 126 12.48 7.53 -19.17
CA LEU D 126 12.45 7.38 -20.61
C LEU D 126 11.74 8.53 -21.32
N GLY D 127 11.33 9.56 -20.60
CA GLY D 127 10.65 10.69 -21.20
C GLY D 127 9.19 10.83 -20.84
N GLY D 128 8.66 10.00 -19.95
CA GLY D 128 7.29 10.08 -19.49
C GLY D 128 6.36 9.04 -20.09
N ASP D 129 6.77 8.38 -21.17
CA ASP D 129 5.91 7.42 -21.84
C ASP D 129 6.76 6.28 -22.38
N ILE D 130 6.20 5.08 -22.37
CA ILE D 130 6.90 3.87 -22.82
C ILE D 130 6.38 3.35 -24.14
N ASN D 131 5.34 3.97 -24.71
CA ASN D 131 4.71 3.41 -25.90
C ASN D 131 5.65 3.43 -27.10
N LYS D 132 6.39 4.52 -27.30
CA LYS D 132 7.30 4.59 -28.43
C LYS D 132 8.53 3.71 -28.22
N VAL D 133 8.98 3.57 -26.98
CA VAL D 133 10.11 2.69 -26.69
C VAL D 133 9.74 1.24 -27.01
N LEU D 134 8.54 0.82 -26.63
CA LEU D 134 8.09 -0.54 -26.94
C LEU D 134 7.96 -0.74 -28.46
N GLU D 135 7.52 0.28 -29.17
CA GLU D 135 7.39 0.19 -30.63
C GLU D 135 8.75 -0.03 -31.30
N LYS D 136 9.76 0.74 -30.88
CA LYS D 136 11.07 0.61 -31.51
C LYS D 136 11.89 -0.54 -30.96
N LEU D 137 11.51 -1.09 -29.80
CA LEU D 137 12.10 -2.34 -29.33
C LEU D 137 11.55 -3.55 -30.06
N GLY D 138 10.49 -3.39 -30.85
CA GLY D 138 9.85 -4.50 -31.51
C GLY D 138 8.88 -5.28 -30.65
N TYR D 139 8.61 -4.81 -29.43
CA TYR D 139 7.73 -5.54 -28.51
C TYR D 139 6.29 -5.28 -28.91
N SER D 140 5.67 -6.24 -29.59
CA SER D 140 4.28 -6.14 -30.00
C SER D 140 3.70 -7.54 -30.06
N GLY D 141 2.42 -7.62 -30.43
CA GLY D 141 1.76 -8.90 -30.61
C GLY D 141 0.47 -8.95 -29.83
N GLY D 142 -0.16 -10.12 -29.87
CA GLY D 142 -1.45 -10.33 -29.24
C GLY D 142 -1.42 -10.58 -27.74
N ASP D 143 -0.24 -10.64 -27.14
CA ASP D 143 -0.11 -10.88 -25.71
C ASP D 143 0.46 -9.69 -24.96
N LEU D 144 0.64 -8.54 -25.63
CA LEU D 144 1.27 -7.39 -25.00
C LEU D 144 0.44 -6.86 -23.84
N LEU D 145 -0.88 -6.78 -24.00
CA LEU D 145 -1.73 -6.20 -22.96
C LEU D 145 -1.61 -6.97 -21.66
N GLY D 146 -1.71 -8.30 -21.73
CA GLY D 146 -1.60 -9.11 -20.53
C GLY D 146 -0.20 -9.08 -19.93
N ILE D 147 0.82 -9.09 -20.78
CA ILE D 147 2.21 -9.09 -20.31
C ILE D 147 2.54 -7.75 -19.66
N LEU D 148 2.18 -6.65 -20.31
CA LEU D 148 2.52 -5.33 -19.79
C LEU D 148 1.82 -5.05 -18.46
N GLU D 149 0.53 -5.37 -18.38
CA GLU D 149 -0.21 -5.08 -17.15
C GLU D 149 0.25 -5.96 -15.99
N SER D 150 0.75 -7.15 -16.28
CA SER D 150 1.36 -7.96 -15.22
C SER D 150 2.74 -7.47 -14.84
N ARG D 151 3.27 -6.46 -15.54
CA ARG D 151 4.62 -5.94 -15.34
C ARG D 151 5.66 -7.04 -15.57
N GLY D 152 5.61 -7.62 -16.77
CA GLY D 152 6.50 -8.72 -17.13
C GLY D 152 7.70 -8.32 -17.96
N ILE D 153 7.75 -7.06 -18.41
CA ILE D 153 8.87 -6.55 -19.18
C ILE D 153 9.82 -5.88 -18.19
N LYS D 154 10.90 -6.59 -17.86
CA LYS D 154 11.82 -6.19 -16.79
C LYS D 154 13.14 -5.74 -17.38
N ALA D 155 13.82 -4.85 -16.65
CA ALA D 155 15.13 -4.34 -17.04
C ALA D 155 16.13 -4.58 -15.93
N ARG D 156 17.40 -4.73 -16.31
CA ARG D 156 18.49 -4.93 -15.38
C ARG D 156 19.64 -4.01 -15.76
N ILE D 157 20.29 -3.44 -14.75
CA ILE D 157 21.44 -2.58 -15.00
C ILE D 157 22.62 -3.43 -15.45
N THR D 158 23.24 -3.03 -16.55
CA THR D 158 24.35 -3.73 -17.16
C THR D 158 25.67 -3.00 -17.02
N HIS D 159 25.70 -1.71 -17.37
CA HIS D 159 26.90 -0.90 -17.31
C HIS D 159 26.53 0.52 -16.93
N VAL D 160 27.39 1.15 -16.14
CA VAL D 160 27.20 2.54 -15.71
C VAL D 160 28.49 3.29 -15.99
N ASP D 161 28.41 4.29 -16.85
CA ASP D 161 29.57 5.11 -17.22
C ASP D 161 29.43 6.48 -16.58
N THR D 162 30.32 6.79 -15.63
CA THR D 162 30.32 8.10 -14.98
C THR D 162 31.11 9.14 -15.74
N GLU D 163 31.78 8.76 -16.83
CA GLU D 163 32.55 9.71 -17.62
C GLU D 163 31.69 10.42 -18.66
N SER D 164 30.84 9.67 -19.35
CA SER D 164 29.89 10.24 -20.30
C SER D 164 28.45 10.20 -19.82
N TYR D 165 28.22 9.74 -18.59
CA TYR D 165 26.93 9.84 -17.92
C TYR D 165 25.84 9.10 -18.70
N PHE D 166 25.96 7.76 -18.71
CA PHE D 166 24.91 6.95 -19.29
C PHE D 166 24.80 5.63 -18.53
N ILE D 167 23.62 5.03 -18.63
CA ILE D 167 23.32 3.76 -17.97
C ILE D 167 22.82 2.78 -19.02
N VAL D 168 23.41 1.58 -19.03
CA VAL D 168 23.01 0.53 -19.95
C VAL D 168 22.13 -0.46 -19.20
N LEU D 169 21.00 -0.81 -19.82
CA LEU D 169 20.03 -1.72 -19.23
C LEU D 169 19.81 -2.90 -20.16
N SER D 170 19.57 -4.08 -19.59
CA SER D 170 19.21 -5.27 -20.33
C SER D 170 17.71 -5.50 -20.18
N ILE D 171 16.98 -5.55 -21.29
CA ILE D 171 15.54 -5.68 -21.29
C ILE D 171 15.13 -6.89 -22.12
N ALA D 172 14.10 -7.60 -21.66
CA ALA D 172 13.65 -8.82 -22.30
C ALA D 172 12.12 -8.83 -22.41
N TYR D 173 11.63 -9.32 -23.54
CA TYR D 173 10.21 -9.55 -23.76
C TYR D 173 9.89 -11.01 -23.47
N PRO D 174 9.12 -11.32 -22.43
CA PRO D 174 8.86 -12.72 -22.09
C PRO D 174 7.91 -13.39 -23.07
N THR D 175 7.96 -14.71 -23.10
CA THR D 175 6.97 -15.53 -23.77
C THR D 175 6.17 -16.31 -22.73
N LEU D 176 4.94 -16.65 -23.08
CA LEU D 176 4.00 -17.25 -22.15
C LEU D 176 3.95 -18.76 -22.32
N SER D 177 3.95 -19.47 -21.19
CA SER D 177 3.93 -20.92 -21.18
C SER D 177 2.82 -21.40 -20.25
N GLU D 178 1.93 -22.23 -20.77
CA GLU D 178 0.89 -22.83 -19.94
C GLU D 178 1.49 -23.95 -19.09
N ILE D 179 0.99 -24.08 -17.86
CA ILE D 179 1.38 -25.16 -16.98
C ILE D 179 0.29 -26.22 -17.06
N LYS D 180 0.60 -27.35 -17.70
CA LYS D 180 -0.41 -28.35 -18.01
C LYS D 180 -0.97 -28.95 -16.72
N GLY D 181 -2.29 -29.04 -16.66
CA GLY D 181 -2.98 -29.61 -15.52
C GLY D 181 -3.25 -28.66 -14.38
N VAL D 182 -3.08 -27.35 -14.58
CA VAL D 182 -3.31 -26.35 -13.54
C VAL D 182 -4.56 -25.56 -13.90
N ILE D 183 -5.54 -25.56 -13.00
CA ILE D 183 -6.77 -24.80 -13.17
C ILE D 183 -6.90 -23.84 -11.99
N VAL D 184 -7.10 -22.57 -12.30
CA VAL D 184 -7.32 -21.54 -11.29
C VAL D 184 -8.82 -21.36 -11.12
N HIS D 185 -9.33 -21.63 -9.92
CA HIS D 185 -10.74 -21.50 -9.62
C HIS D 185 -11.01 -20.23 -8.83
N ARG D 186 -12.03 -19.49 -9.25
CA ARG D 186 -12.51 -18.33 -8.51
C ARG D 186 -13.65 -18.76 -7.61
N LEU D 187 -13.58 -18.37 -6.34
CA LEU D 187 -14.62 -18.71 -5.38
C LEU D 187 -15.41 -17.46 -5.00
N GLU D 188 -16.70 -17.66 -4.78
CA GLU D 188 -17.57 -16.61 -4.26
C GLU D 188 -18.53 -17.24 -3.26
N GLY D 189 -18.86 -16.48 -2.23
CA GLY D 189 -19.69 -17.01 -1.16
C GLY D 189 -20.98 -16.26 -0.97
N VAL D 190 -21.96 -16.92 -0.36
CA VAL D 190 -23.23 -16.33 0.01
C VAL D 190 -23.48 -16.61 1.48
N SER D 191 -24.01 -15.62 2.20
CA SER D 191 -24.25 -15.78 3.61
C SER D 191 -25.44 -16.69 3.87
N TYR D 192 -25.45 -17.33 5.03
CA TYR D 192 -26.56 -18.14 5.48
C TYR D 192 -26.93 -17.72 6.90
N ASN D 193 -28.09 -18.18 7.36
CA ASN D 193 -28.60 -17.80 8.67
C ASN D 193 -28.78 -19.02 9.57
N ILE D 194 -28.34 -18.87 10.81
CA ILE D 194 -28.62 -19.83 11.88
C ILE D 194 -29.46 -19.06 12.90
N GLY D 195 -30.75 -19.38 12.97
CA GLY D 195 -31.63 -18.63 13.84
C GLY D 195 -31.78 -17.20 13.36
N SER D 196 -31.17 -16.26 14.07
CA SER D 196 -31.21 -14.85 13.70
C SER D 196 -29.86 -14.31 13.24
N GLN D 197 -28.81 -15.12 13.31
CA GLN D 197 -27.45 -14.67 13.01
C GLN D 197 -27.06 -15.04 11.59
N GLU D 198 -26.38 -14.12 10.91
CA GLU D 198 -25.99 -14.26 9.51
C GLU D 198 -24.50 -14.59 9.44
N TRP D 199 -24.17 -15.77 8.92
CA TRP D 199 -22.82 -16.28 8.91
C TRP D 199 -22.28 -16.36 7.49
N TYR D 200 -20.96 -16.55 7.39
CA TYR D 200 -20.24 -16.55 6.13
C TYR D 200 -19.04 -17.49 6.25
N THR D 201 -18.94 -18.45 5.33
CA THR D 201 -17.77 -19.32 5.30
C THR D 201 -16.54 -18.53 4.85
N THR D 202 -15.39 -18.86 5.43
CA THR D 202 -14.12 -18.20 5.10
C THR D 202 -13.33 -19.09 4.15
N VAL D 203 -13.24 -18.67 2.89
CA VAL D 203 -12.49 -19.39 1.87
C VAL D 203 -11.63 -18.39 1.10
N PRO D 204 -10.56 -18.86 0.46
CA PRO D 204 -9.76 -17.96 -0.37
C PRO D 204 -10.54 -17.46 -1.59
N LYS D 205 -10.14 -16.28 -2.07
CA LYS D 205 -10.73 -15.75 -3.30
C LYS D 205 -10.35 -16.60 -4.50
N TYR D 206 -9.10 -17.06 -4.56
CA TYR D 206 -8.61 -17.88 -5.66
C TYR D 206 -7.93 -19.12 -5.12
N VAL D 207 -8.19 -20.25 -5.76
CA VAL D 207 -7.51 -21.51 -5.47
C VAL D 207 -7.12 -22.14 -6.80
N ALA D 208 -6.13 -23.02 -6.74
CA ALA D 208 -5.64 -23.69 -7.94
C ALA D 208 -5.44 -25.17 -7.66
N THR D 209 -5.73 -25.99 -8.66
CA THR D 209 -5.66 -27.44 -8.51
C THR D 209 -4.71 -28.03 -9.55
N GLN D 210 -4.16 -29.19 -9.22
CA GLN D 210 -3.31 -29.95 -10.12
C GLN D 210 -3.58 -31.43 -9.83
N GLY D 211 -4.51 -32.01 -10.57
CA GLY D 211 -4.99 -33.35 -10.25
C GLY D 211 -5.60 -33.39 -8.86
N TYR D 212 -5.00 -34.18 -7.98
CA TYR D 212 -5.46 -34.28 -6.60
C TYR D 212 -5.09 -33.05 -5.76
N LEU D 213 -4.00 -32.38 -6.09
CA LEU D 213 -3.43 -31.37 -5.21
C LEU D 213 -4.14 -30.03 -5.35
N ILE D 214 -4.34 -29.36 -4.22
CA ILE D 214 -4.90 -28.02 -4.17
C ILE D 214 -3.88 -27.11 -3.50
N SER D 215 -3.72 -25.90 -4.02
CA SER D 215 -2.80 -24.94 -3.44
C SER D 215 -3.43 -23.55 -3.46
N ASN D 216 -2.88 -22.66 -2.65
CA ASN D 216 -3.26 -21.27 -2.70
C ASN D 216 -2.77 -20.62 -3.99
N PHE D 217 -3.44 -19.54 -4.38
CA PHE D 217 -3.10 -18.80 -5.58
C PHE D 217 -2.94 -17.34 -5.17
N ASP D 218 -1.81 -16.74 -5.55
CA ASP D 218 -1.51 -15.35 -5.23
C ASP D 218 -1.68 -14.54 -6.50
N GLU D 219 -2.73 -13.71 -6.55
CA GLU D 219 -3.08 -13.00 -7.77
C GLU D 219 -2.40 -11.64 -7.87
N SER D 220 -1.39 -11.37 -7.03
CA SER D 220 -0.79 -10.05 -6.99
C SER D 220 -0.10 -9.70 -8.30
N SER D 221 0.62 -10.66 -8.90
CA SER D 221 1.35 -10.41 -10.13
C SER D 221 0.60 -10.84 -11.38
N CYS D 222 -0.64 -11.32 -11.24
CA CYS D 222 -1.39 -11.92 -12.34
C CYS D 222 -2.35 -10.92 -12.99
N THR D 223 -2.76 -11.23 -14.21
CA THR D 223 -3.76 -10.47 -14.95
C THR D 223 -4.71 -11.46 -15.61
N PHE D 224 -5.95 -11.53 -15.12
CA PHE D 224 -6.95 -12.46 -15.65
C PHE D 224 -7.44 -11.97 -17.01
N MET D 225 -6.85 -12.50 -18.07
CA MET D 225 -7.21 -12.16 -19.43
C MET D 225 -8.31 -13.10 -19.92
N PRO D 226 -9.05 -12.72 -20.97
CA PRO D 226 -10.12 -13.61 -21.46
C PRO D 226 -9.62 -14.98 -21.89
N GLU D 227 -8.37 -15.09 -22.32
CA GLU D 227 -7.79 -16.35 -22.78
C GLU D 227 -7.02 -17.08 -21.69
N GLY D 228 -6.96 -16.54 -20.48
CA GLY D 228 -6.25 -17.20 -19.40
C GLY D 228 -5.57 -16.25 -18.43
N THR D 229 -4.98 -16.80 -17.38
CA THR D 229 -4.37 -16.00 -16.32
C THR D 229 -2.87 -15.88 -16.57
N VAL D 230 -2.39 -14.65 -16.73
CA VAL D 230 -0.99 -14.38 -17.05
C VAL D 230 -0.32 -13.80 -15.81
N CYS D 231 0.66 -14.52 -15.27
CA CYS D 231 1.32 -14.15 -14.03
C CYS D 231 2.80 -13.91 -14.28
N SER D 232 3.33 -12.79 -13.78
CA SER D 232 4.73 -12.44 -13.96
C SER D 232 5.64 -13.02 -12.86
N GLN D 233 5.06 -13.59 -11.81
CA GLN D 233 5.82 -14.29 -10.78
C GLN D 233 5.18 -15.65 -10.56
N ASN D 234 5.78 -16.44 -9.67
CA ASN D 234 5.15 -17.69 -9.24
C ASN D 234 3.94 -17.37 -8.37
N ALA D 235 2.75 -17.68 -8.89
CA ALA D 235 1.52 -17.38 -8.17
C ALA D 235 1.06 -18.52 -7.26
N LEU D 236 1.60 -19.72 -7.45
CA LEU D 236 1.17 -20.87 -6.67
C LEU D 236 2.00 -20.96 -5.40
N TYR D 237 1.33 -21.11 -4.25
CA TYR D 237 2.01 -21.33 -2.99
C TYR D 237 1.17 -22.27 -2.15
N PRO D 238 1.78 -23.02 -1.23
CA PRO D 238 1.08 -24.13 -0.59
C PRO D 238 -0.10 -23.69 0.27
N MET D 239 -1.04 -24.61 0.42
CA MET D 239 -2.21 -24.44 1.27
C MET D 239 -2.11 -25.37 2.46
N SER D 240 -2.55 -24.90 3.62
CA SER D 240 -2.44 -25.71 4.82
C SER D 240 -3.30 -26.96 4.70
N PRO D 241 -2.88 -28.06 5.34
CA PRO D 241 -3.66 -29.31 5.24
C PRO D 241 -5.11 -29.18 5.67
N LEU D 242 -5.38 -28.39 6.72
CA LEU D 242 -6.74 -28.28 7.23
C LEU D 242 -7.66 -27.57 6.25
N LEU D 243 -7.20 -26.47 5.67
CA LEU D 243 -8.00 -25.77 4.67
C LEU D 243 -8.13 -26.61 3.40
N GLN D 244 -7.19 -27.53 3.18
CA GLN D 244 -7.32 -28.48 2.07
C GLN D 244 -8.48 -29.43 2.31
N GLU D 245 -8.68 -29.86 3.55
CA GLU D 245 -9.82 -30.69 3.89
C GLU D 245 -11.14 -29.97 3.65
N CYS D 246 -11.19 -28.68 4.00
CA CYS D 246 -12.36 -27.86 3.74
C CYS D 246 -12.77 -27.92 2.27
N LEU D 247 -11.82 -27.67 1.37
CA LEU D 247 -12.12 -27.61 -0.05
C LEU D 247 -12.40 -28.98 -0.65
N ARG D 248 -11.98 -30.05 0.03
CA ARG D 248 -12.22 -31.41 -0.43
C ARG D 248 -13.53 -31.98 0.06
N GLY D 249 -14.34 -31.20 0.77
CA GLY D 249 -15.67 -31.63 1.16
C GLY D 249 -15.92 -31.73 2.66
N SER D 250 -14.94 -31.44 3.52
CA SER D 250 -15.18 -31.46 4.96
C SER D 250 -15.67 -30.09 5.38
N THR D 251 -16.97 -29.99 5.70
CA THR D 251 -17.53 -28.69 6.03
C THR D 251 -17.13 -28.24 7.44
N LYS D 252 -16.90 -29.17 8.36
CA LYS D 252 -16.51 -28.76 9.70
C LYS D 252 -15.09 -28.21 9.75
N SER D 253 -14.27 -28.48 8.73
CA SER D 253 -12.95 -27.90 8.65
C SER D 253 -12.96 -26.45 8.21
N CYS D 254 -14.06 -26.00 7.59
CA CYS D 254 -14.17 -24.62 7.15
C CYS D 254 -14.60 -23.71 8.30
N ALA D 255 -13.90 -22.59 8.43
CA ALA D 255 -14.24 -21.58 9.43
C ALA D 255 -15.31 -20.63 8.89
N ARG D 256 -15.96 -19.92 9.81
CA ARG D 256 -17.07 -19.07 9.47
C ARG D 256 -17.06 -17.83 10.36
N THR D 257 -17.50 -16.70 9.81
CA THR D 257 -17.49 -15.42 10.51
C THR D 257 -18.87 -14.77 10.44
N LEU D 258 -19.24 -14.12 11.54
CA LEU D 258 -20.39 -13.23 11.53
C LEU D 258 -20.10 -12.03 10.62
N VAL D 259 -21.14 -11.57 9.95
CA VAL D 259 -21.00 -10.47 9.00
C VAL D 259 -21.68 -9.24 9.54
N SER D 260 -21.32 -8.09 8.97
CA SER D 260 -21.98 -6.85 9.30
C SER D 260 -23.45 -6.89 8.93
N GLY D 261 -24.22 -5.99 9.55
CA GLY D 261 -25.66 -5.95 9.33
C GLY D 261 -26.08 -5.54 7.94
N SER D 262 -25.16 -5.04 7.12
CA SER D 262 -25.48 -4.60 5.77
C SER D 262 -24.68 -5.39 4.73
N PHE D 263 -24.66 -6.71 4.88
CA PHE D 263 -23.90 -7.57 3.97
C PHE D 263 -24.46 -7.47 2.55
N GLY D 264 -23.56 -7.48 1.58
CA GLY D 264 -23.90 -7.38 0.17
C GLY D 264 -23.81 -8.65 -0.64
N ASN D 265 -23.65 -9.82 -0.01
CA ASN D 265 -23.61 -11.11 -0.71
C ASN D 265 -24.64 -12.04 -0.06
N ARG D 266 -25.90 -11.91 -0.48
CA ARG D 266 -26.98 -12.69 0.09
C ARG D 266 -27.71 -13.53 -0.93
N PHE D 267 -27.33 -13.46 -2.20
CA PHE D 267 -27.85 -14.33 -3.24
C PHE D 267 -26.81 -14.43 -4.34
N ILE D 268 -26.77 -15.57 -5.02
CA ILE D 268 -25.84 -15.80 -6.11
C ILE D 268 -26.53 -16.63 -7.17
N LEU D 269 -26.25 -16.31 -8.43
CA LEU D 269 -26.71 -17.11 -9.57
C LEU D 269 -25.61 -18.11 -9.93
N SER D 270 -25.97 -19.39 -9.92
CA SER D 270 -24.98 -20.45 -10.13
C SER D 270 -25.64 -21.60 -10.88
N GLN D 271 -25.10 -21.92 -12.06
CA GLN D 271 -25.62 -22.99 -12.92
C GLN D 271 -27.09 -22.75 -13.29
N GLY D 272 -27.47 -21.49 -13.45
CA GLY D 272 -28.84 -21.15 -13.78
C GLY D 272 -29.81 -21.13 -12.62
N ASN D 273 -29.36 -21.44 -11.41
CA ASN D 273 -30.19 -21.41 -10.22
C ASN D 273 -29.72 -20.31 -9.28
N LEU D 274 -30.62 -19.85 -8.43
CA LEU D 274 -30.31 -18.83 -7.44
C LEU D 274 -30.18 -19.46 -6.07
N ILE D 275 -29.02 -19.25 -5.44
CA ILE D 275 -28.79 -19.61 -4.05
C ILE D 275 -28.91 -18.31 -3.27
N ALA D 276 -29.95 -18.20 -2.45
CA ALA D 276 -30.24 -16.97 -1.73
C ALA D 276 -30.45 -17.29 -0.26
N ASN D 277 -30.07 -16.33 0.59
CA ASN D 277 -30.28 -16.50 2.02
C ASN D 277 -31.77 -16.53 2.36
N CYS D 278 -32.54 -15.58 1.81
CA CYS D 278 -34.00 -15.57 1.91
C CYS D 278 -34.52 -15.46 3.35
N ALA D 279 -33.62 -15.39 4.32
CA ALA D 279 -33.98 -15.05 5.69
C ALA D 279 -33.39 -13.73 6.13
N SER D 280 -32.50 -13.14 5.32
CA SER D 280 -32.06 -11.77 5.49
C SER D 280 -32.48 -10.86 4.35
N ILE D 281 -32.96 -11.43 3.25
CA ILE D 281 -33.50 -10.68 2.12
C ILE D 281 -34.84 -11.29 1.75
N LEU D 282 -35.68 -10.47 1.12
CA LEU D 282 -37.02 -10.89 0.75
C LEU D 282 -36.98 -11.66 -0.55
N CYS D 283 -37.48 -12.89 -0.53
CA CYS D 283 -37.59 -13.72 -1.73
C CYS D 283 -39.07 -13.98 -2.01
N LYS D 284 -39.49 -13.60 -3.21
CA LYS D 284 -40.89 -13.68 -3.61
C LYS D 284 -40.98 -14.34 -4.97
N CYS D 285 -41.94 -15.24 -5.13
CA CYS D 285 -42.15 -15.90 -6.42
C CYS D 285 -43.05 -15.03 -7.30
N TYR D 286 -42.52 -14.67 -8.47
CA TYR D 286 -43.26 -13.80 -9.39
C TYR D 286 -44.41 -14.53 -10.05
N THR D 287 -44.23 -15.81 -10.39
CA THR D 287 -45.22 -16.52 -11.18
C THR D 287 -46.52 -16.76 -10.43
N THR D 288 -46.50 -16.68 -9.10
CA THR D 288 -47.69 -16.88 -8.29
C THR D 288 -47.93 -15.78 -7.26
N GLY D 289 -46.98 -14.87 -7.07
CA GLY D 289 -47.13 -13.79 -6.13
C GLY D 289 -46.85 -14.14 -4.69
N THR D 290 -46.49 -15.38 -4.39
CA THR D 290 -46.28 -15.83 -3.02
C THR D 290 -44.86 -15.51 -2.55
N ILE D 291 -44.69 -15.47 -1.24
CA ILE D 291 -43.41 -15.19 -0.61
C ILE D 291 -42.68 -16.50 -0.39
N ILE D 292 -41.39 -16.54 -0.74
CA ILE D 292 -40.56 -17.71 -0.50
C ILE D 292 -40.02 -17.62 0.92
N ASN D 293 -40.63 -18.35 1.84
CA ASN D 293 -40.22 -18.34 3.24
C ASN D 293 -39.20 -19.45 3.49
N GLN D 294 -38.21 -19.14 4.32
CA GLN D 294 -37.14 -20.08 4.63
C GLN D 294 -37.39 -20.73 5.98
N ASP D 295 -37.31 -22.05 6.00
CA ASP D 295 -37.49 -22.79 7.25
C ASP D 295 -36.36 -22.44 8.21
N PRO D 296 -36.64 -22.26 9.50
CA PRO D 296 -35.56 -21.99 10.45
C PRO D 296 -34.62 -23.16 10.65
N ASP D 297 -35.00 -24.36 10.26
CA ASP D 297 -34.11 -25.52 10.29
C ASP D 297 -33.23 -25.59 9.04
N LYS D 298 -33.42 -24.68 8.08
CA LYS D 298 -32.58 -24.61 6.89
C LYS D 298 -31.82 -23.28 6.90
N ILE D 299 -30.67 -23.28 6.25
CA ILE D 299 -29.80 -22.10 6.23
C ILE D 299 -29.77 -21.40 4.89
N LEU D 300 -30.22 -22.05 3.82
CA LEU D 300 -30.13 -21.45 2.50
C LEU D 300 -31.32 -21.91 1.68
N THR D 301 -31.58 -21.19 0.59
CA THR D 301 -32.63 -21.55 -0.36
C THR D 301 -32.02 -21.72 -1.75
N TYR D 302 -32.45 -22.78 -2.44
CA TYR D 302 -31.97 -23.11 -3.78
C TYR D 302 -33.16 -23.07 -4.72
N ILE D 303 -33.31 -21.99 -5.46
CA ILE D 303 -34.51 -21.73 -6.26
C ILE D 303 -34.24 -22.13 -7.70
N ALA D 304 -35.13 -22.95 -8.26
CA ALA D 304 -35.06 -23.41 -9.63
C ALA D 304 -36.45 -23.39 -10.24
N ALA D 305 -36.52 -23.48 -11.57
CA ALA D 305 -37.78 -23.30 -12.27
C ALA D 305 -38.83 -24.34 -11.90
N ASP D 306 -38.41 -25.50 -11.38
CA ASP D 306 -39.39 -26.50 -10.99
C ASP D 306 -40.28 -26.05 -9.85
N HIS D 307 -39.87 -25.02 -9.09
CA HIS D 307 -40.70 -24.44 -8.05
C HIS D 307 -41.04 -22.99 -8.28
N CYS D 308 -40.21 -22.24 -8.99
CA CYS D 308 -40.53 -20.84 -9.24
C CYS D 308 -39.84 -20.38 -10.51
N PRO D 309 -40.54 -20.40 -11.65
CA PRO D 309 -39.88 -20.05 -12.92
C PRO D 309 -39.28 -18.66 -12.93
N VAL D 310 -39.93 -17.69 -12.30
CA VAL D 310 -39.43 -16.33 -12.21
C VAL D 310 -39.53 -15.89 -10.76
N VAL D 311 -38.41 -15.43 -10.20
CA VAL D 311 -38.32 -15.06 -8.80
C VAL D 311 -37.80 -13.63 -8.70
N GLU D 312 -38.41 -12.86 -7.81
CA GLU D 312 -37.96 -11.51 -7.52
C GLU D 312 -37.22 -11.53 -6.18
N VAL D 313 -35.96 -11.14 -6.19
CA VAL D 313 -35.13 -11.17 -4.99
C VAL D 313 -34.41 -9.83 -4.87
N ASN D 314 -34.55 -9.20 -3.70
CA ASN D 314 -33.86 -7.94 -3.39
C ASN D 314 -34.22 -6.84 -4.39
N GLY D 315 -35.45 -6.88 -4.90
CA GLY D 315 -35.89 -5.88 -5.85
C GLY D 315 -35.51 -6.11 -7.29
N VAL D 316 -34.91 -7.26 -7.61
CA VAL D 316 -34.51 -7.59 -8.97
C VAL D 316 -35.23 -8.87 -9.37
N THR D 317 -35.80 -8.87 -10.57
CA THR D 317 -36.58 -9.99 -11.08
C THR D 317 -35.68 -10.84 -11.97
N ILE D 318 -35.53 -12.12 -11.62
CA ILE D 318 -34.61 -13.03 -12.30
C ILE D 318 -35.37 -14.27 -12.73
N GLN D 319 -35.10 -14.74 -13.94
CA GLN D 319 -35.64 -16.01 -14.43
C GLN D 319 -34.61 -17.12 -14.26
N VAL D 320 -35.07 -18.29 -13.84
CA VAL D 320 -34.17 -19.39 -13.52
C VAL D 320 -34.54 -20.62 -14.34
N GLY D 321 -33.55 -21.46 -14.59
CA GLY D 321 -33.71 -22.67 -15.36
C GLY D 321 -34.04 -23.88 -14.51
N SER D 322 -33.78 -25.05 -15.07
CA SER D 322 -34.08 -26.30 -14.38
C SER D 322 -33.18 -26.50 -13.17
N ARG D 323 -33.61 -27.40 -12.29
CA ARG D 323 -32.88 -27.64 -11.06
C ARG D 323 -31.54 -28.32 -11.33
N ARG D 324 -30.48 -27.74 -10.75
CA ARG D 324 -29.13 -28.28 -10.83
C ARG D 324 -28.43 -28.24 -9.49
N TYR D 325 -29.16 -27.90 -8.42
CA TYR D 325 -28.68 -28.00 -7.04
C TYR D 325 -29.73 -28.74 -6.23
N PRO D 326 -29.34 -29.71 -5.41
CA PRO D 326 -30.33 -30.35 -4.54
C PRO D 326 -30.97 -29.34 -3.61
N ASP D 327 -32.28 -29.49 -3.41
CA ASP D 327 -33.00 -28.51 -2.61
C ASP D 327 -32.58 -28.65 -1.15
N ALA D 328 -32.56 -27.52 -0.43
CA ALA D 328 -31.77 -27.38 0.77
C ALA D 328 -32.06 -28.46 1.81
N VAL D 329 -31.01 -28.86 2.51
CA VAL D 329 -31.11 -29.85 3.56
C VAL D 329 -31.19 -29.14 4.90
N TYR D 330 -31.57 -29.90 5.93
CA TYR D 330 -31.70 -29.33 7.26
C TYR D 330 -30.34 -29.10 7.90
N LEU D 331 -30.31 -28.21 8.89
CA LEU D 331 -29.06 -27.89 9.57
C LEU D 331 -28.48 -29.09 10.30
N HIS D 332 -29.33 -30.00 10.79
CA HIS D 332 -28.84 -31.17 11.50
C HIS D 332 -28.10 -32.14 10.59
N ARG D 333 -28.18 -31.96 9.28
CA ARG D 333 -27.47 -32.78 8.32
C ARG D 333 -26.22 -32.10 7.78
N ILE D 334 -25.88 -30.94 8.31
CA ILE D 334 -24.66 -30.21 7.93
C ILE D 334 -23.84 -30.00 9.19
N ASP D 335 -22.59 -30.47 9.18
CA ASP D 335 -21.66 -30.24 10.28
C ASP D 335 -20.87 -28.97 9.98
N LEU D 336 -21.09 -27.93 10.77
CA LEU D 336 -20.48 -26.63 10.54
C LEU D 336 -19.17 -26.49 11.30
N GLY D 337 -18.36 -25.52 10.88
CA GLY D 337 -17.05 -25.31 11.44
C GLY D 337 -17.01 -24.26 12.53
N PRO D 338 -15.81 -23.88 12.95
CA PRO D 338 -15.67 -22.97 14.09
C PRO D 338 -15.86 -21.52 13.70
N PRO D 339 -16.49 -20.72 14.56
CA PRO D 339 -16.51 -19.27 14.33
C PRO D 339 -15.16 -18.64 14.66
N ILE D 340 -14.72 -17.74 13.76
CA ILE D 340 -13.41 -17.11 13.88
C ILE D 340 -13.56 -15.61 13.61
N SER D 341 -12.50 -14.88 13.95
CA SER D 341 -12.36 -13.47 13.63
C SER D 341 -11.01 -13.26 12.96
N LEU D 342 -11.02 -12.61 11.80
CA LEU D 342 -9.84 -12.52 10.96
C LEU D 342 -8.96 -11.31 11.25
N GLY D 343 -9.43 -10.35 12.05
CA GLY D 343 -8.65 -9.16 12.31
C GLY D 343 -7.41 -9.46 13.14
N ARG D 344 -6.35 -8.68 12.88
CA ARG D 344 -5.07 -8.92 13.52
C ARG D 344 -5.18 -8.83 15.04
N LEU D 345 -5.89 -7.81 15.53
CA LEU D 345 -6.04 -7.64 16.96
C LEU D 345 -6.94 -8.71 17.57
N ASP D 346 -7.99 -9.13 16.84
CA ASP D 346 -8.82 -10.22 17.31
C ASP D 346 -8.05 -11.53 17.37
N VAL D 347 -7.18 -11.76 16.37
CA VAL D 347 -6.34 -12.96 16.38
C VAL D 347 -5.41 -12.95 17.59
N GLY D 348 -4.73 -11.83 17.82
CA GLY D 348 -3.81 -11.75 18.93
C GLY D 348 -4.49 -11.93 20.27
N THR D 349 -5.67 -11.32 20.44
CA THR D 349 -6.41 -11.48 21.69
C THR D 349 -6.79 -12.93 21.94
N ASN D 350 -7.31 -13.61 20.91
CA ASN D 350 -7.73 -15.00 21.10
C ASN D 350 -6.55 -15.95 21.18
N LEU D 351 -5.51 -15.73 20.36
CA LEU D 351 -4.30 -16.56 20.45
C LEU D 351 -3.65 -16.43 21.83
N GLY D 352 -3.57 -15.20 22.34
CA GLY D 352 -3.01 -15.01 23.67
C GLY D 352 -3.79 -15.72 24.76
N ASN D 353 -5.11 -15.72 24.64
CA ASN D 353 -5.95 -16.46 25.58
C ASN D 353 -5.72 -17.96 25.46
N ALA D 354 -5.60 -18.48 24.23
CA ALA D 354 -5.45 -19.91 24.03
C ALA D 354 -4.12 -20.42 24.56
N ILE D 355 -3.04 -19.66 24.33
CA ILE D 355 -1.73 -20.04 24.85
C ILE D 355 -1.73 -20.04 26.37
N ALA D 356 -2.39 -19.06 26.98
CA ALA D 356 -2.41 -18.96 28.43
C ALA D 356 -3.07 -20.18 29.07
N LYS D 357 -4.17 -20.66 28.47
CA LYS D 357 -4.78 -21.89 28.96
C LYS D 357 -3.82 -23.08 28.79
N LEU D 358 -2.96 -23.04 27.78
CA LEU D 358 -1.98 -24.10 27.61
C LEU D 358 -0.88 -24.02 28.67
N GLU D 359 -0.42 -22.81 29.00
CA GLU D 359 0.56 -22.67 30.07
C GLU D 359 -0.03 -23.11 31.41
N ASP D 360 -1.31 -22.79 31.65
CA ASP D 360 -1.91 -23.10 32.93
C ASP D 360 -2.13 -24.61 33.10
N ALA D 361 -2.09 -25.36 32.00
CA ALA D 361 -2.38 -26.80 32.04
C ALA D 361 -1.16 -27.65 31.68
N LYS D 362 0.05 -27.14 31.89
CA LYS D 362 1.25 -27.91 31.52
C LYS D 362 1.34 -29.21 32.31
N GLU D 363 1.25 -29.13 33.63
CA GLU D 363 1.49 -30.30 34.48
C GLU D 363 0.58 -31.47 34.10
N LEU D 364 -0.62 -31.18 33.61
CA LEU D 364 -1.53 -32.23 33.18
C LEU D 364 -1.11 -32.82 31.83
N LEU D 365 -0.57 -32.00 30.94
CA LEU D 365 -0.26 -32.48 29.60
C LEU D 365 0.92 -33.45 29.58
N GLU D 366 1.97 -33.17 30.35
CA GLU D 366 3.07 -34.11 30.47
C GLU D 366 2.82 -35.21 31.50
N SER D 367 1.63 -35.25 32.09
CA SER D 367 1.18 -36.41 32.85
C SER D 367 0.33 -37.35 32.02
N SER D 368 0.31 -37.17 30.69
CA SER D 368 -0.56 -37.97 29.84
C SER D 368 -0.19 -39.44 29.87
N ASP D 369 1.11 -39.75 29.77
CA ASP D 369 1.52 -41.15 29.67
C ASP D 369 1.20 -41.92 30.96
N GLN D 370 1.36 -41.29 32.12
CA GLN D 370 0.87 -41.92 33.34
C GLN D 370 -0.64 -42.09 33.29
N ILE D 371 -1.36 -41.04 32.85
CA ILE D 371 -2.82 -41.09 32.83
C ILE D 371 -3.31 -42.09 31.80
N LEU D 372 -2.76 -42.02 30.58
CA LEU D 372 -3.25 -42.88 29.50
C LEU D 372 -2.93 -44.35 29.77
N ARG D 373 -1.68 -44.65 30.10
CA ARG D 373 -1.30 -46.04 30.35
C ARG D 373 -2.02 -46.58 31.58
N SER D 374 -2.03 -45.81 32.66
CA SER D 374 -2.72 -46.22 33.88
C SER D 374 -4.11 -45.61 33.96
N GLN E 24 -22.21 -1.13 28.55
CA GLN E 24 -21.58 -0.64 27.33
C GLN E 24 -20.06 -0.74 27.54
N ILE E 25 -19.31 0.32 27.24
CA ILE E 25 -17.87 0.35 27.49
C ILE E 25 -17.65 0.76 28.94
N HIS E 26 -16.93 -0.07 29.69
CA HIS E 26 -16.67 0.19 31.10
C HIS E 26 -15.39 1.01 31.19
N TRP E 27 -15.55 2.34 31.16
CA TRP E 27 -14.40 3.23 31.16
C TRP E 27 -13.62 3.18 32.46
N GLY E 28 -14.27 2.72 33.55
CA GLY E 28 -13.57 2.61 34.82
C GLY E 28 -12.45 1.59 34.79
N ASN E 29 -12.75 0.37 34.33
CA ASN E 29 -11.69 -0.64 34.24
C ASN E 29 -10.70 -0.38 33.12
N LEU E 30 -11.13 0.24 32.02
CA LEU E 30 -10.19 0.51 30.94
C LEU E 30 -9.11 1.49 31.38
N SER E 31 -9.44 2.47 32.22
CA SER E 31 -8.44 3.41 32.71
C SER E 31 -7.46 2.79 33.69
N LYS E 32 -7.84 1.69 34.36
CA LYS E 32 -6.93 1.04 35.28
C LYS E 32 -5.80 0.32 34.56
N ILE E 33 -5.89 0.15 33.24
CA ILE E 33 -4.81 -0.42 32.46
C ILE E 33 -4.39 0.58 31.39
N GLY E 34 -4.66 1.86 31.65
CA GLY E 34 -4.17 2.93 30.79
C GLY E 34 -4.88 3.11 29.46
N VAL E 35 -6.17 2.82 29.40
CA VAL E 35 -6.97 3.01 28.19
C VAL E 35 -8.04 4.05 28.48
N VAL E 36 -8.08 5.10 27.66
CA VAL E 36 -9.09 6.16 27.81
C VAL E 36 -9.63 6.52 26.43
N GLY E 37 -10.82 7.13 26.43
CA GLY E 37 -11.40 7.66 25.20
C GLY E 37 -11.06 9.13 25.06
N ILE E 38 -10.64 9.53 23.87
CA ILE E 38 -10.23 10.90 23.62
C ILE E 38 -11.19 11.60 22.67
N GLY E 39 -12.35 11.01 22.39
CA GLY E 39 -13.31 11.64 21.51
C GLY E 39 -14.31 10.69 20.92
N SER E 40 -15.52 11.18 20.65
CA SER E 40 -16.58 10.39 20.03
C SER E 40 -17.24 11.23 18.94
N ALA E 41 -17.89 10.54 18.00
CA ALA E 41 -18.53 11.22 16.89
C ALA E 41 -19.68 10.37 16.36
N SER E 42 -20.60 11.05 15.68
CA SER E 42 -21.72 10.39 15.03
C SER E 42 -21.29 9.73 13.73
N TYR E 43 -22.05 8.72 13.32
CA TYR E 43 -21.74 7.90 12.16
C TYR E 43 -22.73 8.23 11.04
N LYS E 44 -22.21 8.63 9.90
CA LYS E 44 -23.03 8.90 8.72
C LYS E 44 -22.58 8.02 7.56
N VAL E 45 -23.55 7.52 6.79
CA VAL E 45 -23.30 6.71 5.62
C VAL E 45 -23.82 7.43 4.39
N MET E 46 -23.67 6.81 3.22
CA MET E 46 -24.04 7.44 1.96
C MET E 46 -25.11 6.63 1.23
N THR E 47 -26.09 7.32 0.68
CA THR E 47 -27.06 6.75 -0.24
C THR E 47 -27.22 7.71 -1.41
N ARG E 48 -27.47 7.14 -2.59
CA ARG E 48 -27.50 7.89 -3.82
C ARG E 48 -28.87 7.74 -4.47
N SER E 49 -29.45 8.88 -4.88
CA SER E 49 -30.80 8.91 -5.44
C SER E 49 -30.81 9.24 -6.92
N SER E 50 -30.24 10.37 -7.31
CA SER E 50 -30.23 10.81 -8.70
C SER E 50 -28.88 10.54 -9.33
N HIS E 51 -28.88 10.35 -10.65
CA HIS E 51 -27.69 10.02 -11.40
C HIS E 51 -27.57 10.94 -12.60
N GLN E 52 -26.36 11.37 -12.88
CA GLN E 52 -26.06 12.17 -14.07
C GLN E 52 -25.24 11.34 -15.04
N SER E 53 -25.15 11.83 -16.27
CA SER E 53 -24.36 11.19 -17.33
C SER E 53 -23.14 12.04 -17.64
N LEU E 54 -21.97 11.42 -17.61
CA LEU E 54 -20.71 12.06 -17.96
C LEU E 54 -20.08 11.25 -19.09
N VAL E 55 -19.90 11.89 -20.25
CA VAL E 55 -19.36 11.21 -21.42
C VAL E 55 -17.93 11.69 -21.65
N ILE E 56 -17.02 10.72 -21.76
CA ILE E 56 -15.61 10.99 -22.05
C ILE E 56 -15.47 11.00 -23.57
N LYS E 57 -15.39 12.19 -24.15
CA LYS E 57 -15.14 12.34 -25.59
C LYS E 57 -13.66 12.07 -25.84
N LEU E 58 -13.35 10.91 -26.43
CA LEU E 58 -11.96 10.51 -26.59
C LEU E 58 -11.28 11.12 -27.81
N MET E 59 -12.03 11.63 -28.77
CA MET E 59 -11.44 12.17 -29.99
C MET E 59 -11.50 13.69 -29.97
N PRO E 60 -10.37 14.38 -29.95
CA PRO E 60 -10.39 15.83 -29.87
C PRO E 60 -10.82 16.49 -31.18
N ASN E 61 -11.31 17.72 -31.05
CA ASN E 61 -11.59 18.57 -32.20
C ASN E 61 -10.28 19.18 -32.67
N ILE E 62 -9.85 18.79 -33.87
CA ILE E 62 -8.55 19.17 -34.41
C ILE E 62 -8.72 19.89 -35.74
N THR E 63 -9.88 20.53 -35.92
CA THR E 63 -10.19 21.17 -37.19
C THR E 63 -9.20 22.29 -37.50
N LEU E 64 -8.85 23.11 -36.50
CA LEU E 64 -7.98 24.25 -36.72
C LEU E 64 -6.51 23.87 -36.79
N LEU E 65 -6.16 22.60 -36.56
CA LEU E 65 -4.78 22.16 -36.71
C LEU E 65 -4.41 21.85 -38.16
N ASN E 66 -5.37 21.91 -39.08
CA ASN E 66 -5.11 21.89 -40.53
C ASN E 66 -4.31 20.66 -40.96
N ASN E 67 -4.83 19.48 -40.63
CA ASN E 67 -4.31 18.21 -41.15
C ASN E 67 -2.86 17.98 -40.76
N CYS E 68 -2.41 18.59 -39.67
CA CYS E 68 -1.02 18.49 -39.24
C CYS E 68 -0.78 17.36 -38.25
N THR E 69 -1.82 16.59 -37.89
CA THR E 69 -1.71 15.55 -36.88
C THR E 69 -2.37 14.25 -37.31
N ARG E 70 -2.43 13.99 -38.63
CA ARG E 70 -3.18 12.84 -39.13
C ARG E 70 -2.59 11.53 -38.62
N VAL E 71 -1.28 11.35 -38.73
CA VAL E 71 -0.65 10.10 -38.34
C VAL E 71 -0.78 9.88 -36.83
N GLU E 72 -0.57 10.93 -36.04
CA GLU E 72 -0.67 10.81 -34.60
C GLU E 72 -2.09 10.49 -34.16
N ILE E 73 -3.10 11.05 -34.83
CA ILE E 73 -4.49 10.74 -34.50
C ILE E 73 -4.82 9.29 -34.85
N ALA E 74 -4.39 8.83 -36.03
CA ALA E 74 -4.69 7.46 -36.45
C ALA E 74 -4.05 6.44 -35.53
N GLU E 75 -2.79 6.66 -35.16
CA GLU E 75 -2.13 5.76 -34.21
C GLU E 75 -2.82 5.81 -32.85
N TYR E 76 -3.29 6.99 -32.44
CA TYR E 76 -4.03 7.12 -31.19
C TYR E 76 -5.33 6.32 -31.24
N ARG E 77 -6.06 6.39 -32.36
CA ARG E 77 -7.27 5.62 -32.51
C ARG E 77 -7.00 4.13 -32.49
N ARG E 78 -5.91 3.69 -33.13
CA ARG E 78 -5.58 2.28 -33.17
C ARG E 78 -5.35 1.72 -31.77
N LEU E 79 -4.63 2.47 -30.93
CA LEU E 79 -4.41 2.04 -29.56
C LEU E 79 -5.70 2.03 -28.76
N LEU E 80 -6.60 2.99 -29.01
CA LEU E 80 -7.86 3.06 -28.26
C LEU E 80 -8.72 1.84 -28.52
N ARG E 81 -8.78 1.37 -29.77
CA ARG E 81 -9.64 0.24 -30.12
C ARG E 81 -9.27 -1.00 -29.32
N THR E 82 -7.98 -1.21 -29.05
CA THR E 82 -7.55 -2.38 -28.29
C THR E 82 -8.04 -2.36 -26.86
N VAL E 83 -8.44 -1.20 -26.34
CA VAL E 83 -8.98 -1.11 -24.99
C VAL E 83 -10.51 -1.09 -25.00
N LEU E 84 -11.11 -0.43 -26.00
CA LEU E 84 -12.54 -0.21 -26.01
C LEU E 84 -13.34 -1.47 -26.33
N GLU E 85 -12.87 -2.28 -27.29
CA GLU E 85 -13.65 -3.43 -27.74
C GLU E 85 -13.93 -4.44 -26.65
N PRO E 86 -12.98 -4.88 -25.82
CA PRO E 86 -13.32 -5.85 -24.77
C PRO E 86 -14.37 -5.35 -23.81
N ILE E 87 -14.38 -4.05 -23.48
CA ILE E 87 -15.38 -3.53 -22.57
C ILE E 87 -16.76 -3.50 -23.22
N ARG E 88 -16.82 -3.11 -24.50
CA ARG E 88 -18.09 -3.08 -25.20
C ARG E 88 -18.68 -4.49 -25.33
N ASP E 89 -17.82 -5.49 -25.58
CA ASP E 89 -18.30 -6.87 -25.64
C ASP E 89 -18.88 -7.31 -24.32
N ALA E 90 -18.27 -6.90 -23.21
CA ALA E 90 -18.80 -7.25 -21.90
C ALA E 90 -20.17 -6.62 -21.66
N LEU E 91 -20.34 -5.36 -22.06
CA LEU E 91 -21.62 -4.69 -21.88
C LEU E 91 -22.72 -5.36 -22.70
N ASN E 92 -22.43 -5.69 -23.95
CA ASN E 92 -23.44 -6.33 -24.80
C ASN E 92 -23.80 -7.73 -24.29
N ALA E 93 -22.83 -8.43 -23.70
CA ALA E 93 -23.09 -9.76 -23.19
C ALA E 93 -24.08 -9.74 -22.03
N MET E 94 -24.00 -8.73 -21.18
CA MET E 94 -24.98 -8.57 -20.11
C MET E 94 -26.30 -8.03 -20.64
N THR E 95 -26.24 -7.09 -21.59
CA THR E 95 -27.45 -6.44 -22.08
C THR E 95 -28.35 -7.41 -22.83
N GLN E 96 -27.77 -8.39 -23.53
CA GLN E 96 -28.57 -9.40 -24.21
C GLN E 96 -29.36 -10.28 -23.24
N ASN E 97 -28.96 -10.32 -21.96
CA ASN E 97 -29.66 -11.11 -20.95
C ASN E 97 -30.74 -10.32 -20.23
N ILE E 98 -30.94 -9.06 -20.57
CA ILE E 98 -31.99 -8.23 -19.98
C ILE E 98 -33.17 -8.22 -20.94
N ARG E 99 -34.34 -8.62 -20.44
CA ARG E 99 -35.54 -8.75 -21.26
C ARG E 99 -36.73 -8.14 -20.55
N PRO E 100 -37.70 -7.62 -21.31
CA PRO E 100 -38.87 -7.01 -20.69
C PRO E 100 -39.68 -8.02 -19.87
N VAL E 101 -40.21 -7.54 -18.75
CA VAL E 101 -40.99 -8.39 -17.85
C VAL E 101 -42.36 -8.74 -18.44
N GLN E 102 -42.82 -7.98 -19.43
CA GLN E 102 -44.12 -8.27 -20.04
C GLN E 102 -44.08 -9.57 -20.81
N SER E 103 -42.92 -9.95 -21.34
CA SER E 103 -42.80 -11.20 -22.09
C SER E 103 -42.94 -12.42 -21.18
N VAL E 104 -42.47 -12.32 -19.94
CA VAL E 104 -42.61 -13.42 -19.01
C VAL E 104 -43.92 -13.28 -18.23
N GLY F 3 -40.58 -2.64 -16.24
CA GLY F 3 -39.75 -3.62 -15.57
C GLY F 3 -39.07 -4.58 -16.53
N VAL F 4 -37.95 -5.15 -16.09
CA VAL F 4 -37.21 -6.11 -16.90
C VAL F 4 -36.87 -7.34 -16.05
N VAL F 5 -36.53 -8.42 -16.74
CA VAL F 5 -36.21 -9.70 -16.13
C VAL F 5 -34.86 -10.16 -16.63
N LEU F 6 -34.02 -10.64 -15.72
CA LEU F 6 -32.72 -11.20 -16.08
C LEU F 6 -32.90 -12.63 -16.53
N ALA F 7 -32.26 -12.99 -17.65
CA ALA F 7 -32.28 -14.36 -18.16
C ALA F 7 -31.18 -15.14 -17.45
N GLY F 8 -31.47 -15.53 -16.20
CA GLY F 8 -30.45 -16.18 -15.39
C GLY F 8 -30.07 -17.57 -15.88
N ALA F 9 -31.02 -18.27 -16.50
CA ALA F 9 -30.69 -19.55 -17.12
C ALA F 9 -29.70 -19.36 -18.25
N ALA F 10 -29.87 -18.30 -19.04
CA ALA F 10 -28.94 -18.03 -20.14
C ALA F 10 -27.63 -17.43 -19.64
N LEU F 11 -27.69 -16.60 -18.60
CA LEU F 11 -26.48 -15.99 -18.07
C LEU F 11 -25.61 -17.03 -17.36
N GLY F 12 -26.25 -17.92 -16.60
CA GLY F 12 -25.53 -19.02 -15.97
C GLY F 12 -25.03 -18.74 -14.58
N VAL F 13 -24.00 -17.91 -14.46
CA VAL F 13 -23.39 -17.60 -13.16
C VAL F 13 -23.18 -16.09 -13.07
N ALA F 14 -23.53 -15.52 -11.93
CA ALA F 14 -23.32 -14.09 -11.69
C ALA F 14 -23.45 -13.82 -10.20
N THR F 15 -22.64 -12.88 -9.71
CA THR F 15 -22.72 -12.45 -8.33
C THR F 15 -23.84 -11.43 -8.14
N ALA F 16 -24.19 -11.19 -6.88
CA ALA F 16 -25.22 -10.20 -6.57
C ALA F 16 -24.84 -8.81 -7.08
N ALA F 17 -23.56 -8.47 -6.98
CA ALA F 17 -23.08 -7.19 -7.52
C ALA F 17 -23.26 -7.12 -9.03
N GLN F 18 -22.94 -8.20 -9.73
CA GLN F 18 -23.08 -8.22 -11.18
C GLN F 18 -24.54 -8.16 -11.60
N ILE F 19 -25.40 -8.89 -10.91
CA ILE F 19 -26.82 -8.89 -11.24
C ILE F 19 -27.43 -7.52 -10.98
N THR F 20 -27.11 -6.91 -9.83
CA THR F 20 -27.66 -5.61 -9.50
C THR F 20 -27.19 -4.54 -10.48
N ALA F 21 -25.89 -4.51 -10.77
CA ALA F 21 -25.37 -3.52 -11.70
C ALA F 21 -25.85 -3.79 -13.12
N GLY F 22 -26.06 -5.05 -13.47
CA GLY F 22 -26.60 -5.37 -14.77
C GLY F 22 -28.01 -4.87 -14.98
N ILE F 23 -28.86 -5.03 -13.96
CA ILE F 23 -30.23 -4.52 -14.04
C ILE F 23 -30.24 -3.00 -13.99
N ALA F 24 -29.41 -2.41 -13.13
CA ALA F 24 -29.29 -0.96 -13.07
C ALA F 24 -28.77 -0.40 -14.38
N LEU F 25 -28.11 -1.22 -15.20
CA LEU F 25 -27.67 -0.76 -16.51
C LEU F 25 -28.85 -0.47 -17.42
N HIS F 26 -29.96 -1.20 -17.25
CA HIS F 26 -31.16 -0.92 -18.03
C HIS F 26 -31.70 0.48 -17.72
N GLN F 27 -31.70 0.87 -16.45
CA GLN F 27 -32.21 2.18 -16.07
C GLN F 27 -31.25 3.30 -16.43
N SER F 28 -29.94 3.04 -16.45
CA SER F 28 -28.95 4.08 -16.63
C SER F 28 -28.47 4.25 -18.07
N MET F 29 -28.65 3.25 -18.93
CA MET F 29 -28.26 3.41 -20.33
C MET F 29 -29.18 4.36 -21.06
N LEU F 30 -28.61 5.16 -21.95
CA LEU F 30 -29.39 5.93 -22.89
C LEU F 30 -30.05 5.00 -23.91
N ASN F 31 -31.24 5.38 -24.37
CA ASN F 31 -31.83 4.68 -25.49
C ASN F 31 -31.05 4.99 -26.77
N SER F 32 -31.27 4.16 -27.80
CA SER F 32 -30.47 4.27 -29.02
C SER F 32 -30.67 5.61 -29.70
N GLN F 33 -31.85 6.22 -29.54
CA GLN F 33 -32.08 7.54 -30.13
C GLN F 33 -31.18 8.59 -29.49
N ALA F 34 -31.00 8.53 -28.16
CA ALA F 34 -30.11 9.46 -27.49
C ALA F 34 -28.67 9.28 -27.96
N ILE F 35 -28.26 8.03 -28.17
CA ILE F 35 -26.90 7.75 -28.64
C ILE F 35 -26.65 8.42 -29.99
N ASP F 36 -27.63 8.34 -30.89
CA ASP F 36 -27.49 8.98 -32.20
C ASP F 36 -27.45 10.50 -32.07
N ASN F 37 -28.28 11.08 -31.20
CA ASN F 37 -28.24 12.52 -30.99
C ASN F 37 -26.98 12.93 -30.22
N LEU F 38 -26.55 12.11 -29.26
CA LEU F 38 -25.33 12.41 -28.53
C LEU F 38 -24.12 12.38 -29.46
N ARG F 39 -24.07 11.41 -30.36
CA ARG F 39 -22.96 11.31 -31.30
C ARG F 39 -22.88 12.54 -32.19
N ALA F 40 -24.02 13.02 -32.69
CA ALA F 40 -24.02 14.24 -33.48
C ALA F 40 -23.62 15.45 -32.65
N SER F 41 -24.08 15.51 -31.40
CA SER F 41 -23.71 16.63 -30.52
C SER F 41 -22.22 16.60 -30.21
N LEU F 42 -21.65 15.42 -29.99
CA LEU F 42 -20.22 15.33 -29.67
C LEU F 42 -19.37 15.81 -30.83
N GLU F 43 -19.76 15.52 -32.07
CA GLU F 43 -19.00 16.02 -33.21
C GLU F 43 -19.50 17.39 -33.64
N THR F 44 -19.68 18.27 -32.66
CA THR F 44 -19.85 19.71 -32.89
C THR F 44 -19.13 20.57 -31.87
N THR F 45 -18.70 20.02 -30.74
CA THR F 45 -18.09 20.80 -29.67
C THR F 45 -16.58 20.85 -29.84
N ASN F 46 -15.98 21.90 -29.28
CA ASN F 46 -14.52 22.04 -29.31
C ASN F 46 -13.99 22.57 -27.98
N GLN F 47 -14.69 22.30 -26.89
CA GLN F 47 -14.29 22.75 -25.57
C GLN F 47 -13.93 21.56 -24.69
N ALA F 48 -13.13 21.83 -23.66
CA ALA F 48 -12.71 20.76 -22.76
C ALA F 48 -13.89 20.24 -21.94
N ILE F 49 -14.78 21.14 -21.51
CA ILE F 49 -15.97 20.77 -20.76
C ILE F 49 -17.16 21.46 -21.40
N GLU F 50 -18.20 20.69 -21.72
CA GLU F 50 -19.40 21.25 -22.31
C GLU F 50 -20.62 20.45 -21.90
N ALA F 51 -21.65 21.15 -21.47
CA ALA F 51 -22.92 20.53 -21.14
C ALA F 51 -23.77 20.40 -22.39
N ILE F 52 -24.25 19.19 -22.66
CA ILE F 52 -25.10 18.91 -23.80
C ILE F 52 -26.52 18.69 -23.28
N ARG F 53 -27.44 19.57 -23.63
CA ARG F 53 -28.81 19.52 -23.13
C ARG F 53 -29.74 19.09 -24.25
N GLN F 54 -30.16 17.83 -24.20
CA GLN F 54 -31.15 17.27 -25.12
C GLN F 54 -32.52 17.57 -24.54
N ALA F 55 -33.16 18.61 -25.06
CA ALA F 55 -34.43 19.12 -24.54
C ALA F 55 -35.44 18.00 -24.33
N GLY F 56 -35.97 17.91 -23.11
CA GLY F 56 -36.85 16.85 -22.72
C GLY F 56 -36.17 15.69 -21.99
N GLN F 57 -34.84 15.69 -21.94
CA GLN F 57 -34.07 14.64 -21.31
C GLN F 57 -33.00 15.27 -20.41
N GLY F 58 -32.50 14.49 -19.46
CA GLY F 58 -31.52 15.00 -18.52
C GLY F 58 -30.22 15.42 -19.18
N MET F 59 -29.52 16.31 -18.50
CA MET F 59 -28.32 16.94 -19.06
C MET F 59 -27.14 15.97 -19.06
N ILE F 60 -26.30 16.08 -20.08
CA ILE F 60 -25.13 15.25 -20.25
C ILE F 60 -23.90 16.15 -20.34
N LEU F 61 -22.86 15.81 -19.60
CA LEU F 61 -21.63 16.59 -19.57
C LEU F 61 -20.57 15.89 -20.41
N ALA F 62 -19.94 16.63 -21.32
CA ALA F 62 -18.94 16.09 -22.22
C ALA F 62 -17.56 16.67 -21.90
N VAL F 63 -16.58 15.80 -21.70
CA VAL F 63 -15.24 16.18 -21.29
C VAL F 63 -14.24 15.63 -22.31
N GLN F 64 -13.39 16.52 -22.84
CA GLN F 64 -12.29 16.16 -23.73
C GLN F 64 -10.98 16.40 -22.99
N GLY F 65 -10.16 15.35 -22.89
CA GLY F 65 -9.00 15.35 -22.00
C GLY F 65 -7.74 16.02 -22.52
N VAL F 66 -7.68 16.37 -23.80
CA VAL F 66 -6.53 17.08 -24.36
C VAL F 66 -6.93 18.34 -25.09
N GLN F 67 -8.18 18.79 -24.94
CA GLN F 67 -8.65 19.94 -25.71
C GLN F 67 -8.08 21.26 -25.19
N ASP F 68 -7.86 21.38 -23.88
CA ASP F 68 -7.25 22.59 -23.35
C ASP F 68 -5.87 22.81 -23.96
N TYR F 69 -5.05 21.75 -24.01
CA TYR F 69 -3.72 21.86 -24.61
C TYR F 69 -3.81 22.32 -26.06
N ILE F 70 -4.73 21.74 -26.82
CA ILE F 70 -4.89 22.14 -28.22
C ILE F 70 -5.36 23.59 -28.31
N ASN F 71 -6.37 23.95 -27.53
CA ASN F 71 -6.94 25.30 -27.63
C ASN F 71 -5.98 26.36 -27.10
N ASN F 72 -5.25 26.07 -26.02
CA ASN F 72 -4.42 27.05 -25.35
C ASN F 72 -2.98 27.09 -25.84
N GLU F 73 -2.42 25.95 -26.24
CA GLU F 73 -1.02 25.87 -26.64
C GLU F 73 -0.83 25.69 -28.14
N LEU F 74 -1.50 24.71 -28.74
CA LEU F 74 -1.22 24.33 -30.12
C LEU F 74 -1.84 25.30 -31.12
N ILE F 75 -3.13 25.61 -30.95
CA ILE F 75 -3.80 26.49 -31.91
C ILE F 75 -3.17 27.87 -31.98
N PRO F 76 -2.85 28.54 -30.86
CA PRO F 76 -2.18 29.85 -30.98
C PRO F 76 -0.81 29.78 -31.64
N SER F 77 -0.16 28.61 -31.63
CA SER F 77 1.17 28.44 -32.19
C SER F 77 1.14 28.05 -33.66
N MET F 78 -0.04 28.01 -34.28
CA MET F 78 -0.18 27.49 -35.63
C MET F 78 0.59 28.34 -36.64
N ASN F 79 0.55 29.66 -36.49
CA ASN F 79 1.11 30.55 -37.51
C ASN F 79 2.61 30.76 -37.38
N GLN F 80 3.27 30.20 -36.36
CA GLN F 80 4.69 30.40 -36.20
C GLN F 80 5.50 29.14 -35.97
N LEU F 81 4.86 27.97 -35.88
CA LEU F 81 5.55 26.69 -35.82
C LEU F 81 5.38 25.93 -37.13
N SER F 82 6.30 25.01 -37.39
CA SER F 82 6.17 24.13 -38.54
C SER F 82 5.04 23.13 -38.32
N CYS F 83 4.46 22.67 -39.43
CA CYS F 83 3.37 21.70 -39.36
C CYS F 83 3.85 20.39 -38.74
N ASP F 84 5.13 20.05 -38.90
CA ASP F 84 5.65 18.79 -38.38
C ASP F 84 5.77 18.83 -36.86
N LEU F 85 6.17 19.99 -36.30
CA LEU F 85 6.33 20.08 -34.86
C LEU F 85 4.98 20.03 -34.14
N ILE F 86 3.93 20.56 -34.77
CA ILE F 86 2.59 20.51 -34.18
C ILE F 86 2.17 19.07 -33.98
N GLY F 87 2.38 18.22 -34.98
CA GLY F 87 2.05 16.81 -34.85
C GLY F 87 2.84 16.12 -33.77
N GLN F 88 4.13 16.44 -33.66
CA GLN F 88 4.96 15.84 -32.61
C GLN F 88 4.49 16.26 -31.23
N LYS F 89 4.06 17.51 -31.08
CA LYS F 89 3.60 17.99 -29.77
C LYS F 89 2.26 17.38 -29.40
N LEU F 90 1.32 17.28 -30.35
CA LEU F 90 0.07 16.61 -30.07
C LEU F 90 0.27 15.12 -29.85
N GLY F 91 1.10 14.48 -30.67
CA GLY F 91 1.34 13.06 -30.52
C GLY F 91 1.90 12.70 -29.16
N LEU F 92 2.71 13.59 -28.58
CA LEU F 92 3.23 13.35 -27.23
C LEU F 92 2.09 13.31 -26.21
N LYS F 93 1.11 14.21 -26.32
CA LYS F 93 0.02 14.26 -25.36
C LYS F 93 -0.95 13.09 -25.56
N LEU F 94 -1.23 12.74 -26.82
CA LEU F 94 -2.16 11.66 -27.09
C LEU F 94 -1.66 10.33 -26.51
N LEU F 95 -0.36 10.06 -26.68
CA LEU F 95 0.20 8.83 -26.13
C LEU F 95 0.15 8.82 -24.60
N ARG F 96 0.44 9.96 -23.97
CA ARG F 96 0.31 10.04 -22.52
C ARG F 96 -1.13 9.87 -22.08
N TYR F 97 -2.08 10.44 -22.83
CA TYR F 97 -3.49 10.24 -22.50
C TYR F 97 -3.90 8.77 -22.63
N TYR F 98 -3.38 8.08 -23.65
CA TYR F 98 -3.74 6.69 -23.86
C TYR F 98 -3.29 5.83 -22.68
N THR F 99 -2.10 6.10 -22.14
CA THR F 99 -1.60 5.32 -21.00
C THR F 99 -2.55 5.43 -19.81
N GLU F 100 -3.12 6.61 -19.58
CA GLU F 100 -4.11 6.75 -18.51
C GLU F 100 -5.38 5.97 -18.83
N ILE F 101 -5.85 6.04 -20.07
CA ILE F 101 -7.04 5.28 -20.45
C ILE F 101 -6.78 3.79 -20.32
N LEU F 102 -5.60 3.34 -20.76
CA LEU F 102 -5.22 1.94 -20.56
C LEU F 102 -5.16 1.59 -19.08
N SER F 103 -4.60 2.48 -18.27
CA SER F 103 -4.49 2.21 -16.84
C SER F 103 -5.85 2.13 -16.16
N LEU F 104 -6.81 2.93 -16.63
CA LEU F 104 -8.12 3.01 -16.01
C LEU F 104 -9.10 1.97 -16.55
N PHE F 105 -9.11 1.76 -17.86
CA PHE F 105 -10.12 0.92 -18.50
C PHE F 105 -9.54 -0.37 -19.08
N GLY F 106 -8.27 -0.67 -18.85
CA GLY F 106 -7.63 -1.81 -19.44
C GLY F 106 -7.95 -3.10 -18.71
N PRO F 107 -7.17 -4.15 -18.99
CA PRO F 107 -7.44 -5.46 -18.35
C PRO F 107 -7.27 -5.45 -16.85
N SER F 108 -6.58 -4.46 -16.27
CA SER F 108 -6.52 -4.36 -14.82
C SER F 108 -7.90 -4.07 -14.23
N LEU F 109 -8.76 -3.39 -14.97
CA LEU F 109 -10.14 -3.13 -14.54
C LEU F 109 -10.91 -4.45 -14.65
N ARG F 110 -11.06 -5.13 -13.52
CA ARG F 110 -11.76 -6.39 -13.45
C ARG F 110 -13.25 -6.14 -13.24
N ASP F 111 -14.09 -6.90 -13.96
CA ASP F 111 -15.55 -6.81 -13.88
C ASP F 111 -16.04 -5.41 -14.22
N PRO F 112 -15.99 -5.00 -15.48
CA PRO F 112 -16.42 -3.64 -15.84
C PRO F 112 -17.87 -3.33 -15.50
N ILE F 113 -18.76 -4.34 -15.51
CA ILE F 113 -20.18 -4.09 -15.29
C ILE F 113 -20.41 -3.59 -13.87
N SER F 114 -19.82 -4.24 -12.88
CA SER F 114 -20.07 -3.93 -11.48
C SER F 114 -18.97 -3.07 -10.86
N ALA F 115 -18.06 -2.54 -11.68
CA ALA F 115 -16.97 -1.72 -11.17
C ALA F 115 -17.41 -0.28 -10.96
N GLU F 116 -17.04 0.28 -9.81
CA GLU F 116 -17.32 1.67 -9.46
C GLU F 116 -16.00 2.41 -9.39
N ILE F 117 -15.89 3.52 -10.12
CA ILE F 117 -14.65 4.27 -10.24
C ILE F 117 -14.86 5.65 -9.62
N SER F 118 -14.00 5.99 -8.66
CA SER F 118 -14.10 7.28 -7.98
C SER F 118 -13.77 8.42 -8.94
N ILE F 119 -14.32 9.59 -8.65
CA ILE F 119 -14.11 10.76 -9.50
C ILE F 119 -12.64 11.19 -9.50
N GLN F 120 -11.94 10.98 -8.39
CA GLN F 120 -10.54 11.37 -8.31
C GLN F 120 -9.67 10.50 -9.21
N ALA F 121 -9.98 9.20 -9.28
CA ALA F 121 -9.25 8.32 -10.20
C ALA F 121 -9.49 8.68 -11.66
N LEU F 122 -10.56 9.42 -11.95
CA LEU F 122 -10.87 9.89 -13.29
C LEU F 122 -10.19 11.21 -13.63
N SER F 123 -9.36 11.74 -12.72
CA SER F 123 -8.86 13.11 -12.86
C SER F 123 -8.09 13.30 -14.16
N TYR F 124 -7.14 12.42 -14.45
CA TYR F 124 -6.33 12.61 -15.65
C TYR F 124 -7.17 12.47 -16.91
N ALA F 125 -8.08 11.48 -16.93
CA ALA F 125 -8.96 11.29 -18.07
C ALA F 125 -9.88 12.49 -18.30
N LEU F 126 -10.17 13.26 -17.27
CA LEU F 126 -11.02 14.44 -17.38
C LEU F 126 -10.23 15.71 -17.68
N GLY F 127 -8.92 15.61 -17.90
CA GLY F 127 -8.11 16.75 -18.25
C GLY F 127 -7.10 17.17 -17.20
N GLY F 128 -6.98 16.45 -16.10
CA GLY F 128 -6.01 16.74 -15.05
C GLY F 128 -6.59 17.29 -13.77
N ASP F 129 -7.78 17.90 -13.83
CA ASP F 129 -8.41 18.46 -12.64
C ASP F 129 -9.91 18.19 -12.69
N ILE F 130 -10.53 18.12 -11.50
CA ILE F 130 -11.93 17.77 -11.39
C ILE F 130 -12.80 18.88 -10.82
N ASN F 131 -12.21 20.01 -10.41
CA ASN F 131 -13.00 21.06 -9.77
C ASN F 131 -14.03 21.65 -10.73
N LYS F 132 -13.65 21.85 -11.99
CA LYS F 132 -14.59 22.38 -12.97
C LYS F 132 -15.70 21.39 -13.28
N VAL F 133 -15.39 20.09 -13.26
CA VAL F 133 -16.40 19.08 -13.55
C VAL F 133 -17.45 19.03 -12.44
N LEU F 134 -17.01 19.05 -11.18
CA LEU F 134 -17.94 19.07 -10.06
C LEU F 134 -18.83 20.29 -10.11
N GLU F 135 -18.26 21.45 -10.47
CA GLU F 135 -19.05 22.66 -10.57
C GLU F 135 -20.11 22.56 -11.66
N LYS F 136 -19.71 22.10 -12.85
CA LYS F 136 -20.68 21.98 -13.95
C LYS F 136 -21.70 20.88 -13.71
N LEU F 137 -21.35 19.90 -12.88
CA LEU F 137 -22.32 18.87 -12.49
C LEU F 137 -23.30 19.36 -11.43
N GLY F 138 -23.08 20.55 -10.88
CA GLY F 138 -23.92 21.06 -9.82
C GLY F 138 -23.59 20.52 -8.45
N TYR F 139 -22.51 19.76 -8.30
CA TYR F 139 -22.18 19.12 -7.03
C TYR F 139 -21.49 20.13 -6.13
N SER F 140 -22.23 20.64 -5.14
CA SER F 140 -21.69 21.63 -4.20
C SER F 140 -22.55 21.60 -2.95
N GLY F 141 -22.02 22.20 -1.89
CA GLY F 141 -22.73 22.29 -0.64
C GLY F 141 -21.76 22.27 0.53
N GLY F 142 -22.32 22.07 1.72
CA GLY F 142 -21.52 22.04 2.93
C GLY F 142 -20.89 20.70 3.23
N ASP F 143 -21.35 19.63 2.57
CA ASP F 143 -20.83 18.29 2.77
C ASP F 143 -19.90 17.84 1.66
N LEU F 144 -19.47 18.76 0.79
CA LEU F 144 -18.67 18.38 -0.36
C LEU F 144 -17.31 17.82 0.07
N LEU F 145 -16.64 18.48 1.01
CA LEU F 145 -15.33 18.03 1.44
C LEU F 145 -15.37 16.65 2.08
N GLY F 146 -16.34 16.43 2.98
CA GLY F 146 -16.45 15.13 3.61
C GLY F 146 -16.76 14.02 2.61
N ILE F 147 -17.62 14.30 1.65
CA ILE F 147 -17.97 13.31 0.63
C ILE F 147 -16.79 13.07 -0.30
N LEU F 148 -16.10 14.13 -0.72
CA LEU F 148 -15.04 13.99 -1.70
C LEU F 148 -13.80 13.32 -1.12
N GLU F 149 -13.44 13.66 0.12
CA GLU F 149 -12.23 13.09 0.71
C GLU F 149 -12.42 11.62 1.05
N SER F 150 -13.65 11.18 1.27
CA SER F 150 -13.95 9.79 1.53
C SER F 150 -14.22 9.00 0.26
N ARG F 151 -14.04 9.63 -0.90
CA ARG F 151 -14.21 8.99 -2.21
C ARG F 151 -15.66 8.55 -2.42
N GLY F 152 -16.59 9.46 -2.14
CA GLY F 152 -18.01 9.17 -2.18
C GLY F 152 -18.71 9.40 -3.50
N ILE F 153 -18.03 9.93 -4.50
CA ILE F 153 -18.63 10.20 -5.80
C ILE F 153 -18.11 9.16 -6.78
N LYS F 154 -18.96 8.19 -7.11
CA LYS F 154 -18.59 7.06 -7.93
C LYS F 154 -19.21 7.14 -9.32
N ALA F 155 -18.44 6.75 -10.33
CA ALA F 155 -18.89 6.69 -11.70
C ALA F 155 -19.01 5.22 -12.11
N ARG F 156 -19.88 4.96 -13.07
CA ARG F 156 -20.14 3.62 -13.56
C ARG F 156 -20.30 3.66 -15.07
N ILE F 157 -19.70 2.70 -15.76
CA ILE F 157 -19.73 2.68 -17.21
C ILE F 157 -21.08 2.15 -17.68
N THR F 158 -21.72 2.88 -18.59
CA THR F 158 -23.01 2.48 -19.14
C THR F 158 -22.99 2.24 -20.64
N HIS F 159 -22.16 2.94 -21.39
CA HIS F 159 -22.10 2.76 -22.84
C HIS F 159 -20.67 2.99 -23.31
N VAL F 160 -20.21 2.16 -24.23
CA VAL F 160 -18.90 2.29 -24.85
C VAL F 160 -19.10 2.30 -26.36
N ASP F 161 -18.69 3.38 -27.01
CA ASP F 161 -18.89 3.57 -28.44
C ASP F 161 -17.56 3.40 -29.16
N THR F 162 -17.40 2.28 -29.86
CA THR F 162 -16.18 2.03 -30.62
C THR F 162 -16.15 2.83 -31.93
N GLU F 163 -17.31 3.12 -32.51
CA GLU F 163 -17.36 3.79 -33.81
C GLU F 163 -16.97 5.26 -33.70
N SER F 164 -17.44 5.95 -32.67
CA SER F 164 -17.17 7.37 -32.49
C SER F 164 -16.28 7.66 -31.29
N TYR F 165 -15.79 6.63 -30.60
CA TYR F 165 -14.75 6.76 -29.59
C TYR F 165 -15.19 7.67 -28.43
N PHE F 166 -16.18 7.17 -27.68
CA PHE F 166 -16.55 7.83 -26.43
C PHE F 166 -17.09 6.81 -25.44
N ILE F 167 -16.97 7.16 -24.16
CA ILE F 167 -17.47 6.34 -23.06
C ILE F 167 -18.49 7.15 -22.28
N VAL F 168 -19.66 6.56 -22.04
CA VAL F 168 -20.70 7.16 -21.23
C VAL F 168 -20.56 6.63 -19.81
N LEU F 169 -20.56 7.54 -18.84
CA LEU F 169 -20.46 7.19 -17.44
C LEU F 169 -21.72 7.66 -16.72
N SER F 170 -22.08 6.95 -15.66
CA SER F 170 -23.17 7.34 -14.78
C SER F 170 -22.59 7.74 -13.43
N ILE F 171 -22.79 9.00 -13.05
CA ILE F 171 -22.20 9.56 -11.84
C ILE F 171 -23.33 10.03 -10.92
N ALA F 172 -23.14 9.84 -9.62
CA ALA F 172 -24.14 10.20 -8.62
C ALA F 172 -23.50 10.93 -7.45
N TYR F 173 -24.20 11.96 -6.96
CA TYR F 173 -23.75 12.74 -5.82
C TYR F 173 -24.49 12.27 -4.58
N PRO F 174 -23.82 11.64 -3.62
CA PRO F 174 -24.54 10.92 -2.55
C PRO F 174 -25.17 11.86 -1.55
N THR F 175 -26.07 11.30 -0.75
CA THR F 175 -26.72 11.98 0.35
C THR F 175 -26.30 11.34 1.67
N LEU F 176 -25.98 12.17 2.65
CA LEU F 176 -25.49 11.71 3.94
C LEU F 176 -26.66 11.46 4.88
N SER F 177 -26.64 10.30 5.54
CA SER F 177 -27.68 9.96 6.51
C SER F 177 -27.03 9.41 7.77
N GLU F 178 -27.52 9.87 8.92
CA GLU F 178 -26.98 9.45 10.22
C GLU F 178 -27.62 8.15 10.67
N ILE F 179 -26.82 7.22 11.16
CA ILE F 179 -27.33 6.00 11.76
C ILE F 179 -27.65 6.27 13.23
N LYS F 180 -28.91 6.05 13.60
CA LYS F 180 -29.38 6.42 14.92
C LYS F 180 -28.83 5.46 15.97
N GLY F 181 -28.28 6.01 17.05
CA GLY F 181 -27.80 5.22 18.14
C GLY F 181 -26.41 4.64 17.97
N VAL F 182 -25.65 5.09 16.98
CA VAL F 182 -24.31 4.59 16.73
C VAL F 182 -23.30 5.68 17.06
N ILE F 183 -22.38 5.38 17.97
CA ILE F 183 -21.33 6.30 18.37
C ILE F 183 -19.98 5.66 18.07
N VAL F 184 -19.11 6.39 17.40
CA VAL F 184 -17.74 5.94 17.12
C VAL F 184 -16.83 6.54 18.17
N HIS F 185 -16.19 5.69 18.96
CA HIS F 185 -15.27 6.12 20.01
C HIS F 185 -13.83 5.97 19.56
N ARG F 186 -13.03 7.01 19.78
CA ARG F 186 -11.60 6.92 19.58
C ARG F 186 -10.92 6.58 20.89
N LEU F 187 -10.06 5.55 20.86
CA LEU F 187 -9.34 5.08 22.03
C LEU F 187 -7.87 5.46 21.93
N GLU F 188 -7.25 5.71 23.09
CA GLU F 188 -5.82 5.90 23.21
C GLU F 188 -5.32 5.20 24.46
N GLY F 189 -4.03 4.87 24.46
CA GLY F 189 -3.47 4.09 25.54
C GLY F 189 -2.27 4.77 26.17
N VAL F 190 -1.92 4.28 27.35
CA VAL F 190 -0.73 4.69 28.08
C VAL F 190 -0.05 3.44 28.64
N SER F 191 1.27 3.41 28.54
CA SER F 191 2.03 2.29 29.08
C SER F 191 2.05 2.32 30.60
N TYR F 192 2.37 1.17 31.19
CA TYR F 192 2.49 1.03 32.63
C TYR F 192 3.66 0.09 32.91
N ASN F 193 4.19 0.16 34.13
CA ASN F 193 5.31 -0.66 34.54
C ASN F 193 4.88 -1.73 35.53
N ILE F 194 5.37 -2.94 35.32
CA ILE F 194 5.34 -4.00 36.31
C ILE F 194 6.78 -4.30 36.64
N GLY F 195 7.24 -3.83 37.79
CA GLY F 195 8.67 -3.85 38.06
C GLY F 195 9.39 -2.96 37.08
N SER F 196 10.34 -3.53 36.35
CA SER F 196 11.10 -2.79 35.35
C SER F 196 10.59 -3.01 33.93
N GLN F 197 9.53 -3.78 33.74
CA GLN F 197 8.99 -4.04 32.42
C GLN F 197 7.86 -3.07 32.10
N GLU F 198 7.92 -2.48 30.90
CA GLU F 198 6.94 -1.52 30.44
C GLU F 198 5.97 -2.23 29.50
N TRP F 199 4.67 -2.16 29.80
CA TRP F 199 3.65 -2.87 29.06
C TRP F 199 2.64 -1.91 28.45
N TYR F 200 1.89 -2.43 27.48
CA TYR F 200 0.89 -1.66 26.74
C TYR F 200 -0.29 -2.55 26.43
N THR F 201 -1.50 -2.06 26.72
CA THR F 201 -2.72 -2.83 26.46
C THR F 201 -3.08 -2.73 24.98
N THR F 202 -3.42 -3.87 24.38
CA THR F 202 -3.74 -3.96 22.96
C THR F 202 -5.26 -3.81 22.77
N VAL F 203 -5.69 -2.65 22.30
CA VAL F 203 -7.10 -2.38 22.02
C VAL F 203 -7.21 -1.73 20.65
N PRO F 204 -8.37 -1.84 20.01
CA PRO F 204 -8.56 -1.20 18.70
C PRO F 204 -8.46 0.32 18.78
N LYS F 205 -8.01 0.92 17.68
CA LYS F 205 -7.97 2.37 17.61
C LYS F 205 -9.37 2.98 17.64
N TYR F 206 -10.32 2.38 16.91
CA TYR F 206 -11.69 2.87 16.86
C TYR F 206 -12.63 1.73 17.20
N VAL F 207 -13.67 2.05 17.97
CA VAL F 207 -14.75 1.13 18.26
C VAL F 207 -16.07 1.87 18.10
N ALA F 208 -17.12 1.11 17.84
CA ALA F 208 -18.46 1.66 17.68
C ALA F 208 -19.42 0.96 18.62
N THR F 209 -20.39 1.71 19.12
CA THR F 209 -21.40 1.18 20.02
C THR F 209 -22.79 1.50 19.51
N GLN F 210 -23.74 0.60 19.80
CA GLN F 210 -25.14 0.83 19.49
C GLN F 210 -25.95 0.13 20.58
N GLY F 211 -26.34 0.88 21.60
CA GLY F 211 -26.93 0.29 22.79
C GLY F 211 -25.94 -0.62 23.49
N TYR F 212 -26.34 -1.87 23.72
CA TYR F 212 -25.47 -2.87 24.32
C TYR F 212 -24.36 -3.34 23.39
N LEU F 213 -24.54 -3.21 22.08
CA LEU F 213 -23.67 -3.86 21.11
C LEU F 213 -22.40 -3.05 20.87
N ILE F 214 -21.26 -3.74 20.84
CA ILE F 214 -19.97 -3.14 20.52
C ILE F 214 -19.39 -3.87 19.32
N SER F 215 -18.88 -3.10 18.36
CA SER F 215 -18.37 -3.67 17.13
C SER F 215 -17.08 -2.96 16.72
N ASN F 216 -16.35 -3.59 15.82
CA ASN F 216 -15.17 -2.99 15.23
C ASN F 216 -15.56 -1.88 14.26
N PHE F 217 -14.60 -1.03 13.94
CA PHE F 217 -14.83 0.09 13.04
C PHE F 217 -13.66 0.23 12.09
N ASP F 218 -13.96 0.31 10.80
CA ASP F 218 -12.95 0.42 9.75
C ASP F 218 -12.91 1.87 9.27
N GLU F 219 -11.80 2.55 9.51
CA GLU F 219 -11.69 3.97 9.23
C GLU F 219 -11.13 4.26 7.85
N SER F 220 -10.85 3.21 7.06
CA SER F 220 -10.16 3.41 5.78
C SER F 220 -10.98 4.26 4.81
N SER F 221 -12.29 4.03 4.77
CA SER F 221 -13.17 4.75 3.84
C SER F 221 -13.84 5.96 4.48
N CYS F 222 -13.52 6.27 5.73
CA CYS F 222 -14.18 7.32 6.49
C CYS F 222 -13.33 8.59 6.51
N THR F 223 -14.01 9.72 6.72
CA THR F 223 -13.37 11.00 6.95
C THR F 223 -13.98 11.61 8.21
N PHE F 224 -13.13 11.99 9.17
CA PHE F 224 -13.60 12.49 10.46
C PHE F 224 -13.81 14.00 10.36
N MET F 225 -15.01 14.39 10.00
CA MET F 225 -15.40 15.78 9.95
C MET F 225 -15.83 16.27 11.33
N PRO F 226 -15.72 17.57 11.59
CA PRO F 226 -16.09 18.09 12.92
C PRO F 226 -17.54 17.82 13.30
N GLU F 227 -18.42 17.64 12.32
CA GLU F 227 -19.83 17.37 12.57
C GLU F 227 -20.16 15.89 12.50
N GLY F 228 -19.16 15.02 12.46
CA GLY F 228 -19.38 13.59 12.44
C GLY F 228 -18.56 12.89 11.38
N THR F 229 -18.28 11.60 11.58
CA THR F 229 -17.48 10.85 10.62
C THR F 229 -18.34 10.49 9.41
N VAL F 230 -17.76 10.64 8.23
CA VAL F 230 -18.45 10.40 6.96
C VAL F 230 -17.75 9.24 6.26
N CYS F 231 -18.48 8.14 6.07
CA CYS F 231 -17.92 6.93 5.48
C CYS F 231 -18.63 6.60 4.18
N SER F 232 -17.85 6.29 3.15
CA SER F 232 -18.40 5.95 1.83
C SER F 232 -18.66 4.45 1.67
N GLN F 233 -18.30 3.64 2.66
CA GLN F 233 -18.61 2.22 2.66
C GLN F 233 -19.22 1.86 4.00
N ASN F 234 -19.41 0.56 4.24
CA ASN F 234 -19.81 0.08 5.55
C ASN F 234 -18.57 -0.01 6.43
N ALA F 235 -18.50 0.83 7.46
CA ALA F 235 -17.36 0.83 8.36
C ALA F 235 -17.54 -0.10 9.56
N LEU F 236 -18.75 -0.60 9.79
CA LEU F 236 -19.01 -1.43 10.94
C LEU F 236 -18.81 -2.89 10.58
N TYR F 237 -18.10 -3.62 11.43
CA TYR F 237 -17.90 -5.04 11.22
C TYR F 237 -17.68 -5.71 12.56
N PRO F 238 -18.02 -7.00 12.68
CA PRO F 238 -18.11 -7.63 14.00
C PRO F 238 -16.79 -7.67 14.76
N MET F 239 -16.92 -7.68 16.10
CA MET F 239 -15.80 -7.81 17.02
C MET F 239 -15.92 -9.15 17.73
N SER F 240 -14.77 -9.80 17.96
CA SER F 240 -14.79 -11.11 18.58
C SER F 240 -15.38 -11.02 19.99
N PRO F 241 -16.08 -12.06 20.44
CA PRO F 241 -16.70 -12.01 21.77
C PRO F 241 -15.71 -11.75 22.90
N LEU F 242 -14.49 -12.29 22.80
CA LEU F 242 -13.51 -12.09 23.86
C LEU F 242 -13.01 -10.65 23.90
N LEU F 243 -12.85 -10.01 22.74
CA LEU F 243 -12.47 -8.61 22.72
C LEU F 243 -13.60 -7.71 23.22
N GLN F 244 -14.85 -8.15 23.05
CA GLN F 244 -15.98 -7.39 23.60
C GLN F 244 -15.98 -7.44 25.12
N GLU F 245 -15.62 -8.60 25.70
CA GLU F 245 -15.54 -8.71 27.15
C GLU F 245 -14.47 -7.80 27.72
N CYS F 246 -13.36 -7.63 26.99
CA CYS F 246 -12.35 -6.64 27.35
C CYS F 246 -12.95 -5.24 27.50
N LEU F 247 -13.68 -4.79 26.48
CA LEU F 247 -14.21 -3.43 26.49
C LEU F 247 -15.35 -3.26 27.48
N ARG F 248 -15.98 -4.35 27.90
CA ARG F 248 -17.07 -4.30 28.87
C ARG F 248 -16.59 -4.34 30.31
N GLY F 249 -15.28 -4.31 30.53
CA GLY F 249 -14.73 -4.22 31.88
C GLY F 249 -13.91 -5.41 32.33
N SER F 250 -13.77 -6.46 31.55
CA SER F 250 -12.93 -7.60 31.93
C SER F 250 -11.49 -7.29 31.52
N THR F 251 -10.65 -6.96 32.50
CA THR F 251 -9.25 -6.65 32.21
C THR F 251 -8.44 -7.91 31.92
N LYS F 252 -8.84 -9.05 32.47
CA LYS F 252 -8.15 -10.30 32.17
C LYS F 252 -8.36 -10.75 30.73
N SER F 253 -9.41 -10.27 30.07
CA SER F 253 -9.66 -10.59 28.67
C SER F 253 -8.84 -9.73 27.71
N CYS F 254 -8.27 -8.62 28.19
CA CYS F 254 -7.48 -7.74 27.36
C CYS F 254 -6.03 -8.23 27.28
N ALA F 255 -5.50 -8.26 26.07
CA ALA F 255 -4.11 -8.64 25.86
C ALA F 255 -3.19 -7.44 26.05
N ARG F 256 -1.94 -7.74 26.36
CA ARG F 256 -0.91 -6.73 26.60
C ARG F 256 0.36 -7.13 25.87
N THR F 257 1.17 -6.13 25.50
CA THR F 257 2.39 -6.40 24.77
C THR F 257 3.50 -5.49 25.30
N LEU F 258 4.73 -6.01 25.24
CA LEU F 258 5.90 -5.20 25.58
C LEU F 258 6.14 -4.17 24.49
N VAL F 259 6.77 -3.07 24.88
CA VAL F 259 7.02 -1.96 23.97
C VAL F 259 8.53 -1.75 23.87
N SER F 260 8.92 -0.98 22.86
CA SER F 260 10.33 -0.63 22.66
C SER F 260 10.81 0.30 23.77
N GLY F 261 12.12 0.53 23.79
CA GLY F 261 12.72 1.38 24.80
C GLY F 261 12.45 2.86 24.63
N SER F 262 11.92 3.28 23.49
CA SER F 262 11.61 4.69 23.22
C SER F 262 10.11 4.88 22.99
N PHE F 263 9.28 4.27 23.82
CA PHE F 263 7.84 4.43 23.70
C PHE F 263 7.45 5.88 23.97
N GLY F 264 6.54 6.40 23.14
CA GLY F 264 6.15 7.81 23.24
C GLY F 264 4.71 8.04 23.65
N ASN F 265 4.14 7.13 24.42
CA ASN F 265 2.77 7.25 24.93
C ASN F 265 2.75 6.95 26.43
N ARG F 266 3.62 7.62 27.17
CA ARG F 266 3.82 7.35 28.59
C ARG F 266 2.99 8.26 29.50
N PHE F 267 2.26 9.22 28.94
CA PHE F 267 1.34 10.05 29.71
C PHE F 267 0.23 10.54 28.79
N ILE F 268 -0.91 10.88 29.39
CA ILE F 268 -2.06 11.41 28.65
C ILE F 268 -2.84 12.32 29.58
N LEU F 269 -3.50 13.31 29.00
CA LEU F 269 -4.41 14.20 29.72
C LEU F 269 -5.85 13.77 29.44
N SER F 270 -6.60 13.51 30.49
CA SER F 270 -7.95 12.96 30.35
C SER F 270 -8.84 13.50 31.47
N GLN F 271 -9.91 14.20 31.09
CA GLN F 271 -10.82 14.86 32.03
C GLN F 271 -10.08 15.83 32.94
N GLY F 272 -9.14 16.58 32.38
CA GLY F 272 -8.35 17.52 33.15
C GLY F 272 -7.37 16.90 34.10
N ASN F 273 -7.19 15.58 34.05
CA ASN F 273 -6.28 14.85 34.91
C ASN F 273 -5.17 14.23 34.07
N LEU F 274 -4.02 14.02 34.68
CA LEU F 274 -2.87 13.46 33.99
C LEU F 274 -2.67 12.02 34.44
N ILE F 275 -2.70 11.09 33.49
CA ILE F 275 -2.42 9.69 33.74
C ILE F 275 -1.04 9.41 33.14
N ALA F 276 -0.07 9.10 34.01
CA ALA F 276 1.31 8.98 33.59
C ALA F 276 1.94 7.73 34.19
N ASN F 277 2.85 7.13 33.43
CA ASN F 277 3.69 6.05 33.92
C ASN F 277 4.93 6.69 34.55
N CYS F 278 4.79 7.16 35.78
CA CYS F 278 5.84 7.89 36.46
C CYS F 278 7.03 7.03 36.83
N ALA F 279 6.93 5.72 36.70
CA ALA F 279 8.07 4.83 36.83
C ALA F 279 8.87 4.72 35.54
N SER F 280 8.39 5.32 34.45
CA SER F 280 9.07 5.32 33.17
C SER F 280 9.40 6.72 32.65
N ILE F 281 8.77 7.76 33.20
CA ILE F 281 9.11 9.15 32.89
C ILE F 281 9.27 9.89 34.22
N LEU F 282 9.87 11.07 34.13
CA LEU F 282 10.16 11.89 35.30
C LEU F 282 8.95 12.75 35.65
N CYS F 283 8.33 12.49 36.79
CA CYS F 283 7.17 13.24 37.26
C CYS F 283 7.58 14.10 38.44
N LYS F 284 7.40 15.41 38.32
CA LYS F 284 7.75 16.34 39.37
C LYS F 284 6.60 17.31 39.59
N CYS F 285 6.28 17.57 40.86
CA CYS F 285 5.26 18.55 41.21
C CYS F 285 5.86 19.94 41.15
N TYR F 286 5.39 20.76 40.21
CA TYR F 286 6.01 22.05 39.95
C TYR F 286 5.90 22.99 41.14
N THR F 287 4.73 23.04 41.77
CA THR F 287 4.50 24.02 42.83
C THR F 287 5.40 23.77 44.03
N THR F 288 5.52 22.52 44.46
CA THR F 288 6.33 22.18 45.63
C THR F 288 7.75 21.76 45.28
N GLY F 289 8.01 21.36 44.04
CA GLY F 289 9.34 20.97 43.62
C GLY F 289 9.72 19.55 43.92
N THR F 290 8.86 18.76 44.55
CA THR F 290 9.17 17.38 44.87
C THR F 290 8.82 16.46 43.71
N ILE F 291 9.63 15.41 43.55
CA ILE F 291 9.43 14.43 42.50
C ILE F 291 8.32 13.48 42.91
N ILE F 292 7.41 13.19 41.99
CA ILE F 292 6.32 12.25 42.22
C ILE F 292 6.83 10.85 41.90
N ASN F 293 6.97 10.02 42.92
CA ASN F 293 7.47 8.66 42.77
C ASN F 293 6.31 7.68 42.60
N GLN F 294 6.48 6.72 41.70
CA GLN F 294 5.48 5.68 41.48
C GLN F 294 5.85 4.45 42.29
N ASP F 295 4.94 4.04 43.16
CA ASP F 295 5.19 2.90 44.03
C ASP F 295 5.37 1.64 43.19
N PRO F 296 6.32 0.76 43.53
CA PRO F 296 6.51 -0.48 42.76
C PRO F 296 5.29 -1.38 42.77
N ASP F 297 4.43 -1.30 43.78
CA ASP F 297 3.21 -2.09 43.81
C ASP F 297 2.08 -1.46 43.01
N LYS F 298 2.29 -0.28 42.45
CA LYS F 298 1.35 0.36 41.55
C LYS F 298 1.89 0.32 40.14
N ILE F 299 1.00 0.43 39.16
CA ILE F 299 1.41 0.42 37.76
C ILE F 299 1.22 1.77 37.08
N LEU F 300 0.36 2.64 37.61
CA LEU F 300 0.10 3.93 36.98
C LEU F 300 -0.07 4.99 38.06
N THR F 301 -0.02 6.25 37.64
CA THR F 301 -0.21 7.39 38.52
C THR F 301 -1.30 8.29 37.94
N TYR F 302 -2.25 8.67 38.78
CA TYR F 302 -3.40 9.49 38.40
C TYR F 302 -3.28 10.82 39.13
N ILE F 303 -2.82 11.85 38.43
CA ILE F 303 -2.46 13.13 39.05
C ILE F 303 -3.60 14.11 38.86
N ALA F 304 -4.06 14.70 39.96
CA ALA F 304 -5.09 15.72 39.96
C ALA F 304 -4.66 16.87 40.87
N ALA F 305 -5.44 17.94 40.86
CA ALA F 305 -5.07 19.16 41.59
C ALA F 305 -5.11 18.98 43.10
N ASP F 306 -5.87 18.00 43.60
CA ASP F 306 -5.93 17.80 45.05
C ASP F 306 -4.59 17.40 45.63
N HIS F 307 -3.66 16.93 44.80
CA HIS F 307 -2.32 16.56 45.25
C HIS F 307 -1.22 17.36 44.58
N CYS F 308 -1.44 17.84 43.36
CA CYS F 308 -0.44 18.60 42.61
C CYS F 308 -1.16 19.47 41.59
N PRO F 309 -1.41 20.74 41.92
CA PRO F 309 -2.11 21.62 40.96
C PRO F 309 -1.37 21.84 39.66
N VAL F 310 -0.04 21.86 39.67
CA VAL F 310 0.76 22.09 38.48
C VAL F 310 1.90 21.09 38.47
N VAL F 311 2.05 20.37 37.35
CA VAL F 311 2.98 19.25 37.25
C VAL F 311 3.81 19.39 35.98
N GLU F 312 5.09 19.03 36.08
CA GLU F 312 5.97 18.90 34.93
C GLU F 312 6.19 17.43 34.65
N VAL F 313 6.13 17.04 33.37
CA VAL F 313 6.03 15.64 32.97
C VAL F 313 7.22 15.18 32.14
N ASN F 314 7.57 15.93 31.10
CA ASN F 314 8.77 15.64 30.30
C ASN F 314 9.45 16.94 29.89
N GLY F 315 9.60 17.86 30.83
CA GLY F 315 9.97 19.21 30.51
C GLY F 315 8.81 20.07 30.09
N VAL F 316 7.60 19.51 30.06
CA VAL F 316 6.38 20.25 29.78
C VAL F 316 5.62 20.42 31.08
N THR F 317 5.27 21.67 31.40
CA THR F 317 4.55 21.97 32.63
C THR F 317 3.05 21.98 32.33
N ILE F 318 2.29 21.27 33.15
CA ILE F 318 0.87 21.06 32.92
C ILE F 318 0.10 21.41 34.19
N GLN F 319 -0.96 22.20 34.04
CA GLN F 319 -1.85 22.51 35.14
C GLN F 319 -3.08 21.62 35.04
N VAL F 320 -3.43 20.94 36.15
CA VAL F 320 -4.47 19.94 36.13
C VAL F 320 -5.61 20.38 37.05
N GLY F 321 -6.81 19.87 36.75
CA GLY F 321 -8.01 20.22 37.47
C GLY F 321 -8.34 19.24 38.57
N SER F 322 -9.61 19.24 38.97
CA SER F 322 -10.06 18.45 40.10
C SER F 322 -10.02 16.96 39.79
N ARG F 323 -10.07 16.15 40.84
CA ARG F 323 -9.94 14.70 40.70
C ARG F 323 -11.15 14.10 40.02
N ARG F 324 -10.92 13.49 38.86
CA ARG F 324 -11.93 12.70 38.17
C ARG F 324 -11.55 11.23 38.10
N TYR F 325 -10.32 10.88 38.46
CA TYR F 325 -9.84 9.50 38.47
C TYR F 325 -9.35 9.21 39.88
N PRO F 326 -9.77 8.10 40.49
CA PRO F 326 -9.31 7.79 41.85
C PRO F 326 -7.82 7.55 41.89
N ASP F 327 -7.30 7.45 43.10
CA ASP F 327 -5.89 7.11 43.29
C ASP F 327 -5.61 5.72 42.76
N ALA F 328 -4.38 5.50 42.32
CA ALA F 328 -3.98 4.22 41.76
C ALA F 328 -4.18 3.10 42.78
N VAL F 329 -4.64 1.96 42.31
CA VAL F 329 -4.81 0.81 43.16
C VAL F 329 -3.61 -0.11 43.03
N TYR F 330 -3.48 -1.05 43.96
CA TYR F 330 -2.38 -1.98 43.94
C TYR F 330 -2.53 -2.97 42.79
N LEU F 331 -1.40 -3.54 42.39
CA LEU F 331 -1.40 -4.52 41.30
C LEU F 331 -2.19 -5.76 41.67
N HIS F 332 -2.25 -6.13 42.95
CA HIS F 332 -2.95 -7.33 43.36
C HIS F 332 -4.47 -7.18 43.26
N ARG F 333 -4.98 -5.96 43.07
CA ARG F 333 -6.40 -5.77 42.84
C ARG F 333 -6.76 -5.69 41.37
N ILE F 334 -5.77 -5.75 40.47
CA ILE F 334 -6.00 -5.69 39.03
C ILE F 334 -5.60 -7.04 38.43
N ASP F 335 -6.55 -7.67 37.74
CA ASP F 335 -6.30 -8.93 37.04
C ASP F 335 -5.87 -8.60 35.61
N LEU F 336 -4.60 -8.88 35.30
CA LEU F 336 -4.02 -8.52 34.01
C LEU F 336 -4.14 -9.66 33.01
N GLY F 337 -4.16 -9.32 31.74
CA GLY F 337 -4.35 -10.28 30.67
C GLY F 337 -3.05 -10.90 30.19
N PRO F 338 -3.14 -11.64 29.07
CA PRO F 338 -1.98 -12.43 28.62
C PRO F 338 -1.05 -11.60 27.74
N PRO F 339 0.26 -11.77 27.92
CA PRO F 339 1.21 -11.13 27.01
C PRO F 339 1.18 -11.75 25.63
N ILE F 340 1.26 -10.91 24.61
CA ILE F 340 1.17 -11.35 23.21
C ILE F 340 2.18 -10.58 22.37
N SER F 341 2.44 -11.11 21.18
CA SER F 341 3.22 -10.43 20.16
C SER F 341 2.37 -10.40 18.90
N LEU F 342 2.22 -9.22 18.31
CA LEU F 342 1.25 -9.03 17.23
C LEU F 342 1.83 -9.26 15.84
N GLY F 343 3.15 -9.42 15.72
CA GLY F 343 3.76 -9.55 14.41
C GLY F 343 3.39 -10.85 13.71
N ARG F 344 3.52 -10.82 12.39
CA ARG F 344 3.10 -11.95 11.56
C ARG F 344 3.93 -13.20 11.84
N LEU F 345 5.26 -13.05 11.86
CA LEU F 345 6.12 -14.20 12.09
C LEU F 345 6.06 -14.66 13.55
N ASP F 346 5.92 -13.72 14.48
CA ASP F 346 5.76 -14.09 15.89
C ASP F 346 4.48 -14.88 16.12
N VAL F 347 3.38 -14.44 15.49
CA VAL F 347 2.11 -15.17 15.62
C VAL F 347 2.27 -16.59 15.09
N GLY F 348 2.88 -16.73 13.91
CA GLY F 348 3.05 -18.05 13.32
C GLY F 348 3.90 -18.97 14.16
N THR F 349 5.01 -18.46 14.70
CA THR F 349 5.88 -19.26 15.55
C THR F 349 5.15 -19.72 16.81
N ASN F 350 4.38 -18.82 17.43
CA ASN F 350 3.67 -19.17 18.65
C ASN F 350 2.46 -20.06 18.37
N LEU F 351 1.73 -19.77 17.29
CA LEU F 351 0.59 -20.63 16.93
C LEU F 351 1.06 -22.03 16.58
N GLY F 352 2.16 -22.15 15.84
CA GLY F 352 2.69 -23.46 15.52
C GLY F 352 3.07 -24.24 16.77
N ASN F 353 3.63 -23.56 17.77
CA ASN F 353 3.95 -24.22 19.03
C ASN F 353 2.69 -24.70 19.74
N ALA F 354 1.63 -23.88 19.75
CA ALA F 354 0.40 -24.27 20.41
C ALA F 354 -0.29 -25.43 19.71
N ILE F 355 -0.31 -25.41 18.37
CA ILE F 355 -0.95 -26.47 17.62
C ILE F 355 -0.22 -27.80 17.84
N ALA F 356 1.10 -27.77 17.83
CA ALA F 356 1.88 -28.98 18.06
C ALA F 356 1.65 -29.53 19.46
N LYS F 357 1.48 -28.65 20.44
CA LYS F 357 1.18 -29.11 21.80
C LYS F 357 -0.19 -29.78 21.86
N LEU F 358 -1.18 -29.22 21.16
CA LEU F 358 -2.49 -29.85 21.11
C LEU F 358 -2.43 -31.20 20.38
N GLU F 359 -1.69 -31.27 19.28
CA GLU F 359 -1.57 -32.52 18.55
C GLU F 359 -0.96 -33.62 19.40
N ASP F 360 0.08 -33.28 20.18
CA ASP F 360 0.77 -34.30 20.96
C ASP F 360 -0.10 -34.84 22.08
N ALA F 361 -0.98 -34.02 22.64
CA ALA F 361 -1.87 -34.42 23.71
C ALA F 361 -3.26 -34.78 23.22
N LYS F 362 -3.41 -35.01 21.91
CA LYS F 362 -4.73 -35.28 21.33
C LYS F 362 -5.41 -36.49 21.98
N GLU F 363 -4.61 -37.49 22.37
CA GLU F 363 -5.19 -38.71 22.93
C GLU F 363 -5.93 -38.43 24.23
N LEU F 364 -5.34 -37.63 25.12
CA LEU F 364 -5.95 -37.41 26.43
C LEU F 364 -7.11 -36.43 26.35
N LEU F 365 -6.99 -35.39 25.53
CA LEU F 365 -8.11 -34.46 25.37
C LEU F 365 -9.33 -35.13 24.76
N GLU F 366 -9.13 -36.08 23.84
CA GLU F 366 -10.23 -36.84 23.26
C GLU F 366 -10.60 -38.04 24.11
N SER F 367 -10.28 -38.03 25.40
CA SER F 367 -10.72 -39.04 26.35
C SER F 367 -11.19 -38.39 27.65
N SER F 368 -11.74 -37.17 27.57
CA SER F 368 -12.03 -36.40 28.77
C SER F 368 -13.26 -36.94 29.50
N ASP F 369 -14.34 -37.24 28.77
CA ASP F 369 -15.59 -37.60 29.42
C ASP F 369 -15.44 -38.86 30.27
N GLN F 370 -14.66 -39.84 29.79
CA GLN F 370 -14.44 -41.05 30.56
C GLN F 370 -13.59 -40.78 31.80
N ILE F 371 -12.52 -39.99 31.64
CA ILE F 371 -11.58 -39.82 32.76
C ILE F 371 -12.20 -38.97 33.87
N LEU F 372 -13.07 -38.04 33.54
CA LEU F 372 -13.73 -37.23 34.56
C LEU F 372 -14.89 -37.96 35.22
N ARG F 373 -15.28 -39.13 34.69
CA ARG F 373 -16.34 -39.94 35.26
C ARG F 373 -15.81 -41.26 35.82
N SER F 374 -14.63 -41.23 36.44
CA SER F 374 -14.05 -42.43 37.04
C SER F 374 -14.46 -42.56 38.51
#